data_4TR9
#
_entry.id   4TR9
#
_cell.length_a   69.896
_cell.length_b   139.557
_cell.length_c   142.099
_cell.angle_alpha   90.00
_cell.angle_beta   90.00
_cell.angle_gamma   90.00
#
_symmetry.space_group_name_H-M   'P 21 21 21'
#
loop_
_entity.id
_entity.type
_entity.pdbx_description
1 polymer 'Fructose-bisphosphate aldolase'
2 polymer ALA-ALA-SER-LEU-TYR-GLU-LYS-LYS-ALA-ALA
3 polymer ALA-ALA-ALA-SER-LEU-TYR-GLU-LYS-LYS-ALA-ALA
4 polymer ASP-TRP-ASN
5 non-polymer "N'-[(E)-(2,4-dichlorophenyl)methylidene]-3,4-dihydroxybenzohydrazide"
6 water water
#
loop_
_entity_poly.entity_id
_entity_poly.type
_entity_poly.pdbx_seq_one_letter_code
_entity_poly.pdbx_strand_id
1 'polypeptide(L)'
;MAHCTEYMNAPKKLPADVAEELATTAQKLVQAGKGILAADESTQTIKKRFDNIKLENTIENRASYRDLLFGTKGLGKFIS
GAILFEETLFQKNEAGVPMVNLLHNENIIPGIKVDKGLVNIPCTDEEKSTQGLDGLAERCKEYYKAGARFAKWRTVLVID
TAKGKPTDLSIHETAWGLARYASICQQNRLVPIVEPEILADGPHSIEVCAVVTQKVLSCVFKALQENGVLLEGALLKPNM
VTAGYECTAKTTTQDVGFLTVRTLRRTVPPALPGVVFLSGGQSEEEASVNLNSINALGPHPWALTFSYGRALQASVLNTW
QGKKENVAKAREVLLQRAEANSLATYGKYKGGAGGENAGASLYEKKYVY
;
A,B,C,D
2 'polypeptide(L)' AASLYEKKAA E
3 'polypeptide(L)' AAASLYEKKAA G
4 'polypeptide(L)' DWN H,I,J,K
#
# COMPACT_ATOMS: atom_id res chain seq x y z
N GLU A 6 -23.96 5.08 5.85
CA GLU A 6 -22.86 4.20 6.22
C GLU A 6 -21.68 4.40 5.26
N TYR A 7 -20.47 4.28 5.80
CA TYR A 7 -19.26 4.61 5.05
C TYR A 7 -18.98 3.63 3.90
N MET A 8 -19.57 2.44 3.97
CA MET A 8 -19.47 1.44 2.91
C MET A 8 -18.03 0.97 2.63
N ASN A 9 -17.16 1.88 2.18
CA ASN A 9 -15.79 1.50 1.87
C ASN A 9 -14.96 1.25 3.11
N ALA A 10 -15.38 0.26 3.90
CA ALA A 10 -14.70 -0.13 5.12
C ALA A 10 -15.24 -1.49 5.55
N PRO A 11 -14.36 -2.35 6.09
CA PRO A 11 -14.75 -3.69 6.57
C PRO A 11 -15.95 -3.65 7.50
N LYS A 12 -17.01 -4.36 7.13
CA LYS A 12 -18.25 -4.36 7.89
CA LYS A 12 -18.25 -4.35 7.90
C LYS A 12 -18.05 -4.94 9.30
N LYS A 13 -18.89 -4.51 10.24
CA LYS A 13 -18.79 -4.95 11.62
C LYS A 13 -19.21 -6.40 11.79
N LEU A 14 -18.73 -7.01 12.87
CA LEU A 14 -19.10 -8.38 13.23
C LEU A 14 -20.41 -8.36 14.02
N PRO A 15 -21.21 -9.43 13.91
CA PRO A 15 -22.43 -9.54 14.72
C PRO A 15 -22.12 -9.46 16.21
N ALA A 16 -22.98 -8.77 16.96
CA ALA A 16 -22.73 -8.46 18.37
C ALA A 16 -22.45 -9.71 19.21
N ASP A 17 -23.26 -10.75 19.02
CA ASP A 17 -23.10 -11.99 19.76
C ASP A 17 -21.75 -12.67 19.50
N VAL A 18 -21.36 -12.71 18.22
CA VAL A 18 -20.10 -13.34 17.84
C VAL A 18 -18.92 -12.57 18.39
N ALA A 19 -18.90 -11.26 18.18
CA ALA A 19 -17.83 -10.39 18.65
C ALA A 19 -17.72 -10.43 20.18
N GLU A 20 -18.84 -10.62 20.85
CA GLU A 20 -18.89 -10.65 22.30
C GLU A 20 -18.22 -11.92 22.84
N GLU A 21 -18.53 -13.05 22.22
CA GLU A 21 -17.95 -14.33 22.63
C GLU A 21 -16.45 -14.38 22.39
N LEU A 22 -16.02 -13.84 21.24
CA LEU A 22 -14.62 -13.83 20.87
C LEU A 22 -13.78 -13.02 21.83
N ALA A 23 -14.34 -11.91 22.31
CA ALA A 23 -13.66 -11.04 23.26
C ALA A 23 -13.49 -11.72 24.61
N THR A 24 -14.50 -12.51 24.99
CA THR A 24 -14.47 -13.24 26.25
C THR A 24 -13.40 -14.32 26.25
N THR A 25 -13.38 -15.11 25.18
CA THR A 25 -12.43 -16.21 25.03
C THR A 25 -10.99 -15.70 24.96
N ALA A 26 -10.80 -14.60 24.24
CA ALA A 26 -9.47 -14.02 24.07
C ALA A 26 -8.87 -13.56 25.39
N GLN A 27 -9.68 -12.87 26.19
CA GLN A 27 -9.23 -12.38 27.49
C GLN A 27 -9.04 -13.53 28.49
N LYS A 28 -9.87 -14.56 28.34
CA LYS A 28 -9.82 -15.71 29.24
C LYS A 28 -8.58 -16.57 28.99
N LEU A 29 -8.13 -16.60 27.74
CA LEU A 29 -6.92 -17.34 27.39
C LEU A 29 -5.67 -16.69 27.96
N VAL A 30 -5.75 -15.38 28.18
CA VAL A 30 -4.63 -14.64 28.77
C VAL A 30 -4.97 -14.19 30.18
N GLN A 31 -5.77 -15.01 30.88
CA GLN A 31 -6.15 -14.73 32.26
C GLN A 31 -4.91 -14.64 33.14
N ALA A 32 -5.02 -13.89 34.24
CA ALA A 32 -3.88 -13.61 35.12
C ALA A 32 -3.16 -14.87 35.58
N GLY A 33 -1.89 -14.98 35.21
CA GLY A 33 -1.05 -16.09 35.65
C GLY A 33 -1.15 -17.34 34.81
N LYS A 34 -2.04 -17.33 33.82
CA LYS A 34 -2.24 -18.50 32.97
CA LYS A 34 -2.25 -18.49 32.97
C LYS A 34 -1.64 -18.30 31.58
N GLY A 35 -1.35 -19.40 30.90
CA GLY A 35 -0.79 -19.36 29.56
C GLY A 35 -1.37 -20.44 28.67
N ILE A 36 -0.77 -20.61 27.49
CA ILE A 36 -1.27 -21.59 26.53
C ILE A 36 -0.26 -22.71 26.29
N LEU A 37 -0.74 -23.95 26.30
CA LEU A 37 0.10 -25.11 26.02
C LEU A 37 0.02 -25.47 24.54
N ALA A 38 1.16 -25.39 23.85
CA ALA A 38 1.21 -25.71 22.43
C ALA A 38 1.52 -27.19 22.20
N ALA A 39 0.47 -28.00 22.10
CA ALA A 39 0.63 -29.43 21.87
C ALA A 39 0.01 -29.85 20.54
N ASP A 40 0.22 -29.02 19.51
CA ASP A 40 -0.35 -29.28 18.20
C ASP A 40 0.71 -29.68 17.18
N GLU A 41 1.62 -30.56 17.60
CA GLU A 41 2.65 -31.07 16.71
C GLU A 41 2.07 -32.01 15.67
N SER A 42 2.51 -31.87 14.42
CA SER A 42 2.05 -32.75 13.35
C SER A 42 2.67 -34.14 13.51
N THR A 43 2.29 -35.06 12.62
CA THR A 43 2.77 -36.44 12.69
C THR A 43 4.28 -36.52 12.53
N GLN A 44 4.81 -35.81 11.54
CA GLN A 44 6.25 -35.81 11.30
C GLN A 44 6.99 -34.97 12.33
N THR A 45 6.27 -34.05 12.97
CA THR A 45 6.86 -33.18 13.99
C THR A 45 6.97 -33.92 15.33
N ILE A 46 5.89 -34.60 15.72
CA ILE A 46 5.88 -35.35 16.97
C ILE A 46 6.75 -36.59 16.85
N LYS A 47 7.05 -36.99 15.61
CA LYS A 47 7.90 -38.14 15.37
C LYS A 47 9.32 -37.89 15.85
N LYS A 48 9.86 -36.72 15.51
CA LYS A 48 11.22 -36.36 15.89
C LYS A 48 11.36 -36.22 17.40
N ARG A 49 10.23 -36.08 18.09
CA ARG A 49 10.23 -36.03 19.55
C ARG A 49 10.32 -37.42 20.14
N PHE A 50 9.54 -38.35 19.60
CA PHE A 50 9.54 -39.73 20.06
C PHE A 50 10.87 -40.42 19.74
N ASP A 51 11.53 -39.97 18.68
CA ASP A 51 12.81 -40.53 18.27
C ASP A 51 13.91 -40.21 19.28
N ASN A 52 13.83 -39.02 19.87
CA ASN A 52 14.84 -38.58 20.83
C ASN A 52 14.81 -39.40 22.11
N ILE A 53 13.61 -39.80 22.53
CA ILE A 53 13.46 -40.63 23.73
C ILE A 53 13.35 -42.11 23.36
N LYS A 54 13.69 -42.42 22.11
CA LYS A 54 13.64 -43.78 21.60
C LYS A 54 12.25 -44.40 21.78
N LEU A 55 11.31 -43.93 20.97
CA LEU A 55 9.93 -44.38 21.06
C LEU A 55 9.30 -44.43 19.68
N GLU A 56 8.57 -45.50 19.40
CA GLU A 56 7.93 -45.66 18.10
C GLU A 56 6.75 -44.69 17.94
N ASN A 57 6.64 -44.09 16.77
CA ASN A 57 5.59 -43.11 16.51
C ASN A 57 4.30 -43.76 16.04
N THR A 58 3.57 -44.35 16.98
CA THR A 58 2.29 -44.97 16.68
C THR A 58 1.14 -44.07 17.10
N ILE A 59 -0.07 -44.42 16.71
CA ILE A 59 -1.25 -43.64 17.08
C ILE A 59 -1.57 -43.85 18.55
N GLU A 60 -1.17 -45.00 19.09
CA GLU A 60 -1.37 -45.29 20.51
C GLU A 60 -0.46 -44.44 21.37
N ASN A 61 0.77 -44.24 20.93
CA ASN A 61 1.73 -43.44 21.68
C ASN A 61 1.40 -41.95 21.65
N ARG A 62 0.95 -41.47 20.50
CA ARG A 62 0.54 -40.07 20.38
C ARG A 62 -0.65 -39.79 21.27
N ALA A 63 -1.59 -40.73 21.30
CA ALA A 63 -2.75 -40.62 22.18
C ALA A 63 -2.33 -40.69 23.64
N SER A 64 -1.44 -41.63 23.95
CA SER A 64 -0.96 -41.81 25.32
C SER A 64 -0.22 -40.58 25.83
N TYR A 65 0.59 -39.98 24.96
CA TYR A 65 1.39 -38.82 25.36
C TYR A 65 0.53 -37.60 25.62
N ARG A 66 -0.40 -37.32 24.71
CA ARG A 66 -1.28 -36.17 24.86
CA ARG A 66 -1.30 -36.18 24.86
C ARG A 66 -2.26 -36.40 26.02
N ASP A 67 -2.51 -37.66 26.34
CA ASP A 67 -3.34 -38.01 27.49
C ASP A 67 -2.61 -37.67 28.77
N LEU A 68 -1.29 -37.86 28.76
CA LEU A 68 -0.45 -37.55 29.90
C LEU A 68 -0.45 -36.04 30.17
N LEU A 69 -0.45 -35.26 29.11
CA LEU A 69 -0.43 -33.81 29.23
C LEU A 69 -1.77 -33.27 29.72
N PHE A 70 -2.84 -33.65 29.02
CA PHE A 70 -4.15 -33.07 29.28
C PHE A 70 -4.83 -33.71 30.49
N GLY A 71 -4.35 -34.89 30.87
CA GLY A 71 -4.90 -35.60 32.02
C GLY A 71 -4.22 -35.22 33.31
N THR A 72 -3.35 -34.21 33.26
CA THR A 72 -2.63 -33.75 34.43
C THR A 72 -3.53 -33.00 35.40
N LYS A 73 -3.77 -33.60 36.57
CA LYS A 73 -4.62 -32.98 37.58
C LYS A 73 -3.98 -31.73 38.17
N GLY A 74 -4.61 -30.58 37.93
CA GLY A 74 -4.13 -29.32 38.46
C GLY A 74 -3.44 -28.46 37.42
N LEU A 75 -3.51 -28.88 36.16
CA LEU A 75 -2.86 -28.16 35.07
C LEU A 75 -3.57 -26.85 34.77
N GLY A 76 -4.87 -26.81 35.09
CA GLY A 76 -5.70 -25.65 34.79
C GLY A 76 -5.33 -24.40 35.56
N LYS A 77 -4.53 -24.57 36.61
CA LYS A 77 -4.10 -23.45 37.43
C LYS A 77 -3.10 -22.57 36.68
N PHE A 78 -2.35 -23.18 35.76
CA PHE A 78 -1.31 -22.47 35.03
C PHE A 78 -1.59 -22.41 33.53
N ILE A 79 -2.48 -23.28 33.05
CA ILE A 79 -2.80 -23.33 31.64
C ILE A 79 -4.25 -22.95 31.37
N SER A 80 -4.44 -21.94 30.52
CA SER A 80 -5.78 -21.45 30.18
C SER A 80 -6.32 -22.18 28.96
N GLY A 81 -5.43 -22.53 28.04
CA GLY A 81 -5.83 -23.19 26.81
C GLY A 81 -4.74 -24.09 26.25
N ALA A 82 -5.15 -25.09 25.49
CA ALA A 82 -4.21 -26.01 24.86
C ALA A 82 -4.52 -26.19 23.38
N ILE A 83 -3.53 -25.94 22.54
CA ILE A 83 -3.70 -26.06 21.10
C ILE A 83 -3.50 -27.50 20.65
N LEU A 84 -4.47 -28.03 19.91
CA LEU A 84 -4.42 -29.42 19.48
C LEU A 84 -4.18 -29.55 17.99
N PHE A 85 -3.68 -30.72 17.58
CA PHE A 85 -3.63 -31.07 16.17
C PHE A 85 -4.99 -31.66 15.79
N GLU A 86 -5.28 -31.72 14.50
CA GLU A 86 -6.57 -32.21 14.02
C GLU A 86 -6.89 -33.61 14.55
N GLU A 87 -5.89 -34.49 14.54
CA GLU A 87 -6.05 -35.86 15.03
C GLU A 87 -6.45 -35.91 16.50
N THR A 88 -5.73 -35.14 17.32
CA THR A 88 -5.94 -35.15 18.77
C THR A 88 -7.34 -34.66 19.15
N LEU A 89 -7.87 -33.71 18.38
CA LEU A 89 -9.18 -33.13 18.66
C LEU A 89 -10.29 -34.19 18.63
N PHE A 90 -10.17 -35.15 17.73
CA PHE A 90 -11.17 -36.21 17.60
C PHE A 90 -10.63 -37.54 18.11
N GLN A 91 -9.83 -37.50 19.16
CA GLN A 91 -9.16 -38.70 19.65
C GLN A 91 -9.58 -39.03 21.09
N LYS A 92 -9.52 -40.32 21.43
CA LYS A 92 -9.87 -40.78 22.77
CA LYS A 92 -9.86 -40.77 22.77
C LYS A 92 -8.74 -41.62 23.36
N ASN A 93 -8.57 -41.53 24.68
CA ASN A 93 -7.50 -42.27 25.36
C ASN A 93 -7.84 -43.74 25.63
N GLU A 94 -7.15 -44.34 26.59
CA GLU A 94 -7.38 -45.74 26.95
C GLU A 94 -8.75 -45.94 27.59
N ALA A 95 -9.07 -45.09 28.55
CA ALA A 95 -10.32 -45.21 29.32
C ALA A 95 -11.55 -45.01 28.45
N GLY A 96 -11.37 -44.38 27.30
CA GLY A 96 -12.48 -44.12 26.39
C GLY A 96 -12.88 -42.66 26.41
N VAL A 97 -12.22 -41.87 27.25
CA VAL A 97 -12.52 -40.46 27.37
C VAL A 97 -11.83 -39.65 26.26
N PRO A 98 -12.62 -38.85 25.53
CA PRO A 98 -12.07 -37.93 24.52
C PRO A 98 -11.07 -36.96 25.13
N MET A 99 -10.06 -36.58 24.36
CA MET A 99 -9.04 -35.65 24.83
C MET A 99 -9.63 -34.29 25.16
N VAL A 100 -10.72 -33.94 24.46
CA VAL A 100 -11.41 -32.68 24.68
C VAL A 100 -12.00 -32.62 26.09
N ASN A 101 -12.59 -33.73 26.53
CA ASN A 101 -13.21 -33.78 27.86
C ASN A 101 -12.19 -33.66 28.98
N LEU A 102 -10.96 -34.10 28.73
CA LEU A 102 -9.89 -33.96 29.71
C LEU A 102 -9.57 -32.49 29.95
N LEU A 103 -9.70 -31.69 28.90
CA LEU A 103 -9.45 -30.25 28.99
C LEU A 103 -10.61 -29.53 29.65
N HIS A 104 -11.83 -30.00 29.38
CA HIS A 104 -13.05 -29.42 29.94
C HIS A 104 -13.07 -29.56 31.46
N ASN A 105 -12.60 -30.69 31.95
CA ASN A 105 -12.59 -30.96 33.39
C ASN A 105 -11.55 -30.13 34.11
N GLU A 106 -10.53 -29.67 33.38
CA GLU A 106 -9.45 -28.90 33.97
C GLU A 106 -9.52 -27.42 33.61
N ASN A 107 -10.70 -26.96 33.20
CA ASN A 107 -10.93 -25.56 32.86
C ASN A 107 -10.01 -25.08 31.74
N ILE A 108 -9.62 -26.01 30.87
CA ILE A 108 -8.71 -25.69 29.77
C ILE A 108 -9.47 -25.59 28.44
N ILE A 109 -9.30 -24.47 27.76
CA ILE A 109 -9.97 -24.22 26.48
C ILE A 109 -9.26 -24.92 25.34
N PRO A 110 -9.99 -25.79 24.61
CA PRO A 110 -9.44 -26.50 23.45
C PRO A 110 -9.10 -25.57 22.29
N GLY A 111 -7.92 -25.76 21.71
CA GLY A 111 -7.48 -24.99 20.56
C GLY A 111 -7.11 -25.91 19.41
N ILE A 112 -7.07 -25.38 18.19
CA ILE A 112 -6.80 -26.20 17.03
C ILE A 112 -5.88 -25.52 16.02
N LYS A 113 -4.90 -26.27 15.55
CA LYS A 113 -4.00 -25.82 14.48
C LYS A 113 -4.70 -26.00 13.13
N VAL A 114 -4.83 -24.91 12.38
CA VAL A 114 -5.61 -24.95 11.15
C VAL A 114 -4.76 -24.74 9.89
N ASP A 115 -3.47 -24.50 10.06
CA ASP A 115 -2.58 -24.28 8.93
C ASP A 115 -2.16 -25.60 8.30
N LYS A 116 -1.89 -25.59 6.99
CA LYS A 116 -1.53 -26.79 6.25
C LYS A 116 -0.04 -26.85 5.93
N GLY A 117 0.77 -26.16 6.72
CA GLY A 117 2.21 -26.19 6.52
C GLY A 117 2.72 -25.05 5.66
N LEU A 118 4.01 -25.10 5.32
CA LEU A 118 4.66 -24.02 4.59
C LEU A 118 4.99 -24.40 3.15
N VAL A 119 4.99 -23.40 2.27
CA VAL A 119 5.35 -23.58 0.86
C VAL A 119 6.19 -22.39 0.40
N ASN A 120 7.27 -22.68 -0.33
CA ASN A 120 8.14 -21.64 -0.86
C ASN A 120 7.41 -20.64 -1.74
N ILE A 121 7.76 -19.36 -1.59
CA ILE A 121 7.23 -18.32 -2.46
C ILE A 121 8.09 -18.22 -3.71
N PRO A 122 7.46 -18.31 -4.89
CA PRO A 122 8.17 -18.13 -6.16
C PRO A 122 8.87 -16.77 -6.23
N CYS A 123 9.98 -16.71 -6.96
CA CYS A 123 10.76 -15.49 -7.12
C CYS A 123 11.33 -14.98 -5.80
N THR A 124 11.50 -15.89 -4.85
CA THR A 124 12.16 -15.56 -3.59
C THR A 124 13.20 -16.63 -3.26
N ASP A 125 14.07 -16.34 -2.30
CA ASP A 125 15.08 -17.30 -1.89
C ASP A 125 14.55 -18.21 -0.79
N GLU A 126 13.68 -19.13 -1.19
CA GLU A 126 13.10 -20.12 -0.27
C GLU A 126 12.40 -19.50 0.92
N GLU A 127 11.82 -18.31 0.74
CA GLU A 127 11.01 -17.70 1.78
C GLU A 127 9.62 -18.33 1.78
N LYS A 128 9.13 -18.67 2.96
CA LYS A 128 7.97 -19.54 3.10
C LYS A 128 6.63 -18.79 3.08
N SER A 129 5.59 -19.52 2.66
CA SER A 129 4.21 -19.05 2.74
C SER A 129 3.34 -20.17 3.29
N THR A 130 2.32 -19.81 4.07
CA THR A 130 1.49 -20.81 4.73
C THR A 130 0.18 -21.07 3.99
N GLN A 131 -0.16 -22.34 3.83
CA GLN A 131 -1.39 -22.73 3.15
CA GLN A 131 -1.38 -22.74 3.15
C GLN A 131 -2.44 -23.21 4.14
N GLY A 132 -3.71 -23.10 3.76
CA GLY A 132 -4.80 -23.55 4.62
C GLY A 132 -6.07 -22.74 4.51
N LEU A 133 -6.14 -21.85 3.52
CA LEU A 133 -7.31 -21.00 3.33
C LEU A 133 -8.46 -21.75 2.67
N ASP A 134 -8.13 -22.71 1.82
CA ASP A 134 -9.14 -23.48 1.09
C ASP A 134 -9.93 -24.39 2.03
N GLY A 135 -11.22 -24.11 2.18
CA GLY A 135 -12.08 -24.91 3.03
C GLY A 135 -11.87 -24.64 4.50
N LEU A 136 -11.24 -23.52 4.82
CA LEU A 136 -10.96 -23.16 6.20
C LEU A 136 -12.24 -22.91 6.98
N ALA A 137 -13.18 -22.20 6.36
CA ALA A 137 -14.46 -21.88 7.01
C ALA A 137 -15.24 -23.14 7.34
N GLU A 138 -15.13 -24.15 6.48
CA GLU A 138 -15.82 -25.41 6.70
C GLU A 138 -15.19 -26.19 7.86
N ARG A 139 -13.88 -26.12 7.96
CA ARG A 139 -13.16 -26.81 9.04
C ARG A 139 -13.40 -26.11 10.37
N CYS A 140 -13.53 -24.79 10.35
CA CYS A 140 -13.80 -24.02 11.56
C CYS A 140 -15.13 -24.44 12.18
N LYS A 141 -16.14 -24.61 11.35
CA LYS A 141 -17.45 -25.05 11.81
C LYS A 141 -17.36 -26.45 12.41
N GLU A 142 -16.50 -27.28 11.82
CA GLU A 142 -16.28 -28.63 12.30
C GLU A 142 -15.55 -28.63 13.64
N TYR A 143 -14.52 -27.79 13.74
CA TYR A 143 -13.70 -27.71 14.95
C TYR A 143 -14.48 -27.15 16.14
N TYR A 144 -15.35 -26.17 15.87
CA TYR A 144 -16.15 -25.55 16.92
C TYR A 144 -17.08 -26.56 17.56
N LYS A 145 -17.74 -27.36 16.72
CA LYS A 145 -18.69 -28.36 17.21
C LYS A 145 -17.94 -29.49 17.92
N ALA A 146 -16.66 -29.63 17.61
CA ALA A 146 -15.81 -30.63 18.24
C ALA A 146 -15.36 -30.18 19.63
N GLY A 147 -15.38 -28.87 19.85
CA GLY A 147 -15.02 -28.33 21.15
C GLY A 147 -14.01 -27.20 21.11
N ALA A 148 -13.44 -26.96 19.93
CA ALA A 148 -12.43 -25.91 19.77
C ALA A 148 -13.06 -24.53 19.89
N ARG A 149 -12.34 -23.62 20.54
CA ARG A 149 -12.84 -22.26 20.72
C ARG A 149 -11.84 -21.21 20.24
N PHE A 150 -10.64 -21.66 19.88
CA PHE A 150 -9.67 -20.77 19.27
C PHE A 150 -8.75 -21.54 18.32
N ALA A 151 -8.21 -20.84 17.33
CA ALA A 151 -7.39 -21.49 16.30
C ALA A 151 -5.98 -20.89 16.22
N LYS A 152 -5.12 -21.55 15.46
CA LYS A 152 -3.74 -21.09 15.31
C LYS A 152 -3.26 -21.26 13.86
N TRP A 153 -2.32 -20.39 13.47
CA TRP A 153 -1.85 -20.33 12.09
C TRP A 153 -0.42 -19.78 12.08
N ARG A 154 0.54 -20.66 11.84
CA ARG A 154 1.95 -20.29 11.96
C ARG A 154 2.58 -19.88 10.62
N THR A 155 3.15 -18.69 10.60
CA THR A 155 3.89 -18.21 9.43
C THR A 155 5.35 -17.97 9.84
N VAL A 156 6.26 -18.11 8.87
CA VAL A 156 7.68 -18.04 9.18
C VAL A 156 8.41 -17.00 8.33
N LEU A 157 9.17 -16.12 9.00
CA LEU A 157 10.02 -15.16 8.31
C LEU A 157 11.47 -15.38 8.71
N VAL A 158 12.38 -15.06 7.80
CA VAL A 158 13.81 -15.26 8.03
C VAL A 158 14.56 -13.93 8.00
N ILE A 159 15.45 -13.72 8.97
CA ILE A 159 16.30 -12.54 8.98
C ILE A 159 17.65 -12.84 8.34
N ASP A 160 17.89 -12.24 7.18
CA ASP A 160 19.16 -12.37 6.49
C ASP A 160 19.47 -11.05 5.79
N THR A 161 20.09 -10.13 6.53
CA THR A 161 20.33 -8.77 6.06
C THR A 161 21.14 -8.73 4.77
N ALA A 162 22.05 -9.69 4.60
CA ALA A 162 22.86 -9.77 3.40
C ALA A 162 21.99 -10.06 2.17
N LYS A 163 20.96 -10.87 2.37
CA LYS A 163 20.03 -11.22 1.29
C LYS A 163 18.75 -10.38 1.37
N GLY A 164 18.75 -9.41 2.27
CA GLY A 164 17.61 -8.51 2.42
C GLY A 164 16.37 -9.19 2.95
N LYS A 165 16.56 -10.29 3.67
CA LYS A 165 15.44 -11.02 4.26
C LYS A 165 15.08 -10.45 5.62
N PRO A 166 13.76 -10.33 5.90
CA PRO A 166 12.66 -10.71 5.00
C PRO A 166 12.33 -9.62 3.98
N THR A 167 12.12 -10.03 2.73
CA THR A 167 11.77 -9.09 1.68
C THR A 167 10.32 -8.63 1.82
N ASP A 168 9.96 -7.57 1.11
CA ASP A 168 8.61 -7.02 1.16
C ASP A 168 7.56 -8.04 0.72
N LEU A 169 7.90 -8.84 -0.29
CA LEU A 169 7.00 -9.88 -0.76
C LEU A 169 6.75 -10.91 0.33
N SER A 170 7.81 -11.27 1.05
CA SER A 170 7.71 -12.22 2.15
C SER A 170 6.87 -11.67 3.29
N ILE A 171 7.09 -10.40 3.62
CA ILE A 171 6.39 -9.77 4.72
C ILE A 171 4.91 -9.59 4.44
N HIS A 172 4.58 -9.19 3.21
CA HIS A 172 3.20 -8.89 2.87
C HIS A 172 2.36 -10.15 2.67
N GLU A 173 2.98 -11.19 2.10
CA GLU A 173 2.30 -12.48 1.95
C GLU A 173 2.02 -13.07 3.32
N THR A 174 2.98 -12.93 4.23
CA THR A 174 2.81 -13.35 5.61
C THR A 174 1.67 -12.58 6.26
N ALA A 175 1.69 -11.26 6.11
CA ALA A 175 0.70 -10.39 6.74
C ALA A 175 -0.70 -10.65 6.20
N TRP A 176 -0.82 -10.72 4.87
CA TRP A 176 -2.14 -10.93 4.24
C TRP A 176 -2.66 -12.33 4.51
N GLY A 177 -1.75 -13.30 4.57
CA GLY A 177 -2.12 -14.68 4.87
C GLY A 177 -2.71 -14.79 6.26
N LEU A 178 -2.02 -14.19 7.23
CA LEU A 178 -2.51 -14.14 8.60
C LEU A 178 -3.81 -13.36 8.68
N ALA A 179 -3.92 -12.33 7.83
CA ALA A 179 -5.10 -11.47 7.80
C ALA A 179 -6.35 -12.22 7.39
N ARG A 180 -6.25 -12.96 6.27
CA ARG A 180 -7.38 -13.74 5.77
C ARG A 180 -7.81 -14.80 6.77
N TYR A 181 -6.83 -15.51 7.32
CA TYR A 181 -7.07 -16.57 8.29
C TYR A 181 -7.85 -16.07 9.51
N ALA A 182 -7.44 -14.91 10.03
CA ALA A 182 -8.01 -14.39 11.26
C ALA A 182 -9.47 -13.98 11.06
N SER A 183 -9.78 -13.43 9.89
CA SER A 183 -11.14 -12.98 9.60
C SER A 183 -12.11 -14.16 9.46
N ILE A 184 -11.64 -15.23 8.83
CA ILE A 184 -12.45 -16.42 8.62
C ILE A 184 -12.79 -17.10 9.96
N CYS A 185 -11.80 -17.16 10.85
CA CYS A 185 -12.00 -17.76 12.16
C CYS A 185 -13.02 -16.99 12.99
N GLN A 186 -12.89 -15.66 13.01
CA GLN A 186 -13.81 -14.82 13.77
C GLN A 186 -15.22 -14.92 13.22
N GLN A 187 -15.33 -15.12 11.90
CA GLN A 187 -16.62 -15.31 11.26
C GLN A 187 -17.29 -16.59 11.75
N ASN A 188 -16.48 -17.59 12.08
CA ASN A 188 -16.99 -18.88 12.51
C ASN A 188 -16.75 -19.12 14.01
N ARG A 189 -16.80 -18.05 14.79
CA ARG A 189 -16.75 -18.13 16.25
C ARG A 189 -15.48 -18.80 16.78
N LEU A 190 -14.33 -18.45 16.21
CA LEU A 190 -13.05 -18.95 16.70
C LEU A 190 -12.05 -17.81 16.87
N VAL A 191 -11.40 -17.77 18.02
CA VAL A 191 -10.38 -16.75 18.29
C VAL A 191 -9.08 -17.10 17.56
N PRO A 192 -8.68 -16.22 16.63
CA PRO A 192 -7.46 -16.48 15.85
C PRO A 192 -6.18 -16.09 16.58
N ILE A 193 -5.23 -17.02 16.66
CA ILE A 193 -3.91 -16.70 17.18
C ILE A 193 -2.98 -16.40 16.01
N VAL A 194 -2.68 -15.11 15.84
CA VAL A 194 -1.83 -14.66 14.74
C VAL A 194 -0.36 -14.88 15.08
N GLU A 195 0.29 -15.76 14.32
CA GLU A 195 1.68 -16.11 14.59
C GLU A 195 2.61 -15.77 13.41
N PRO A 196 3.15 -14.55 13.40
CA PRO A 196 4.19 -14.17 12.44
C PRO A 196 5.58 -14.43 13.01
N GLU A 197 5.96 -15.70 13.14
CA GLU A 197 7.22 -16.06 13.76
C GLU A 197 8.43 -15.65 12.92
N ILE A 198 9.30 -14.85 13.50
CA ILE A 198 10.58 -14.52 12.89
C ILE A 198 11.67 -15.38 13.48
N LEU A 199 12.30 -16.22 12.65
CA LEU A 199 13.35 -17.12 13.11
C LEU A 199 14.55 -16.37 13.67
N ALA A 200 15.12 -16.91 14.74
CA ALA A 200 16.31 -16.31 15.35
C ALA A 200 17.58 -16.87 14.72
N ASP A 201 17.42 -17.63 13.66
CA ASP A 201 18.56 -18.21 12.94
C ASP A 201 19.37 -17.13 12.24
N GLY A 202 20.68 -17.13 12.48
CA GLY A 202 21.56 -16.14 11.91
C GLY A 202 22.44 -15.48 12.94
N PRO A 203 23.39 -14.65 12.49
CA PRO A 203 24.33 -13.94 13.36
C PRO A 203 23.92 -12.49 13.62
N HIS A 204 22.71 -12.11 13.22
CA HIS A 204 22.25 -10.73 13.36
C HIS A 204 22.15 -10.34 14.83
N SER A 205 22.39 -9.06 15.11
CA SER A 205 22.32 -8.55 16.47
C SER A 205 20.88 -8.41 16.93
N ILE A 206 20.70 -8.10 18.21
CA ILE A 206 19.37 -7.98 18.79
C ILE A 206 18.70 -6.68 18.34
N GLU A 207 19.51 -5.70 17.95
CA GLU A 207 18.99 -4.45 17.44
C GLU A 207 18.35 -4.63 16.07
N VAL A 208 18.95 -5.50 15.26
CA VAL A 208 18.43 -5.82 13.93
C VAL A 208 17.08 -6.53 14.05
N CYS A 209 17.01 -7.47 14.99
CA CYS A 209 15.78 -8.23 15.21
C CYS A 209 14.63 -7.32 15.63
N ALA A 210 14.93 -6.30 16.41
CA ALA A 210 13.93 -5.34 16.86
C ALA A 210 13.36 -4.55 15.69
N VAL A 211 14.25 -4.07 14.82
CA VAL A 211 13.85 -3.30 13.66
C VAL A 211 12.99 -4.12 12.71
N VAL A 212 13.40 -5.37 12.48
CA VAL A 212 12.68 -6.27 11.60
C VAL A 212 11.32 -6.64 12.18
N THR A 213 11.29 -7.00 13.46
CA THR A 213 10.05 -7.37 14.13
C THR A 213 9.06 -6.21 14.13
N GLN A 214 9.58 -5.01 14.37
CA GLN A 214 8.75 -3.80 14.36
C GLN A 214 8.15 -3.56 12.97
N LYS A 215 8.95 -3.82 11.94
CA LYS A 215 8.50 -3.63 10.56
C LYS A 215 7.45 -4.67 10.17
N VAL A 216 7.69 -5.91 10.57
CA VAL A 216 6.76 -6.99 10.26
C VAL A 216 5.43 -6.82 10.97
N LEU A 217 5.48 -6.54 12.27
CA LEU A 217 4.26 -6.36 13.06
C LEU A 217 3.42 -5.18 12.56
N SER A 218 4.08 -4.14 12.05
CA SER A 218 3.38 -3.00 11.48
CA SER A 218 3.38 -3.00 11.48
C SER A 218 2.57 -3.40 10.26
N CYS A 219 3.14 -4.28 9.44
CA CYS A 219 2.47 -4.75 8.24
C CYS A 219 1.41 -5.80 8.56
N VAL A 220 1.68 -6.59 9.60
CA VAL A 220 0.73 -7.62 10.02
C VAL A 220 -0.58 -6.99 10.51
N PHE A 221 -0.47 -6.05 11.44
CA PHE A 221 -1.65 -5.38 11.97
C PHE A 221 -2.33 -4.52 10.91
N LYS A 222 -1.55 -3.98 9.98
CA LYS A 222 -2.10 -3.24 8.86
C LYS A 222 -3.02 -4.13 8.06
N ALA A 223 -2.52 -5.31 7.68
CA ALA A 223 -3.32 -6.28 6.95
C ALA A 223 -4.50 -6.76 7.78
N LEU A 224 -4.33 -6.78 9.10
CA LEU A 224 -5.39 -7.23 10.00
C LEU A 224 -6.58 -6.27 10.00
N GLN A 225 -6.29 -4.98 9.94
CA GLN A 225 -7.36 -3.97 10.02
C GLN A 225 -8.03 -3.75 8.66
N GLU A 226 -7.36 -4.13 7.58
CA GLU A 226 -7.94 -3.98 6.26
CA GLU A 226 -7.91 -3.99 6.24
C GLU A 226 -8.95 -5.08 5.97
N ASN A 227 -8.79 -6.22 6.65
CA ASN A 227 -9.72 -7.32 6.52
C ASN A 227 -10.77 -7.27 7.62
N GLY A 228 -10.63 -6.30 8.52
CA GLY A 228 -11.60 -6.05 9.56
C GLY A 228 -11.62 -7.04 10.69
N VAL A 229 -10.44 -7.49 11.10
CA VAL A 229 -10.33 -8.43 12.21
C VAL A 229 -10.43 -7.71 13.55
N LEU A 230 -11.37 -8.18 14.39
CA LEU A 230 -11.55 -7.62 15.71
C LEU A 230 -10.35 -7.92 16.59
N LEU A 231 -9.60 -6.88 16.93
CA LEU A 231 -8.39 -7.04 17.73
C LEU A 231 -8.72 -7.51 19.15
N GLU A 232 -9.91 -7.15 19.62
CA GLU A 232 -10.36 -7.55 20.96
C GLU A 232 -10.58 -9.06 21.03
N GLY A 233 -10.86 -9.68 19.90
CA GLY A 233 -11.11 -11.10 19.85
C GLY A 233 -9.97 -11.88 19.22
N ALA A 234 -8.77 -11.30 19.24
CA ALA A 234 -7.62 -11.96 18.63
C ALA A 234 -6.44 -12.02 19.59
N LEU A 235 -5.44 -12.83 19.24
CA LEU A 235 -4.22 -12.92 20.01
C LEU A 235 -3.00 -12.89 19.09
N LEU A 236 -1.87 -12.46 19.62
CA LEU A 236 -0.63 -12.39 18.83
C LEU A 236 0.40 -13.37 19.37
N LYS A 237 0.99 -14.16 18.48
CA LYS A 237 2.04 -15.09 18.87
C LYS A 237 3.33 -14.80 18.13
N PRO A 238 4.08 -13.78 18.59
CA PRO A 238 5.34 -13.41 17.97
C PRO A 238 6.53 -14.04 18.67
N ASN A 239 7.73 -13.83 18.12
CA ASN A 239 8.95 -14.26 18.77
C ASN A 239 9.47 -13.16 19.68
N MET A 240 10.19 -13.54 20.74
CA MET A 240 10.85 -12.56 21.59
C MET A 240 11.96 -11.87 20.82
N VAL A 241 12.09 -10.56 21.01
CA VAL A 241 13.15 -9.81 20.34
C VAL A 241 14.50 -10.18 20.95
N THR A 242 15.20 -11.10 20.29
CA THR A 242 16.49 -11.58 20.76
C THR A 242 17.54 -11.48 19.68
N ALA A 243 18.80 -11.60 20.07
CA ALA A 243 19.89 -11.66 19.10
C ALA A 243 19.86 -12.99 18.37
N GLY A 244 20.63 -13.08 17.27
CA GLY A 244 20.70 -14.30 16.51
C GLY A 244 21.36 -15.43 17.28
N TYR A 245 21.11 -16.66 16.85
CA TYR A 245 21.70 -17.83 17.50
C TYR A 245 23.21 -17.88 17.30
N GLU A 246 23.67 -17.37 16.17
CA GLU A 246 25.08 -17.36 15.86
C GLU A 246 25.71 -15.98 16.10
N CYS A 247 24.95 -15.08 16.73
CA CYS A 247 25.44 -13.75 17.02
C CYS A 247 26.55 -13.79 18.09
N THR A 248 27.52 -12.90 17.96
CA THR A 248 28.66 -12.88 18.85
C THR A 248 28.48 -11.87 19.99
N ALA A 249 27.74 -10.81 19.73
CA ALA A 249 27.48 -9.79 20.75
C ALA A 249 26.64 -10.36 21.88
N LYS A 250 27.25 -10.52 23.05
CA LYS A 250 26.59 -11.09 24.21
C LYS A 250 25.44 -10.20 24.69
N THR A 251 24.27 -10.80 24.85
CA THR A 251 23.09 -10.07 25.30
C THR A 251 22.48 -10.71 26.55
N THR A 252 22.21 -9.89 27.56
CA THR A 252 21.61 -10.37 28.79
C THR A 252 20.10 -10.53 28.62
N THR A 253 19.45 -11.08 29.63
CA THR A 253 18.01 -11.34 29.57
C THR A 253 17.19 -10.05 29.66
N GLN A 254 17.76 -9.03 30.29
CA GLN A 254 17.09 -7.74 30.39
C GLN A 254 17.13 -7.00 29.06
N ASP A 255 18.16 -7.26 28.27
CA ASP A 255 18.25 -6.71 26.93
C ASP A 255 17.16 -7.30 26.06
N VAL A 256 16.86 -8.58 26.29
CA VAL A 256 15.77 -9.26 25.59
C VAL A 256 14.43 -8.64 26.00
N GLY A 257 14.25 -8.44 27.30
CA GLY A 257 13.01 -7.89 27.82
C GLY A 257 12.75 -6.45 27.40
N PHE A 258 13.79 -5.64 27.37
CA PHE A 258 13.66 -4.23 27.00
C PHE A 258 13.25 -4.05 25.55
N LEU A 259 14.00 -4.67 24.64
CA LEU A 259 13.77 -4.50 23.22
C LEU A 259 12.52 -5.24 22.74
N THR A 260 12.01 -6.14 23.56
CA THR A 260 10.76 -6.84 23.26
C THR A 260 9.57 -5.96 23.62
N VAL A 261 9.61 -5.37 24.81
CA VAL A 261 8.55 -4.48 25.27
C VAL A 261 8.47 -3.25 24.39
N ARG A 262 9.63 -2.68 24.04
CA ARG A 262 9.68 -1.50 23.18
C ARG A 262 9.08 -1.80 21.81
N THR A 263 9.37 -2.98 21.28
CA THR A 263 8.88 -3.37 19.96
C THR A 263 7.36 -3.51 19.96
N LEU A 264 6.82 -4.10 21.03
CA LEU A 264 5.39 -4.32 21.14
C LEU A 264 4.63 -3.01 21.36
N ARG A 265 5.18 -2.14 22.20
CA ARG A 265 4.54 -0.86 22.51
C ARG A 265 4.47 0.04 21.29
N ARG A 266 5.42 -0.14 20.37
CA ARG A 266 5.48 0.68 19.17
C ARG A 266 4.54 0.18 18.06
N THR A 267 4.05 -1.04 18.19
CA THR A 267 3.32 -1.67 17.09
C THR A 267 1.95 -2.23 17.46
N VAL A 268 1.79 -2.70 18.70
CA VAL A 268 0.58 -3.43 19.09
C VAL A 268 -0.43 -2.56 19.83
N PRO A 269 -1.59 -2.30 19.19
CA PRO A 269 -2.69 -1.54 19.82
C PRO A 269 -3.24 -2.24 21.06
N PRO A 270 -3.58 -1.47 22.11
CA PRO A 270 -4.08 -1.97 23.40
C PRO A 270 -5.38 -2.77 23.29
N ALA A 271 -6.08 -2.67 22.17
CA ALA A 271 -7.32 -3.42 21.97
C ALA A 271 -7.06 -4.92 22.01
N LEU A 272 -5.86 -5.31 21.60
CA LEU A 272 -5.44 -6.70 21.69
C LEU A 272 -5.31 -7.07 23.16
N PRO A 273 -6.10 -8.05 23.61
CA PRO A 273 -6.18 -8.42 25.03
C PRO A 273 -4.86 -8.98 25.57
N GLY A 274 -4.06 -9.58 24.71
CA GLY A 274 -2.80 -10.16 25.15
C GLY A 274 -1.88 -10.63 24.05
N VAL A 275 -0.66 -11.00 24.43
CA VAL A 275 0.33 -11.51 23.51
C VAL A 275 0.95 -12.79 24.05
N VAL A 276 0.88 -13.87 23.28
CA VAL A 276 1.39 -15.17 23.72
C VAL A 276 2.70 -15.51 23.00
N PHE A 277 3.82 -15.36 23.71
CA PHE A 277 5.13 -15.61 23.12
C PHE A 277 5.37 -17.08 22.81
N LEU A 278 6.20 -17.34 21.81
CA LEU A 278 6.61 -18.70 21.47
C LEU A 278 8.03 -18.95 21.97
N SER A 279 8.28 -20.16 22.48
CA SER A 279 9.58 -20.50 23.03
C SER A 279 10.66 -20.54 21.96
N GLY A 280 10.31 -21.06 20.79
CA GLY A 280 11.27 -21.18 19.70
C GLY A 280 12.34 -22.21 20.02
N GLY A 281 13.59 -21.84 19.78
CA GLY A 281 14.71 -22.73 20.05
C GLY A 281 15.29 -22.54 21.43
N GLN A 282 14.69 -21.66 22.23
CA GLN A 282 15.16 -21.37 23.58
C GLN A 282 15.03 -22.60 24.47
N SER A 283 15.93 -22.71 25.45
CA SER A 283 15.84 -23.78 26.44
C SER A 283 14.65 -23.52 27.35
N GLU A 284 14.25 -24.54 28.10
CA GLU A 284 13.10 -24.42 29.00
C GLU A 284 13.30 -23.31 30.02
N GLU A 285 14.49 -23.26 30.62
CA GLU A 285 14.78 -22.29 31.66
C GLU A 285 14.86 -20.86 31.11
N GLU A 286 15.59 -20.69 30.01
CA GLU A 286 15.76 -19.38 29.41
C GLU A 286 14.44 -18.83 28.87
N ALA A 287 13.54 -19.73 28.46
CA ALA A 287 12.23 -19.33 27.99
C ALA A 287 11.39 -18.77 29.15
N SER A 288 11.69 -19.24 30.35
CA SER A 288 11.01 -18.77 31.56
C SER A 288 11.66 -17.50 32.09
N VAL A 289 12.99 -17.46 32.02
CA VAL A 289 13.74 -16.30 32.50
C VAL A 289 13.44 -15.07 31.63
N ASN A 290 13.46 -15.26 30.32
CA ASN A 290 13.17 -14.17 29.39
C ASN A 290 11.74 -13.66 29.51
N LEU A 291 10.80 -14.58 29.64
CA LEU A 291 9.40 -14.21 29.84
C LEU A 291 9.24 -13.44 31.15
N ASN A 292 10.03 -13.82 32.15
CA ASN A 292 10.04 -13.12 33.43
C ASN A 292 10.62 -11.72 33.29
N SER A 293 11.69 -11.60 32.52
CA SER A 293 12.35 -10.33 32.30
C SER A 293 11.43 -9.35 31.60
N ILE A 294 10.58 -9.88 30.72
CA ILE A 294 9.61 -9.08 29.99
C ILE A 294 8.52 -8.55 30.94
N ASN A 295 8.02 -9.43 31.81
CA ASN A 295 6.95 -9.05 32.73
C ASN A 295 7.47 -8.34 33.97
N ALA A 296 8.78 -8.31 34.15
CA ALA A 296 9.38 -7.59 35.27
C ALA A 296 9.36 -6.08 35.01
N LEU A 297 9.02 -5.70 33.79
CA LEU A 297 8.98 -4.29 33.42
C LEU A 297 7.60 -3.68 33.62
N GLY A 298 6.98 -3.96 34.77
CA GLY A 298 5.73 -3.36 35.16
C GLY A 298 4.52 -3.82 34.36
N PRO A 299 3.31 -3.53 34.88
CA PRO A 299 2.04 -3.93 34.24
C PRO A 299 1.89 -3.34 32.84
N HIS A 300 1.79 -4.22 31.85
CA HIS A 300 1.69 -3.79 30.45
C HIS A 300 0.24 -3.58 30.03
N PRO A 301 0.02 -2.78 28.97
CA PRO A 301 -1.31 -2.57 28.40
C PRO A 301 -2.00 -3.86 27.98
N TRP A 302 -1.21 -4.87 27.62
CA TRP A 302 -1.74 -6.18 27.29
C TRP A 302 -1.07 -7.25 28.16
N ALA A 303 -1.70 -8.41 28.25
CA ALA A 303 -1.11 -9.53 28.97
C ALA A 303 -0.01 -10.18 28.14
N LEU A 304 1.21 -10.15 28.67
CA LEU A 304 2.35 -10.75 27.98
C LEU A 304 2.68 -12.11 28.58
N THR A 305 1.97 -13.14 28.12
CA THR A 305 2.15 -14.49 28.63
C THR A 305 2.83 -15.38 27.59
N PHE A 306 2.54 -16.68 27.64
CA PHE A 306 3.25 -17.64 26.82
C PHE A 306 2.34 -18.60 26.05
N SER A 307 2.82 -19.06 24.90
CA SER A 307 2.19 -20.14 24.16
C SER A 307 3.25 -21.19 23.87
N TYR A 308 3.83 -21.74 24.93
CA TYR A 308 4.97 -22.64 24.82
C TYR A 308 4.58 -24.07 24.46
N GLY A 309 5.50 -24.76 23.81
CA GLY A 309 5.35 -26.17 23.54
C GLY A 309 6.64 -26.89 23.88
N ARG A 310 7.76 -26.36 23.37
CA ARG A 310 9.08 -26.90 23.66
C ARG A 310 9.45 -26.65 25.12
N ALA A 311 9.13 -25.45 25.60
CA ALA A 311 9.52 -25.04 26.95
C ALA A 311 8.70 -25.73 28.04
N LEU A 312 7.69 -26.49 27.63
CA LEU A 312 6.81 -27.15 28.59
C LEU A 312 6.86 -28.68 28.47
N GLN A 313 7.33 -29.17 27.33
CA GLN A 313 7.25 -30.60 27.04
C GLN A 313 8.60 -31.30 26.91
N ALA A 314 9.67 -30.52 26.78
CA ALA A 314 10.99 -31.08 26.54
C ALA A 314 11.43 -32.02 27.67
N SER A 315 11.30 -31.57 28.91
CA SER A 315 11.71 -32.37 30.06
C SER A 315 10.68 -33.44 30.39
N VAL A 316 9.43 -33.21 30.00
CA VAL A 316 8.36 -34.16 30.23
C VAL A 316 8.60 -35.45 29.44
N LEU A 317 8.93 -35.29 28.16
CA LEU A 317 9.21 -36.42 27.29
C LEU A 317 10.41 -37.22 27.79
N ASN A 318 11.43 -36.52 28.27
CA ASN A 318 12.64 -37.18 28.78
C ASN A 318 12.35 -37.99 30.04
N THR A 319 11.40 -37.52 30.84
CA THR A 319 11.03 -38.22 32.08
C THR A 319 10.10 -39.39 31.78
N TRP A 320 9.16 -39.17 30.88
CA TRP A 320 8.17 -40.18 30.52
C TRP A 320 8.80 -41.36 29.78
N GLN A 321 9.48 -41.06 28.67
CA GLN A 321 10.14 -42.08 27.85
C GLN A 321 9.19 -43.18 27.38
N GLY A 322 7.94 -42.83 27.16
CA GLY A 322 6.97 -43.76 26.63
C GLY A 322 6.61 -44.92 27.56
N LYS A 323 6.86 -44.73 28.86
CA LYS A 323 6.57 -45.78 29.83
C LYS A 323 5.53 -45.32 30.85
N LYS A 324 4.57 -46.20 31.13
CA LYS A 324 3.46 -45.89 32.01
C LYS A 324 3.90 -45.63 33.44
N GLU A 325 5.01 -46.26 33.85
CA GLU A 325 5.50 -46.15 35.21
C GLU A 325 6.05 -44.77 35.53
N ASN A 326 6.19 -43.93 34.50
CA ASN A 326 6.76 -42.59 34.68
C ASN A 326 5.76 -41.47 34.37
N VAL A 327 4.50 -41.84 34.18
CA VAL A 327 3.46 -40.86 33.82
C VAL A 327 3.27 -39.80 34.91
N ALA A 328 2.97 -40.23 36.13
CA ALA A 328 2.78 -39.31 37.23
C ALA A 328 4.05 -38.53 37.53
N LYS A 329 5.19 -39.18 37.31
CA LYS A 329 6.49 -38.55 37.50
C LYS A 329 6.71 -37.43 36.47
N ALA A 330 6.29 -37.68 35.25
CA ALA A 330 6.43 -36.71 34.17
C ALA A 330 5.40 -35.60 34.28
N ARG A 331 4.24 -35.93 34.82
CA ARG A 331 3.16 -34.94 34.98
C ARG A 331 3.55 -33.87 36.00
N GLU A 332 4.36 -34.25 36.99
CA GLU A 332 4.84 -33.29 37.97
C GLU A 332 5.88 -32.37 37.32
N VAL A 333 6.65 -32.92 36.39
CA VAL A 333 7.62 -32.14 35.63
C VAL A 333 6.90 -31.10 34.78
N LEU A 334 5.74 -31.49 34.26
CA LEU A 334 4.91 -30.59 33.48
C LEU A 334 4.36 -29.46 34.34
N LEU A 335 3.97 -29.79 35.57
CA LEU A 335 3.38 -28.82 36.48
C LEU A 335 4.40 -27.79 36.97
N GLN A 336 5.63 -28.23 37.23
CA GLN A 336 6.65 -27.32 37.73
C GLN A 336 7.12 -26.37 36.63
N ARG A 337 7.03 -26.82 35.38
CA ARG A 337 7.37 -25.95 34.26
C ARG A 337 6.23 -24.98 33.97
N ALA A 338 5.00 -25.47 34.13
CA ALA A 338 3.82 -24.63 33.96
C ALA A 338 3.77 -23.54 35.02
N GLU A 339 4.15 -23.91 36.25
CA GLU A 339 4.17 -22.96 37.36
C GLU A 339 5.31 -21.96 37.18
N ALA A 340 6.41 -22.43 36.59
CA ALA A 340 7.58 -21.59 36.35
C ALA A 340 7.24 -20.44 35.40
N ASN A 341 6.56 -20.77 34.31
CA ASN A 341 6.16 -19.77 33.32
C ASN A 341 4.97 -18.94 33.82
N SER A 342 4.21 -19.50 34.75
CA SER A 342 3.10 -18.79 35.36
C SER A 342 3.62 -17.65 36.24
N LEU A 343 4.63 -17.96 37.05
CA LEU A 343 5.27 -16.96 37.89
C LEU A 343 6.01 -15.94 37.03
N ALA A 344 6.41 -16.36 35.83
CA ALA A 344 7.09 -15.48 34.90
C ALA A 344 6.17 -14.38 34.40
N THR A 345 4.87 -14.67 34.38
CA THR A 345 3.88 -13.69 33.94
C THR A 345 3.72 -12.58 34.97
N TYR A 346 3.98 -12.89 36.23
CA TYR A 346 3.89 -11.91 37.31
C TYR A 346 5.21 -11.19 37.51
N GLY A 347 6.26 -11.71 36.89
CA GLY A 347 7.59 -11.17 37.08
C GLY A 347 8.16 -11.59 38.43
N LYS A 348 7.61 -12.68 38.96
CA LYS A 348 8.03 -13.17 40.26
C LYS A 348 8.66 -14.56 40.15
N TYR A 349 9.37 -14.79 39.04
CA TYR A 349 10.06 -16.07 38.84
C TYR A 349 11.56 -15.92 39.03
N LYS A 350 12.06 -16.44 40.15
CA LYS A 350 13.49 -16.44 40.41
C LYS A 350 14.17 -17.51 39.58
N GLY A 351 15.49 -17.41 39.43
CA GLY A 351 16.26 -18.33 38.62
C GLY A 351 16.13 -19.78 39.05
N GLY A 352 16.08 -20.00 40.36
CA GLY A 352 15.95 -21.34 40.89
C GLY A 352 16.03 -21.37 42.40
N GLU B 6 23.96 -6.86 -5.50
CA GLU B 6 22.67 -7.09 -6.15
C GLU B 6 21.51 -6.58 -5.28
N TYR B 7 20.54 -5.95 -5.92
CA TYR B 7 19.36 -5.43 -5.22
C TYR B 7 18.51 -6.56 -4.68
N MET B 8 18.51 -6.73 -3.36
CA MET B 8 17.86 -7.87 -2.73
C MET B 8 16.35 -7.70 -2.62
N ASN B 9 15.90 -6.50 -2.25
CA ASN B 9 14.48 -6.24 -2.02
C ASN B 9 13.67 -6.21 -3.32
N ALA B 10 13.64 -7.33 -4.03
CA ALA B 10 12.91 -7.43 -5.28
C ALA B 10 12.69 -8.88 -5.66
N PRO B 11 11.54 -9.17 -6.29
CA PRO B 11 11.23 -10.53 -6.78
C PRO B 11 12.30 -11.05 -7.73
N LYS B 12 12.83 -12.23 -7.44
CA LYS B 12 13.91 -12.81 -8.23
C LYS B 12 13.42 -13.26 -9.60
N LYS B 13 14.35 -13.41 -10.54
CA LYS B 13 14.01 -13.81 -11.90
C LYS B 13 13.63 -15.27 -11.99
N LEU B 14 12.97 -15.63 -13.09
CA LEU B 14 12.65 -17.03 -13.38
C LEU B 14 13.80 -17.67 -14.14
N PRO B 15 13.94 -19.00 -14.04
CA PRO B 15 14.94 -19.70 -14.85
C PRO B 15 14.71 -19.46 -16.34
N ALA B 16 15.80 -19.26 -17.09
CA ALA B 16 15.74 -18.89 -18.49
C ALA B 16 14.92 -19.86 -19.34
N ASP B 17 15.09 -21.16 -19.08
CA ASP B 17 14.40 -22.19 -19.86
C ASP B 17 12.88 -22.13 -19.66
N VAL B 18 12.46 -21.78 -18.44
CA VAL B 18 11.04 -21.72 -18.12
C VAL B 18 10.40 -20.44 -18.66
N ALA B 19 11.08 -19.31 -18.46
CA ALA B 19 10.57 -18.02 -18.91
C ALA B 19 10.37 -17.99 -20.43
N GLU B 20 11.29 -18.60 -21.15
CA GLU B 20 11.22 -18.64 -22.60
C GLU B 20 10.05 -19.49 -23.09
N GLU B 21 9.78 -20.58 -22.38
CA GLU B 21 8.69 -21.48 -22.75
C GLU B 21 7.34 -20.84 -22.49
N LEU B 22 7.24 -20.11 -21.37
CA LEU B 22 6.01 -19.41 -21.02
C LEU B 22 5.72 -18.28 -21.99
N ALA B 23 6.77 -17.60 -22.44
CA ALA B 23 6.61 -16.50 -23.38
C ALA B 23 6.16 -17.00 -24.74
N THR B 24 6.71 -18.13 -25.18
CA THR B 24 6.35 -18.73 -26.46
C THR B 24 4.89 -19.18 -26.47
N THR B 25 4.50 -19.88 -25.41
CA THR B 25 3.14 -20.40 -25.29
C THR B 25 2.11 -19.26 -25.26
N ALA B 26 2.45 -18.19 -24.54
CA ALA B 26 1.58 -17.03 -24.43
C ALA B 26 1.31 -16.40 -25.78
N GLN B 27 2.36 -16.22 -26.58
CA GLN B 27 2.23 -15.66 -27.91
CA GLN B 27 2.24 -15.66 -27.92
C GLN B 27 1.38 -16.55 -28.81
N LYS B 28 1.62 -17.85 -28.72
CA LYS B 28 0.88 -18.82 -29.54
C LYS B 28 -0.61 -18.84 -29.20
N LEU B 29 -0.94 -18.57 -27.94
CA LEU B 29 -2.31 -18.56 -27.49
C LEU B 29 -3.09 -17.37 -28.05
N VAL B 30 -2.36 -16.32 -28.42
CA VAL B 30 -3.00 -15.11 -28.93
C VAL B 30 -2.53 -14.76 -30.34
N GLN B 31 -2.18 -15.78 -31.13
CA GLN B 31 -1.74 -15.57 -32.50
C GLN B 31 -2.88 -14.96 -33.33
N ALA B 32 -2.51 -14.31 -34.43
CA ALA B 32 -3.45 -13.54 -35.24
C ALA B 32 -4.64 -14.38 -35.73
N GLY B 33 -5.84 -13.88 -35.49
CA GLY B 33 -7.06 -14.51 -35.98
C GLY B 33 -7.51 -15.71 -35.18
N LYS B 34 -6.87 -15.95 -34.05
CA LYS B 34 -7.22 -17.09 -33.22
C LYS B 34 -7.51 -16.68 -31.78
N GLY B 35 -8.43 -17.40 -31.15
CA GLY B 35 -8.81 -17.13 -29.77
C GLY B 35 -8.79 -18.38 -28.92
N ILE B 36 -9.38 -18.29 -27.73
CA ILE B 36 -9.41 -19.42 -26.80
C ILE B 36 -10.83 -19.93 -26.58
N LEU B 37 -11.00 -21.24 -26.60
CA LEU B 37 -12.28 -21.86 -26.32
C LEU B 37 -12.42 -22.18 -24.84
N ALA B 38 -13.35 -21.51 -24.18
CA ALA B 38 -13.58 -21.73 -22.75
C ALA B 38 -14.62 -22.83 -22.55
N ALA B 39 -14.15 -24.06 -22.42
CA ALA B 39 -15.03 -25.21 -22.20
C ALA B 39 -14.76 -25.85 -20.85
N ASP B 40 -14.45 -25.02 -19.86
CA ASP B 40 -14.10 -25.51 -18.53
C ASP B 40 -15.26 -25.40 -17.55
N GLU B 41 -16.48 -25.59 -18.05
CA GLU B 41 -17.66 -25.55 -17.20
C GLU B 41 -17.62 -26.68 -16.17
N SER B 42 -17.88 -26.34 -14.92
CA SER B 42 -17.91 -27.34 -13.85
C SER B 42 -19.10 -28.27 -14.01
N THR B 43 -19.14 -29.32 -13.20
CA THR B 43 -20.21 -30.31 -13.27
C THR B 43 -21.56 -29.67 -12.95
N GLN B 44 -21.55 -28.67 -12.07
CA GLN B 44 -22.77 -28.00 -11.65
C GLN B 44 -23.26 -26.99 -12.69
N THR B 45 -22.31 -26.36 -13.38
CA THR B 45 -22.65 -25.35 -14.39
C THR B 45 -23.06 -26.01 -15.71
N ILE B 46 -22.36 -27.06 -16.09
CA ILE B 46 -22.66 -27.77 -17.33
C ILE B 46 -24.00 -28.49 -17.20
N LYS B 47 -24.45 -28.69 -15.96
CA LYS B 47 -25.76 -29.27 -15.71
C LYS B 47 -26.85 -28.31 -16.14
N LYS B 48 -26.62 -27.03 -15.88
CA LYS B 48 -27.55 -25.98 -16.27
C LYS B 48 -27.73 -25.92 -17.78
N ARG B 49 -26.62 -26.14 -18.50
CA ARG B 49 -26.63 -26.09 -19.96
C ARG B 49 -27.32 -27.31 -20.55
N PHE B 50 -27.23 -28.44 -19.86
CA PHE B 50 -27.86 -29.66 -20.32
C PHE B 50 -29.34 -29.69 -19.97
N ASP B 51 -29.74 -28.87 -19.00
CA ASP B 51 -31.14 -28.78 -18.61
C ASP B 51 -31.96 -27.97 -19.62
N ASN B 52 -31.33 -26.99 -20.24
CA ASN B 52 -31.99 -26.16 -21.23
C ASN B 52 -32.31 -26.94 -22.50
N ILE B 53 -31.56 -28.00 -22.74
CA ILE B 53 -31.79 -28.88 -23.89
C ILE B 53 -32.42 -30.19 -23.41
N LYS B 54 -32.79 -30.22 -22.13
CA LYS B 54 -33.38 -31.41 -21.50
C LYS B 54 -32.51 -32.64 -21.70
N LEU B 55 -31.29 -32.59 -21.17
CA LEU B 55 -30.35 -33.69 -21.28
C LEU B 55 -29.79 -34.05 -19.91
N GLU B 56 -29.71 -35.34 -19.62
CA GLU B 56 -29.23 -35.82 -18.33
C GLU B 56 -27.74 -35.55 -18.16
N ASN B 57 -27.38 -34.93 -17.04
CA ASN B 57 -25.97 -34.60 -16.78
C ASN B 57 -25.18 -35.81 -16.31
N THR B 58 -24.73 -36.63 -17.26
CA THR B 58 -23.92 -37.80 -16.94
C THR B 58 -22.49 -37.61 -17.46
N ILE B 59 -21.61 -38.51 -17.06
CA ILE B 59 -20.23 -38.49 -17.54
C ILE B 59 -20.21 -38.86 -19.03
N GLU B 60 -21.19 -39.65 -19.44
CA GLU B 60 -21.29 -40.09 -20.83
C GLU B 60 -21.60 -38.93 -21.77
N ASN B 61 -22.51 -38.07 -21.35
CA ASN B 61 -22.92 -36.93 -22.18
C ASN B 61 -21.92 -35.78 -22.14
N ARG B 62 -21.32 -35.55 -20.99
CA ARG B 62 -20.29 -34.52 -20.85
C ARG B 62 -19.11 -34.83 -21.76
N ALA B 63 -18.72 -36.11 -21.79
CA ALA B 63 -17.66 -36.56 -22.65
C ALA B 63 -18.06 -36.42 -24.12
N SER B 64 -19.30 -36.80 -24.42
CA SER B 64 -19.81 -36.74 -25.79
C SER B 64 -19.87 -35.31 -26.30
N TYR B 65 -20.23 -34.38 -25.43
CA TYR B 65 -20.33 -32.98 -25.81
C TYR B 65 -18.95 -32.36 -26.04
N ARG B 66 -18.00 -32.69 -25.17
CA ARG B 66 -16.64 -32.17 -25.31
C ARG B 66 -15.97 -32.78 -26.54
N ASP B 67 -16.34 -34.01 -26.86
CA ASP B 67 -15.86 -34.66 -28.07
C ASP B 67 -16.39 -33.95 -29.31
N LEU B 68 -17.61 -33.44 -29.20
CA LEU B 68 -18.23 -32.70 -30.30
C LEU B 68 -17.43 -31.43 -30.59
N LEU B 69 -17.00 -30.75 -29.53
CA LEU B 69 -16.28 -29.50 -29.68
C LEU B 69 -14.85 -29.71 -30.19
N PHE B 70 -14.10 -30.58 -29.51
CA PHE B 70 -12.68 -30.73 -29.78
C PHE B 70 -12.42 -31.62 -30.99
N GLY B 71 -13.42 -32.40 -31.38
CA GLY B 71 -13.29 -33.30 -32.51
C GLY B 71 -13.67 -32.64 -33.82
N THR B 72 -13.96 -31.34 -33.76
CA THR B 72 -14.35 -30.59 -34.95
C THR B 72 -13.13 -30.24 -35.79
N LYS B 73 -13.06 -30.80 -37.00
CA LYS B 73 -11.95 -30.54 -37.91
C LYS B 73 -11.98 -29.10 -38.41
N GLY B 74 -10.81 -28.47 -38.45
CA GLY B 74 -10.70 -27.10 -38.92
C GLY B 74 -10.85 -26.07 -37.81
N LEU B 75 -11.13 -26.54 -36.60
CA LEU B 75 -11.30 -25.66 -35.45
C LEU B 75 -9.97 -25.02 -35.06
N GLY B 76 -8.88 -25.73 -35.29
CA GLY B 76 -7.56 -25.26 -34.93
C GLY B 76 -7.12 -24.02 -35.68
N LYS B 77 -7.80 -23.74 -36.79
CA LYS B 77 -7.50 -22.56 -37.59
C LYS B 77 -8.07 -21.30 -36.93
N PHE B 78 -9.07 -21.49 -36.08
CA PHE B 78 -9.72 -20.36 -35.42
C PHE B 78 -9.50 -20.39 -33.90
N ILE B 79 -9.09 -21.54 -33.39
CA ILE B 79 -8.88 -21.70 -31.96
C ILE B 79 -7.43 -22.10 -31.66
N SER B 80 -6.76 -21.31 -30.81
CA SER B 80 -5.38 -21.56 -30.46
C SER B 80 -5.26 -22.31 -29.14
N GLY B 81 -6.30 -22.21 -28.31
CA GLY B 81 -6.29 -22.84 -27.01
C GLY B 81 -7.67 -23.22 -26.52
N ALA B 82 -7.75 -24.29 -25.75
CA ALA B 82 -9.02 -24.75 -25.18
C ALA B 82 -8.87 -25.01 -23.69
N ILE B 83 -9.66 -24.29 -22.89
CA ILE B 83 -9.61 -24.44 -21.44
C ILE B 83 -10.47 -25.62 -21.00
N LEU B 84 -9.91 -26.51 -20.19
CA LEU B 84 -10.60 -27.71 -19.76
C LEU B 84 -10.91 -27.71 -18.27
N PHE B 85 -11.93 -28.49 -17.88
CA PHE B 85 -12.17 -28.80 -16.49
C PHE B 85 -11.28 -30.00 -16.14
N GLU B 86 -11.09 -30.25 -14.85
CA GLU B 86 -10.21 -31.33 -14.42
C GLU B 86 -10.67 -32.69 -14.94
N GLU B 87 -11.99 -32.90 -14.95
CA GLU B 87 -12.57 -34.15 -15.44
C GLU B 87 -12.24 -34.40 -16.91
N THR B 88 -12.43 -33.37 -17.73
CA THR B 88 -12.22 -33.47 -19.17
C THR B 88 -10.76 -33.75 -19.50
N LEU B 89 -9.86 -33.24 -18.67
CA LEU B 89 -8.42 -33.34 -18.91
C LEU B 89 -7.96 -34.79 -18.93
N PHE B 90 -8.60 -35.62 -18.12
CA PHE B 90 -8.26 -37.04 -18.04
C PHE B 90 -9.40 -37.90 -18.58
N GLN B 91 -10.15 -37.37 -19.55
CA GLN B 91 -11.34 -38.04 -20.05
C GLN B 91 -11.16 -38.55 -21.48
N LYS B 92 -11.89 -39.60 -21.82
CA LYS B 92 -11.85 -40.16 -23.18
C LYS B 92 -13.26 -40.29 -23.75
N ASN B 93 -13.35 -40.38 -25.07
CA ASN B 93 -14.65 -40.52 -25.73
C ASN B 93 -15.09 -41.98 -25.81
N GLU B 94 -16.07 -42.26 -26.65
CA GLU B 94 -16.58 -43.61 -26.83
C GLU B 94 -15.55 -44.52 -27.48
N ALA B 95 -14.71 -43.92 -28.33
CA ALA B 95 -13.69 -44.66 -29.05
C ALA B 95 -12.43 -44.87 -28.21
N GLY B 96 -12.46 -44.36 -26.98
CA GLY B 96 -11.34 -44.53 -26.07
C GLY B 96 -10.21 -43.56 -26.32
N VAL B 97 -10.45 -42.58 -27.19
CA VAL B 97 -9.45 -41.56 -27.50
C VAL B 97 -9.54 -40.39 -26.53
N PRO B 98 -8.42 -40.08 -25.88
CA PRO B 98 -8.33 -38.96 -24.92
C PRO B 98 -8.72 -37.64 -25.56
N MET B 99 -9.43 -36.79 -24.83
CA MET B 99 -9.90 -35.51 -25.36
C MET B 99 -8.73 -34.60 -25.71
N VAL B 100 -7.68 -34.71 -24.91
CA VAL B 100 -6.48 -33.93 -25.14
C VAL B 100 -5.89 -34.27 -26.52
N ASN B 101 -5.87 -35.55 -26.87
CA ASN B 101 -5.36 -35.97 -28.17
C ASN B 101 -6.14 -35.36 -29.34
N LEU B 102 -7.43 -35.12 -29.14
CA LEU B 102 -8.26 -34.49 -30.17
C LEU B 102 -7.82 -33.04 -30.37
N LEU B 103 -7.42 -32.39 -29.28
CA LEU B 103 -6.92 -31.03 -29.33
C LEU B 103 -5.55 -30.97 -30.01
N HIS B 104 -4.73 -31.99 -29.77
CA HIS B 104 -3.40 -32.06 -30.35
C HIS B 104 -3.47 -32.23 -31.87
N ASN B 105 -4.49 -32.95 -32.34
CA ASN B 105 -4.65 -33.19 -33.77
C ASN B 105 -4.99 -31.91 -34.53
N GLU B 106 -5.65 -30.97 -33.86
CA GLU B 106 -5.95 -29.68 -34.45
C GLU B 106 -4.95 -28.63 -33.97
N ASN B 107 -3.91 -29.10 -33.29
CA ASN B 107 -2.86 -28.25 -32.73
C ASN B 107 -3.43 -27.19 -31.78
N ILE B 108 -4.49 -27.56 -31.07
CA ILE B 108 -5.09 -26.67 -30.08
C ILE B 108 -4.47 -26.91 -28.71
N ILE B 109 -3.94 -25.85 -28.12
CA ILE B 109 -3.24 -25.94 -26.83
C ILE B 109 -4.21 -26.18 -25.68
N PRO B 110 -3.99 -27.27 -24.93
CA PRO B 110 -4.83 -27.61 -23.77
C PRO B 110 -4.63 -26.68 -22.58
N GLY B 111 -5.73 -26.27 -21.96
CA GLY B 111 -5.67 -25.43 -20.78
C GLY B 111 -6.52 -26.00 -19.67
N ILE B 112 -6.21 -25.66 -18.42
CA ILE B 112 -6.92 -26.21 -17.28
C ILE B 112 -7.34 -25.16 -16.27
N LYS B 113 -8.61 -25.21 -15.87
CA LYS B 113 -9.12 -24.39 -14.77
C LYS B 113 -8.57 -24.93 -13.46
N VAL B 114 -7.87 -24.10 -12.70
CA VAL B 114 -7.17 -24.57 -11.51
C VAL B 114 -7.66 -23.96 -10.20
N ASP B 115 -8.70 -23.15 -10.25
CA ASP B 115 -9.25 -22.57 -9.03
C ASP B 115 -10.33 -23.47 -8.44
N LYS B 116 -10.64 -23.28 -7.17
CA LYS B 116 -11.58 -24.13 -6.46
C LYS B 116 -12.93 -23.45 -6.19
N GLY B 117 -13.25 -22.44 -6.98
CA GLY B 117 -14.53 -21.76 -6.85
C GLY B 117 -14.47 -20.53 -5.97
N LEU B 118 -15.64 -20.02 -5.59
CA LEU B 118 -15.72 -18.77 -4.83
C LEU B 118 -16.24 -18.97 -3.41
N VAL B 119 -15.71 -18.17 -2.49
CA VAL B 119 -16.22 -18.11 -1.13
C VAL B 119 -16.39 -16.65 -0.71
N ASN B 120 -17.33 -16.41 0.20
CA ASN B 120 -17.62 -15.04 0.64
C ASN B 120 -16.50 -14.47 1.51
N ILE B 121 -16.25 -13.17 1.35
CA ILE B 121 -15.28 -12.49 2.19
C ILE B 121 -15.97 -11.91 3.42
N PRO B 122 -15.55 -12.36 4.61
CA PRO B 122 -16.07 -11.83 5.88
C PRO B 122 -15.95 -10.31 5.96
N CYS B 123 -16.86 -9.68 6.69
CA CYS B 123 -16.90 -8.21 6.86
C CYS B 123 -17.13 -7.49 5.53
N THR B 124 -17.69 -8.19 4.56
CA THR B 124 -18.11 -7.60 3.30
C THR B 124 -19.53 -8.04 2.98
N ASP B 125 -20.18 -7.34 2.06
CA ASP B 125 -21.54 -7.70 1.68
C ASP B 125 -21.53 -8.75 0.57
N GLU B 126 -21.23 -10.00 0.94
CA GLU B 126 -21.22 -11.14 0.03
C GLU B 126 -20.25 -10.95 -1.14
N GLU B 127 -19.19 -10.19 -0.92
CA GLU B 127 -18.15 -10.07 -1.94
C GLU B 127 -17.29 -11.33 -1.93
N LYS B 128 -16.88 -11.78 -3.11
CA LYS B 128 -16.32 -13.12 -3.26
C LYS B 128 -14.80 -13.17 -3.20
N SER B 129 -14.29 -14.33 -2.76
CA SER B 129 -12.87 -14.63 -2.80
C SER B 129 -12.67 -15.99 -3.48
N THR B 130 -11.56 -16.15 -4.19
CA THR B 130 -11.33 -17.39 -4.92
C THR B 130 -10.38 -18.32 -4.18
N GLN B 131 -10.75 -19.59 -4.10
CA GLN B 131 -9.91 -20.61 -3.46
C GLN B 131 -9.13 -21.41 -4.49
N GLY B 132 -8.05 -22.06 -4.05
CA GLY B 132 -7.28 -22.93 -4.92
C GLY B 132 -5.79 -22.88 -4.73
N LEU B 133 -5.32 -22.08 -3.80
CA LEU B 133 -3.89 -21.91 -3.57
C LEU B 133 -3.27 -23.14 -2.93
N ASP B 134 -4.01 -23.79 -2.04
CA ASP B 134 -3.50 -24.96 -1.31
C ASP B 134 -3.26 -26.13 -2.26
N GLY B 135 -2.01 -26.54 -2.39
CA GLY B 135 -1.65 -27.67 -3.22
C GLY B 135 -1.73 -27.36 -4.71
N LEU B 136 -1.69 -26.08 -5.04
CA LEU B 136 -1.78 -25.64 -6.43
C LEU B 136 -0.57 -26.08 -7.24
N ALA B 137 0.62 -25.99 -6.63
CA ALA B 137 1.87 -26.34 -7.30
C ALA B 137 1.88 -27.83 -7.69
N GLU B 138 1.35 -28.67 -6.81
CA GLU B 138 1.29 -30.10 -7.07
C GLU B 138 0.36 -30.41 -8.24
N ARG B 139 -0.79 -29.74 -8.27
CA ARG B 139 -1.75 -29.95 -9.33
C ARG B 139 -1.22 -29.43 -10.66
N CYS B 140 -0.48 -28.33 -10.60
CA CYS B 140 0.13 -27.74 -11.80
C CYS B 140 1.11 -28.70 -12.46
N LYS B 141 1.78 -29.51 -11.66
CA LYS B 141 2.76 -30.47 -12.16
C LYS B 141 2.07 -31.62 -12.89
N GLU B 142 0.97 -32.11 -12.34
CA GLU B 142 0.25 -33.21 -12.96
C GLU B 142 -0.62 -32.73 -14.12
N TYR B 143 -1.01 -31.46 -14.07
CA TYR B 143 -1.75 -30.86 -15.18
C TYR B 143 -0.83 -30.68 -16.38
N TYR B 144 0.41 -30.30 -16.10
CA TYR B 144 1.40 -30.14 -17.17
C TYR B 144 1.76 -31.49 -17.76
N LYS B 145 1.82 -32.51 -16.92
CA LYS B 145 2.15 -33.85 -17.36
C LYS B 145 1.04 -34.42 -18.24
N ALA B 146 -0.19 -34.00 -17.98
CA ALA B 146 -1.34 -34.50 -18.72
C ALA B 146 -1.51 -33.78 -20.07
N GLY B 147 -0.84 -32.65 -20.23
CA GLY B 147 -0.83 -31.97 -21.51
C GLY B 147 -1.15 -30.48 -21.50
N ALA B 148 -1.60 -29.95 -20.36
CA ALA B 148 -1.95 -28.54 -20.26
C ALA B 148 -0.73 -27.65 -20.37
N ARG B 149 -0.85 -26.56 -21.13
CA ARG B 149 0.25 -25.62 -21.30
C ARG B 149 -0.14 -24.21 -20.87
N PHE B 150 -1.34 -24.08 -20.32
CA PHE B 150 -1.76 -22.83 -19.69
C PHE B 150 -2.92 -23.09 -18.71
N ALA B 151 -3.17 -22.14 -17.83
CA ALA B 151 -4.19 -22.32 -16.79
C ALA B 151 -5.05 -21.07 -16.61
N LYS B 152 -6.12 -21.20 -15.84
CA LYS B 152 -7.03 -20.08 -15.59
C LYS B 152 -7.49 -20.04 -14.13
N TRP B 153 -7.72 -18.83 -13.63
CA TRP B 153 -8.16 -18.60 -12.26
C TRP B 153 -9.21 -17.49 -12.25
N ARG B 154 -10.47 -17.86 -12.04
CA ARG B 154 -11.56 -16.90 -12.14
C ARG B 154 -11.87 -16.19 -10.83
N THR B 155 -11.93 -14.87 -10.89
CA THR B 155 -12.33 -14.05 -9.75
C THR B 155 -13.50 -13.15 -10.13
N VAL B 156 -14.28 -12.74 -9.13
CA VAL B 156 -15.49 -11.96 -9.38
C VAL B 156 -15.59 -10.70 -8.50
N LEU B 157 -15.82 -9.57 -9.15
CA LEU B 157 -16.10 -8.32 -8.44
C LEU B 157 -17.47 -7.79 -8.86
N VAL B 158 -18.13 -7.08 -7.96
CA VAL B 158 -19.47 -6.57 -8.23
C VAL B 158 -19.50 -5.05 -8.17
N ILE B 159 -20.21 -4.42 -9.11
CA ILE B 159 -20.38 -2.98 -9.10
C ILE B 159 -21.69 -2.57 -8.45
N ASP B 160 -21.59 -2.00 -7.25
CA ASP B 160 -22.73 -1.44 -6.55
C ASP B 160 -22.31 -0.13 -5.91
N THR B 161 -22.46 0.96 -6.67
CA THR B 161 -21.99 2.27 -6.26
C THR B 161 -22.61 2.75 -4.94
N ALA B 162 -23.84 2.31 -4.67
CA ALA B 162 -24.52 2.68 -3.44
C ALA B 162 -23.86 2.01 -2.23
N LYS B 163 -23.41 0.79 -2.41
CA LYS B 163 -22.75 0.04 -1.34
C LYS B 163 -21.23 0.14 -1.44
N GLY B 164 -20.76 0.98 -2.35
CA GLY B 164 -19.33 1.19 -2.53
C GLY B 164 -18.62 -0.03 -3.08
N LYS B 165 -19.34 -0.85 -3.83
CA LYS B 165 -18.77 -2.06 -4.42
C LYS B 165 -18.16 -1.78 -5.79
N PRO B 166 -16.98 -2.37 -6.07
CA PRO B 166 -16.24 -3.25 -5.14
C PRO B 166 -15.41 -2.45 -4.13
N THR B 167 -15.41 -2.92 -2.88
CA THR B 167 -14.67 -2.24 -1.82
C THR B 167 -13.18 -2.50 -1.95
N ASP B 168 -12.38 -1.77 -1.16
CA ASP B 168 -10.93 -1.93 -1.16
C ASP B 168 -10.53 -3.35 -0.81
N LEU B 169 -11.24 -3.95 0.15
CA LEU B 169 -10.96 -5.30 0.59
C LEU B 169 -11.21 -6.31 -0.52
N SER B 170 -12.29 -6.10 -1.26
CA SER B 170 -12.64 -6.97 -2.37
C SER B 170 -11.59 -6.89 -3.48
N ILE B 171 -11.14 -5.68 -3.76
CA ILE B 171 -10.18 -5.45 -4.84
C ILE B 171 -8.83 -6.09 -4.55
N HIS B 172 -8.29 -5.85 -3.35
CA HIS B 172 -6.96 -6.32 -3.02
C HIS B 172 -6.91 -7.83 -2.82
N GLU B 173 -7.96 -8.41 -2.27
CA GLU B 173 -8.04 -9.85 -2.12
C GLU B 173 -8.06 -10.53 -3.48
N THR B 174 -8.84 -9.98 -4.40
CA THR B 174 -8.89 -10.46 -5.77
C THR B 174 -7.53 -10.29 -6.45
N ALA B 175 -6.96 -9.11 -6.30
CA ALA B 175 -5.67 -8.78 -6.92
C ALA B 175 -4.55 -9.68 -6.42
N TRP B 176 -4.44 -9.81 -5.10
CA TRP B 176 -3.34 -10.59 -4.51
C TRP B 176 -3.53 -12.08 -4.75
N GLY B 177 -4.78 -12.53 -4.73
CA GLY B 177 -5.08 -13.93 -5.00
C GLY B 177 -4.68 -14.32 -6.42
N LEU B 178 -4.95 -13.43 -7.36
CA LEU B 178 -4.60 -13.65 -8.76
C LEU B 178 -3.09 -13.71 -8.96
N ALA B 179 -2.37 -12.78 -8.32
CA ALA B 179 -0.93 -12.71 -8.44
C ALA B 179 -0.27 -13.95 -7.85
N ARG B 180 -0.79 -14.41 -6.72
CA ARG B 180 -0.29 -15.61 -6.06
CA ARG B 180 -0.29 -15.61 -6.07
C ARG B 180 -0.41 -16.82 -6.97
N TYR B 181 -1.56 -16.94 -7.63
CA TYR B 181 -1.83 -18.06 -8.53
C TYR B 181 -0.94 -18.02 -9.77
N ALA B 182 -0.66 -16.82 -10.25
CA ALA B 182 0.10 -16.64 -11.48
C ALA B 182 1.57 -17.03 -11.29
N SER B 183 2.15 -16.61 -10.17
CA SER B 183 3.56 -16.90 -9.89
C SER B 183 3.78 -18.39 -9.65
N ILE B 184 2.77 -19.07 -9.10
CA ILE B 184 2.85 -20.51 -8.87
C ILE B 184 2.80 -21.28 -10.18
N CYS B 185 1.89 -20.87 -11.07
CA CYS B 185 1.75 -21.51 -12.37
C CYS B 185 3.00 -21.35 -13.22
N GLN B 186 3.56 -20.15 -13.22
CA GLN B 186 4.75 -19.86 -14.01
C GLN B 186 5.96 -20.62 -13.50
N GLN B 187 5.99 -20.89 -12.20
CA GLN B 187 7.07 -21.67 -11.60
C GLN B 187 7.00 -23.12 -12.06
N ASN B 188 5.78 -23.58 -12.32
CA ASN B 188 5.57 -24.96 -12.77
C ASN B 188 5.29 -25.03 -14.27
N ARG B 189 5.76 -24.00 -14.98
CA ARG B 189 5.67 -23.93 -16.44
C ARG B 189 4.24 -23.93 -16.96
N LEU B 190 3.34 -23.25 -16.24
CA LEU B 190 1.98 -23.06 -16.72
C LEU B 190 1.72 -21.58 -16.99
N VAL B 191 1.29 -21.25 -18.20
CA VAL B 191 0.96 -19.88 -18.55
C VAL B 191 -0.36 -19.46 -17.90
N PRO B 192 -0.30 -18.52 -16.95
CA PRO B 192 -1.48 -18.14 -16.18
C PRO B 192 -2.38 -17.14 -16.91
N ILE B 193 -3.67 -17.44 -16.96
CA ILE B 193 -4.67 -16.50 -17.47
C ILE B 193 -5.33 -15.80 -16.29
N VAL B 194 -4.98 -14.53 -16.10
CA VAL B 194 -5.52 -13.75 -14.99
C VAL B 194 -6.90 -13.21 -15.33
N GLU B 195 -7.91 -13.65 -14.58
CA GLU B 195 -9.29 -13.25 -14.85
C GLU B 195 -9.92 -12.50 -13.68
N PRO B 196 -9.86 -11.16 -13.74
CA PRO B 196 -10.55 -10.29 -12.78
C PRO B 196 -11.92 -9.85 -13.31
N GLU B 197 -12.83 -10.80 -13.48
CA GLU B 197 -14.13 -10.50 -14.07
C GLU B 197 -14.97 -9.57 -13.20
N ILE B 198 -15.37 -8.44 -13.76
CA ILE B 198 -16.29 -7.53 -13.09
C ILE B 198 -17.67 -7.67 -13.70
N LEU B 199 -18.62 -8.17 -12.91
CA LEU B 199 -19.96 -8.45 -13.39
C LEU B 199 -20.67 -7.21 -13.91
N ALA B 200 -21.51 -7.40 -14.92
CA ALA B 200 -22.24 -6.29 -15.53
C ALA B 200 -23.64 -6.16 -14.93
N ASP B 201 -23.90 -6.93 -13.88
CA ASP B 201 -25.19 -6.87 -13.19
C ASP B 201 -25.34 -5.53 -12.46
N GLY B 202 -26.49 -4.89 -12.65
CA GLY B 202 -26.76 -3.61 -12.03
C GLY B 202 -27.19 -2.56 -13.03
N PRO B 203 -27.57 -1.37 -12.55
CA PRO B 203 -28.00 -0.26 -13.40
C PRO B 203 -26.91 0.78 -13.64
N HIS B 204 -25.67 0.44 -13.31
CA HIS B 204 -24.56 1.38 -13.46
C HIS B 204 -24.29 1.68 -14.93
N SER B 205 -23.88 2.91 -15.21
CA SER B 205 -23.58 3.35 -16.57
C SER B 205 -22.25 2.79 -17.04
N ILE B 206 -21.96 2.99 -18.33
CA ILE B 206 -20.72 2.47 -18.91
C ILE B 206 -19.52 3.29 -18.44
N GLU B 207 -19.77 4.53 -18.06
CA GLU B 207 -18.72 5.40 -17.54
C GLU B 207 -18.25 4.89 -16.17
N VAL B 208 -19.20 4.45 -15.36
CA VAL B 208 -18.88 3.91 -14.04
C VAL B 208 -18.06 2.62 -14.17
N CYS B 209 -18.46 1.77 -15.10
CA CYS B 209 -17.77 0.50 -15.34
C CYS B 209 -16.31 0.74 -15.75
N ALA B 210 -16.09 1.78 -16.54
CA ALA B 210 -14.73 2.13 -16.97
C ALA B 210 -13.88 2.58 -15.79
N VAL B 211 -14.48 3.35 -14.89
CA VAL B 211 -13.79 3.83 -13.71
C VAL B 211 -13.42 2.67 -12.78
N VAL B 212 -14.37 1.75 -12.59
CA VAL B 212 -14.14 0.59 -11.74
C VAL B 212 -13.11 -0.34 -12.35
N THR B 213 -13.27 -0.66 -13.63
CA THR B 213 -12.37 -1.56 -14.34
C THR B 213 -10.93 -1.07 -14.30
N GLN B 214 -10.76 0.23 -14.53
CA GLN B 214 -9.43 0.84 -14.52
C GLN B 214 -8.78 0.75 -13.14
N LYS B 215 -9.56 1.01 -12.11
CA LYS B 215 -9.07 0.96 -10.73
C LYS B 215 -8.68 -0.46 -10.35
N VAL B 216 -9.50 -1.43 -10.76
CA VAL B 216 -9.25 -2.83 -10.45
C VAL B 216 -8.00 -3.34 -11.17
N LEU B 217 -7.89 -3.05 -12.45
CA LEU B 217 -6.77 -3.52 -13.25
C LEU B 217 -5.46 -2.90 -12.81
N SER B 218 -5.52 -1.68 -12.29
CA SER B 218 -4.33 -1.01 -11.76
CA SER B 218 -4.33 -1.01 -11.76
C SER B 218 -3.80 -1.76 -10.54
N CYS B 219 -4.73 -2.23 -9.71
CA CYS B 219 -4.37 -2.95 -8.49
C CYS B 219 -3.89 -4.37 -8.79
N VAL B 220 -4.44 -4.97 -9.85
CA VAL B 220 -4.08 -6.32 -10.23
C VAL B 220 -2.64 -6.40 -10.70
N PHE B 221 -2.28 -5.56 -11.67
CA PHE B 221 -0.93 -5.56 -12.22
C PHE B 221 0.11 -5.13 -11.20
N LYS B 222 -0.31 -4.32 -10.23
CA LYS B 222 0.56 -3.94 -9.13
C LYS B 222 0.92 -5.17 -8.31
N ALA B 223 -0.08 -6.01 -8.04
CA ALA B 223 0.12 -7.24 -7.29
C ALA B 223 0.97 -8.23 -8.08
N LEU B 224 0.83 -8.21 -9.39
CA LEU B 224 1.60 -9.08 -10.27
C LEU B 224 3.09 -8.77 -10.21
N GLN B 225 3.42 -7.49 -10.28
CA GLN B 225 4.81 -7.05 -10.22
CA GLN B 225 4.82 -7.07 -10.24
C GLN B 225 5.44 -7.33 -8.86
N GLU B 226 4.63 -7.23 -7.82
CA GLU B 226 5.10 -7.48 -6.46
C GLU B 226 5.38 -8.95 -6.21
N ASN B 227 4.70 -9.81 -6.96
CA ASN B 227 4.89 -11.26 -6.83
C ASN B 227 5.88 -11.80 -7.86
N GLY B 228 6.33 -10.94 -8.75
CA GLY B 228 7.33 -11.30 -9.75
C GLY B 228 6.77 -12.09 -10.91
N VAL B 229 5.52 -11.82 -11.25
CA VAL B 229 4.88 -12.50 -12.38
C VAL B 229 5.43 -11.98 -13.71
N LEU B 230 5.98 -12.88 -14.50
CA LEU B 230 6.48 -12.53 -15.82
C LEU B 230 5.33 -12.18 -16.75
N LEU B 231 5.21 -10.89 -17.08
CA LEU B 231 4.11 -10.43 -17.91
C LEU B 231 4.17 -10.99 -19.33
N GLU B 232 5.39 -11.26 -19.80
CA GLU B 232 5.57 -11.82 -21.15
C GLU B 232 4.95 -13.20 -21.28
N GLY B 233 4.90 -13.93 -20.16
CA GLY B 233 4.33 -15.26 -20.14
C GLY B 233 3.02 -15.32 -19.40
N ALA B 234 2.18 -14.32 -19.62
CA ALA B 234 0.87 -14.26 -18.97
C ALA B 234 -0.19 -13.65 -19.89
N LEU B 235 -1.45 -13.93 -19.58
CA LEU B 235 -2.56 -13.36 -20.34
C LEU B 235 -3.61 -12.78 -19.39
N LEU B 236 -4.29 -11.72 -19.85
CA LEU B 236 -5.33 -11.09 -19.06
C LEU B 236 -6.72 -11.47 -19.58
N LYS B 237 -7.60 -11.84 -18.66
CA LYS B 237 -8.97 -12.20 -19.01
C LYS B 237 -9.98 -11.27 -18.31
N PRO B 238 -10.16 -10.06 -18.86
CA PRO B 238 -11.05 -9.08 -18.24
C PRO B 238 -12.43 -9.07 -18.87
N ASN B 239 -13.34 -8.32 -18.28
CA ASN B 239 -14.66 -8.09 -18.86
C ASN B 239 -14.61 -6.91 -19.82
N MET B 240 -15.51 -6.91 -20.81
CA MET B 240 -15.64 -5.76 -21.68
C MET B 240 -16.29 -4.61 -20.93
N VAL B 241 -15.77 -3.41 -21.09
CA VAL B 241 -16.34 -2.24 -20.45
C VAL B 241 -17.69 -1.91 -21.08
N THR B 242 -18.76 -2.32 -20.40
CA THR B 242 -20.12 -2.10 -20.89
C THR B 242 -20.97 -1.48 -19.79
N ALA B 243 -22.16 -1.01 -20.17
CA ALA B 243 -23.12 -0.53 -19.19
C ALA B 243 -23.73 -1.72 -18.45
N GLY B 244 -24.49 -1.43 -17.40
CA GLY B 244 -25.13 -2.48 -16.63
C GLY B 244 -26.25 -3.16 -17.40
N TYR B 245 -26.64 -4.36 -16.97
CA TYR B 245 -27.72 -5.09 -17.61
C TYR B 245 -29.05 -4.35 -17.46
N GLU B 246 -29.16 -3.56 -16.39
CA GLU B 246 -30.39 -2.84 -16.11
C GLU B 246 -30.21 -1.33 -16.22
N CYS B 247 -29.19 -0.92 -16.97
CA CYS B 247 -28.93 0.51 -17.16
C CYS B 247 -29.86 1.10 -18.22
N THR B 248 -30.38 2.30 -17.95
CA THR B 248 -31.31 2.94 -18.85
C THR B 248 -30.62 3.58 -20.05
N ALA B 249 -29.48 4.22 -19.80
CA ALA B 249 -28.72 4.89 -20.85
C ALA B 249 -28.25 3.91 -21.92
N LYS B 250 -28.81 4.04 -23.12
CA LYS B 250 -28.48 3.15 -24.22
C LYS B 250 -27.07 3.41 -24.73
N THR B 251 -26.33 2.32 -24.95
CA THR B 251 -24.97 2.41 -25.46
C THR B 251 -24.75 1.44 -26.63
N THR B 252 -24.33 1.99 -27.77
CA THR B 252 -24.05 1.16 -28.94
C THR B 252 -22.70 0.46 -28.81
N THR B 253 -22.34 -0.30 -29.83
CA THR B 253 -21.11 -1.07 -29.80
C THR B 253 -19.87 -0.18 -29.90
N GLN B 254 -20.07 1.06 -30.35
CA GLN B 254 -18.97 2.02 -30.45
C GLN B 254 -18.57 2.51 -29.07
N ASP B 255 -19.55 2.67 -28.19
CA ASP B 255 -19.28 3.10 -26.82
C ASP B 255 -18.52 2.03 -26.05
N VAL B 256 -18.90 0.77 -26.29
CA VAL B 256 -18.24 -0.36 -25.65
C VAL B 256 -16.78 -0.46 -26.09
N GLY B 257 -16.55 -0.34 -27.39
CA GLY B 257 -15.21 -0.44 -27.94
C GLY B 257 -14.27 0.65 -27.48
N PHE B 258 -14.74 1.89 -27.49
CA PHE B 258 -13.92 3.04 -27.12
C PHE B 258 -13.48 2.99 -25.66
N LEU B 259 -14.44 2.80 -24.77
CA LEU B 259 -14.18 2.85 -23.33
C LEU B 259 -13.43 1.61 -22.85
N THR B 260 -13.52 0.52 -23.60
CA THR B 260 -12.76 -0.69 -23.28
C THR B 260 -11.29 -0.51 -23.63
N VAL B 261 -11.03 -0.02 -24.85
CA VAL B 261 -9.67 0.21 -25.30
C VAL B 261 -8.97 1.27 -24.46
N ARG B 262 -9.69 2.34 -24.14
CA ARG B 262 -9.15 3.41 -23.30
C ARG B 262 -8.69 2.87 -21.95
N THR B 263 -9.53 2.04 -21.34
CA THR B 263 -9.23 1.44 -20.05
C THR B 263 -7.99 0.56 -20.14
N LEU B 264 -7.88 -0.19 -21.23
CA LEU B 264 -6.78 -1.12 -21.42
C LEU B 264 -5.45 -0.40 -21.67
N ARG B 265 -5.51 0.73 -22.37
CA ARG B 265 -4.31 1.48 -22.69
C ARG B 265 -3.71 2.17 -21.47
N ARG B 266 -4.55 2.39 -20.47
CA ARG B 266 -4.13 3.13 -19.29
C ARG B 266 -3.52 2.25 -18.19
N THR B 267 -3.73 0.95 -18.28
CA THR B 267 -3.36 0.07 -17.16
C THR B 267 -2.52 -1.15 -17.56
N VAL B 268 -2.70 -1.65 -18.78
CA VAL B 268 -1.98 -2.84 -19.23
C VAL B 268 -0.68 -2.53 -19.96
N PRO B 269 0.46 -2.95 -19.39
CA PRO B 269 1.76 -2.79 -20.02
C PRO B 269 1.88 -3.58 -21.33
N PRO B 270 2.64 -3.05 -22.30
CA PRO B 270 2.84 -3.69 -23.60
C PRO B 270 3.53 -5.05 -23.51
N ALA B 271 4.20 -5.34 -22.40
CA ALA B 271 4.90 -6.60 -22.22
C ALA B 271 3.93 -7.78 -22.22
N LEU B 272 2.69 -7.50 -21.80
CA LEU B 272 1.63 -8.50 -21.87
C LEU B 272 1.31 -8.78 -23.33
N PRO B 273 1.57 -10.03 -23.77
CA PRO B 273 1.44 -10.41 -25.18
C PRO B 273 0.02 -10.27 -25.73
N GLY B 274 -0.98 -10.53 -24.90
CA GLY B 274 -2.36 -10.47 -25.35
C GLY B 274 -3.39 -10.35 -24.24
N VAL B 275 -4.62 -10.02 -24.63
CA VAL B 275 -5.73 -9.89 -23.71
C VAL B 275 -6.95 -10.60 -24.26
N VAL B 276 -7.48 -11.58 -23.52
CA VAL B 276 -8.62 -12.35 -23.97
C VAL B 276 -9.92 -11.89 -23.30
N PHE B 277 -10.85 -11.39 -24.10
CA PHE B 277 -12.12 -10.87 -23.59
C PHE B 277 -13.13 -11.97 -23.33
N LEU B 278 -13.79 -11.91 -22.18
CA LEU B 278 -14.83 -12.88 -21.84
C LEU B 278 -16.16 -12.40 -22.40
N SER B 279 -16.97 -13.34 -22.86
CA SER B 279 -18.27 -13.02 -23.45
CA SER B 279 -18.27 -13.02 -23.45
C SER B 279 -19.27 -12.57 -22.39
N GLY B 280 -19.16 -13.13 -21.20
CA GLY B 280 -20.08 -12.80 -20.11
C GLY B 280 -21.49 -13.21 -20.45
N GLY B 281 -22.46 -12.35 -20.10
CA GLY B 281 -23.86 -12.63 -20.38
C GLY B 281 -24.31 -12.11 -21.73
N GLN B 282 -23.37 -11.60 -22.52
CA GLN B 282 -23.69 -11.08 -23.85
C GLN B 282 -24.13 -12.20 -24.77
N SER B 283 -24.96 -11.87 -25.76
CA SER B 283 -25.39 -12.85 -26.74
C SER B 283 -24.25 -13.18 -27.68
N GLU B 284 -24.40 -14.28 -28.42
CA GLU B 284 -23.35 -14.74 -29.34
C GLU B 284 -22.99 -13.68 -30.38
N GLU B 285 -24.01 -13.05 -30.95
CA GLU B 285 -23.81 -12.05 -31.98
C GLU B 285 -23.20 -10.77 -31.41
N GLU B 286 -23.75 -10.30 -30.29
CA GLU B 286 -23.29 -9.07 -29.66
C GLU B 286 -21.87 -9.20 -29.12
N ALA B 287 -21.49 -10.41 -28.76
CA ALA B 287 -20.13 -10.67 -28.29
C ALA B 287 -19.14 -10.52 -29.43
N SER B 288 -19.55 -10.91 -30.64
CA SER B 288 -18.71 -10.80 -31.81
C SER B 288 -18.63 -9.36 -32.30
N VAL B 289 -19.77 -8.67 -32.26
CA VAL B 289 -19.85 -7.28 -32.71
C VAL B 289 -18.99 -6.38 -31.82
N ASN B 290 -19.14 -6.54 -30.51
CA ASN B 290 -18.37 -5.75 -29.55
C ASN B 290 -16.87 -6.00 -29.68
N LEU B 291 -16.49 -7.27 -29.83
CA LEU B 291 -15.10 -7.63 -30.03
C LEU B 291 -14.55 -7.02 -31.32
N ASN B 292 -15.38 -7.00 -32.34
CA ASN B 292 -15.02 -6.40 -33.62
C ASN B 292 -14.81 -4.89 -33.50
N SER B 293 -15.69 -4.24 -32.74
CA SER B 293 -15.60 -2.80 -32.53
C SER B 293 -14.32 -2.41 -31.79
N ILE B 294 -13.88 -3.31 -30.91
CA ILE B 294 -12.65 -3.09 -30.15
C ILE B 294 -11.42 -3.13 -31.06
N ASN B 295 -11.37 -4.12 -31.94
CA ASN B 295 -10.25 -4.27 -32.86
CA ASN B 295 -10.25 -4.28 -32.86
C ASN B 295 -10.37 -3.36 -34.07
N ALA B 296 -11.55 -2.78 -34.26
CA ALA B 296 -11.76 -1.84 -35.35
C ALA B 296 -11.03 -0.54 -35.06
N LEU B 297 -10.73 -0.32 -33.79
CA LEU B 297 -10.03 0.89 -33.35
C LEU B 297 -8.53 0.78 -33.55
N GLY B 298 -8.12 0.42 -34.75
CA GLY B 298 -6.71 0.37 -35.11
C GLY B 298 -5.92 -0.75 -34.43
N PRO B 299 -4.65 -0.92 -34.84
CA PRO B 299 -3.75 -1.94 -34.29
C PRO B 299 -3.37 -1.65 -32.85
N HIS B 300 -3.28 -2.69 -32.03
CA HIS B 300 -2.97 -2.52 -30.61
C HIS B 300 -1.63 -3.16 -30.24
N PRO B 301 -0.90 -2.55 -29.30
CA PRO B 301 0.36 -3.06 -28.75
C PRO B 301 0.25 -4.49 -28.22
N TRP B 302 -0.94 -4.89 -27.79
CA TRP B 302 -1.18 -6.29 -27.47
C TRP B 302 -2.32 -6.84 -28.31
N ALA B 303 -2.41 -8.16 -28.37
CA ALA B 303 -3.49 -8.82 -29.10
C ALA B 303 -4.77 -8.80 -28.28
N LEU B 304 -5.82 -8.22 -28.86
CA LEU B 304 -7.12 -8.16 -28.19
C LEU B 304 -8.07 -9.18 -28.81
N THR B 305 -7.92 -10.43 -28.38
CA THR B 305 -8.75 -11.51 -28.90
C THR B 305 -9.80 -11.94 -27.88
N PHE B 306 -10.21 -13.21 -27.94
CA PHE B 306 -11.32 -13.67 -27.12
C PHE B 306 -11.04 -14.99 -26.40
N SER B 307 -11.76 -15.21 -25.30
CA SER B 307 -11.79 -16.50 -24.63
C SER B 307 -13.25 -16.80 -24.28
N TYR B 308 -14.04 -17.15 -25.28
CA TYR B 308 -15.48 -17.28 -25.13
C TYR B 308 -15.93 -18.68 -24.71
N GLY B 309 -17.08 -18.73 -24.06
CA GLY B 309 -17.74 -19.99 -23.73
C GLY B 309 -19.17 -19.95 -24.20
N ARG B 310 -19.96 -19.01 -23.66
CA ARG B 310 -21.35 -18.85 -24.06
C ARG B 310 -21.47 -18.46 -25.52
N ALA B 311 -20.62 -17.54 -25.96
CA ALA B 311 -20.70 -17.03 -27.33
C ALA B 311 -20.24 -18.04 -28.37
N LEU B 312 -19.77 -19.20 -27.92
CA LEU B 312 -19.30 -20.24 -28.81
C LEU B 312 -20.04 -21.55 -28.64
N GLN B 313 -20.87 -21.65 -27.60
CA GLN B 313 -21.52 -22.91 -27.28
C GLN B 313 -23.05 -22.82 -27.16
N ALA B 314 -23.58 -21.60 -27.13
CA ALA B 314 -25.01 -21.40 -26.93
C ALA B 314 -25.83 -22.00 -28.07
N SER B 315 -25.43 -21.72 -29.32
CA SER B 315 -26.14 -22.23 -30.48
C SER B 315 -25.74 -23.66 -30.80
N VAL B 316 -24.53 -24.04 -30.39
CA VAL B 316 -24.04 -25.40 -30.62
C VAL B 316 -24.86 -26.39 -29.82
N LEU B 317 -25.16 -26.04 -28.57
CA LEU B 317 -25.99 -26.88 -27.71
C LEU B 317 -27.41 -27.01 -28.22
N ASN B 318 -27.97 -25.89 -28.68
CA ASN B 318 -29.33 -25.89 -29.22
C ASN B 318 -29.46 -26.70 -30.49
N THR B 319 -28.39 -26.77 -31.26
CA THR B 319 -28.37 -27.56 -32.48
C THR B 319 -28.19 -29.04 -32.16
N TRP B 320 -27.36 -29.31 -31.16
CA TRP B 320 -27.05 -30.67 -30.75
C TRP B 320 -28.25 -31.36 -30.10
N GLN B 321 -28.72 -30.79 -28.99
CA GLN B 321 -29.82 -31.34 -28.20
C GLN B 321 -29.54 -32.76 -27.74
N GLY B 322 -28.26 -33.07 -27.52
CA GLY B 322 -27.86 -34.37 -27.01
C GLY B 322 -28.18 -35.51 -27.96
N LYS B 323 -28.13 -35.23 -29.26
CA LYS B 323 -28.45 -36.24 -30.27
C LYS B 323 -27.27 -36.49 -31.20
N LYS B 324 -26.99 -37.76 -31.45
CA LYS B 324 -25.86 -38.15 -32.30
C LYS B 324 -26.02 -37.66 -33.74
N GLU B 325 -27.26 -37.59 -34.22
CA GLU B 325 -27.52 -37.20 -35.60
C GLU B 325 -27.47 -35.68 -35.78
N ASN B 326 -27.14 -34.97 -34.71
CA ASN B 326 -27.02 -33.51 -34.76
C ASN B 326 -25.60 -33.03 -34.53
N VAL B 327 -24.67 -33.98 -34.42
CA VAL B 327 -23.26 -33.65 -34.20
C VAL B 327 -22.69 -32.85 -35.35
N ALA B 328 -22.95 -33.32 -36.57
CA ALA B 328 -22.45 -32.66 -37.78
C ALA B 328 -22.99 -31.24 -37.89
N LYS B 329 -24.29 -31.07 -37.65
CA LYS B 329 -24.92 -29.77 -37.74
C LYS B 329 -24.45 -28.84 -36.63
N ALA B 330 -24.12 -29.41 -35.47
CA ALA B 330 -23.66 -28.62 -34.34
C ALA B 330 -22.20 -28.19 -34.51
N ARG B 331 -21.39 -29.08 -35.07
CA ARG B 331 -19.97 -28.80 -35.28
C ARG B 331 -19.76 -27.71 -36.33
N GLU B 332 -20.69 -27.61 -37.27
CA GLU B 332 -20.60 -26.59 -38.31
C GLU B 332 -21.05 -25.24 -37.78
N VAL B 333 -21.98 -25.26 -36.82
CA VAL B 333 -22.39 -24.03 -36.14
C VAL B 333 -21.23 -23.50 -35.31
N LEU B 334 -20.48 -24.42 -34.70
CA LEU B 334 -19.31 -24.07 -33.91
C LEU B 334 -18.25 -23.38 -34.76
N LEU B 335 -17.97 -23.95 -35.93
CA LEU B 335 -16.99 -23.37 -36.85
C LEU B 335 -17.44 -21.99 -37.34
N GLN B 336 -18.75 -21.83 -37.49
CA GLN B 336 -19.31 -20.56 -37.92
C GLN B 336 -19.04 -19.47 -36.87
N ARG B 337 -19.28 -19.79 -35.61
CA ARG B 337 -19.05 -18.85 -34.52
C ARG B 337 -17.55 -18.65 -34.29
N ALA B 338 -16.78 -19.71 -34.56
CA ALA B 338 -15.33 -19.64 -34.42
C ALA B 338 -14.75 -18.66 -35.44
N GLU B 339 -15.18 -18.79 -36.69
CA GLU B 339 -14.70 -17.91 -37.74
CA GLU B 339 -14.72 -17.90 -37.76
C GLU B 339 -15.24 -16.48 -37.56
N ALA B 340 -16.46 -16.38 -37.05
CA ALA B 340 -17.09 -15.08 -36.80
C ALA B 340 -16.26 -14.23 -35.85
N ASN B 341 -15.88 -14.83 -34.73
CA ASN B 341 -15.06 -14.14 -33.73
C ASN B 341 -13.62 -13.98 -34.22
N SER B 342 -13.19 -14.86 -35.10
CA SER B 342 -11.86 -14.78 -35.68
C SER B 342 -11.72 -13.52 -36.53
N LEU B 343 -12.78 -13.20 -37.28
CA LEU B 343 -12.80 -12.00 -38.11
C LEU B 343 -12.90 -10.75 -37.24
N ALA B 344 -13.51 -10.89 -36.06
CA ALA B 344 -13.69 -9.76 -35.16
C ALA B 344 -12.36 -9.26 -34.63
N THR B 345 -11.41 -10.18 -34.45
CA THR B 345 -10.08 -9.82 -33.98
C THR B 345 -9.32 -9.01 -35.03
N TYR B 346 -9.71 -9.19 -36.28
CA TYR B 346 -9.14 -8.42 -37.39
C TYR B 346 -9.83 -7.07 -37.53
N GLY B 347 -10.98 -6.93 -36.89
CA GLY B 347 -11.81 -5.75 -37.05
C GLY B 347 -12.49 -5.79 -38.40
N LYS B 348 -12.78 -7.00 -38.87
CA LYS B 348 -13.38 -7.21 -40.18
C LYS B 348 -14.55 -8.19 -40.13
N TYR B 349 -15.39 -8.05 -39.10
CA TYR B 349 -16.57 -8.90 -38.98
C TYR B 349 -17.85 -8.10 -39.23
N LYS B 350 -18.71 -8.63 -40.10
CA LYS B 350 -19.99 -7.99 -40.39
C LYS B 350 -21.13 -8.93 -40.05
N GLY B 351 -22.35 -8.39 -40.01
CA GLY B 351 -23.52 -9.16 -39.64
C GLY B 351 -23.81 -10.32 -40.57
N GLY B 352 -24.13 -10.02 -41.83
CA GLY B 352 -24.42 -11.04 -42.80
C GLY B 352 -23.93 -10.68 -44.19
N GLU C 6 -22.63 6.97 -9.23
CA GLU C 6 -21.20 7.10 -9.49
C GLU C 6 -20.40 6.36 -8.43
N TYR C 7 -19.22 5.87 -8.81
CA TYR C 7 -18.42 5.02 -7.94
C TYR C 7 -17.85 5.77 -6.74
N MET C 8 -17.75 7.09 -6.86
CA MET C 8 -17.30 7.97 -5.78
C MET C 8 -15.88 7.67 -5.29
N ASN C 9 -15.68 6.50 -4.69
CA ASN C 9 -14.36 6.14 -4.15
C ASN C 9 -13.34 5.89 -5.26
N ALA C 10 -13.08 6.93 -6.05
CA ALA C 10 -12.13 6.86 -7.15
C ALA C 10 -11.85 8.27 -7.63
N PRO C 11 -10.61 8.54 -8.05
CA PRO C 11 -10.22 9.86 -8.54
C PRO C 11 -11.12 10.36 -9.67
N LYS C 12 -11.62 11.59 -9.53
CA LYS C 12 -12.47 12.19 -10.55
C LYS C 12 -11.71 12.43 -11.85
N LYS C 13 -12.44 12.65 -12.93
CA LYS C 13 -11.82 12.93 -14.22
C LYS C 13 -11.68 14.43 -14.44
N LEU C 14 -10.68 14.80 -15.24
CA LEU C 14 -10.48 16.21 -15.61
C LEU C 14 -11.58 16.66 -16.56
N PRO C 15 -11.85 17.98 -16.59
CA PRO C 15 -12.79 18.53 -17.56
C PRO C 15 -12.36 18.22 -19.00
N ALA C 16 -13.33 18.05 -19.89
CA ALA C 16 -13.05 17.64 -21.26
C ALA C 16 -12.13 18.60 -22.00
N ASP C 17 -12.26 19.88 -21.70
CA ASP C 17 -11.44 20.90 -22.35
C ASP C 17 -9.97 20.81 -21.93
N VAL C 18 -9.75 20.66 -20.63
CA VAL C 18 -8.40 20.57 -20.08
C VAL C 18 -7.69 19.30 -20.54
N ALA C 19 -8.38 18.17 -20.41
CA ALA C 19 -7.81 16.88 -20.78
C ALA C 19 -7.44 16.82 -22.26
N GLU C 20 -8.21 17.51 -23.08
CA GLU C 20 -7.98 17.51 -24.52
C GLU C 20 -6.74 18.33 -24.87
N GLU C 21 -6.57 19.48 -24.22
CA GLU C 21 -5.41 20.33 -24.47
C GLU C 21 -4.13 19.67 -23.99
N LEU C 22 -4.20 18.99 -22.85
CA LEU C 22 -3.04 18.30 -22.30
C LEU C 22 -2.58 17.19 -23.22
N ALA C 23 -3.53 16.43 -23.76
CA ALA C 23 -3.23 15.32 -24.66
C ALA C 23 -2.59 15.83 -25.95
N THR C 24 -3.07 16.97 -26.44
CA THR C 24 -2.54 17.57 -27.66
C THR C 24 -1.09 18.02 -27.47
N THR C 25 -0.86 18.75 -26.38
CA THR C 25 0.47 19.26 -26.07
C THR C 25 1.47 18.14 -25.84
N ALA C 26 1.07 17.15 -25.05
CA ALA C 26 1.95 16.02 -24.73
C ALA C 26 2.34 15.25 -25.97
N GLN C 27 1.37 15.09 -26.89
CA GLN C 27 1.63 14.38 -28.14
C GLN C 27 2.52 15.22 -29.06
N LYS C 28 2.33 16.53 -29.03
CA LYS C 28 3.09 17.44 -29.88
C LYS C 28 4.53 17.58 -29.38
N LEU C 29 4.74 17.37 -28.08
CA LEU C 29 6.07 17.44 -27.49
C LEU C 29 6.94 16.28 -27.95
N VAL C 30 6.32 15.13 -28.18
CA VAL C 30 7.05 13.94 -28.61
C VAL C 30 6.77 13.59 -30.07
N GLN C 31 6.50 14.62 -30.88
CA GLN C 31 6.23 14.43 -32.30
C GLN C 31 7.42 13.78 -33.00
N ALA C 32 7.14 13.15 -34.14
CA ALA C 32 8.15 12.36 -34.86
C ALA C 32 9.40 13.16 -35.20
N GLY C 33 10.55 12.64 -34.75
CA GLY C 33 11.83 13.22 -35.08
C GLY C 33 12.20 14.45 -34.28
N LYS C 34 11.48 14.69 -33.19
CA LYS C 34 11.75 15.85 -32.36
C LYS C 34 11.89 15.47 -30.88
N GLY C 35 12.61 16.30 -30.14
CA GLY C 35 12.81 16.10 -28.72
C GLY C 35 12.73 17.40 -27.95
N ILE C 36 13.03 17.35 -26.67
CA ILE C 36 12.93 18.52 -25.80
C ILE C 36 14.29 19.02 -25.35
N LEU C 37 14.53 20.31 -25.49
CA LEU C 37 15.77 20.93 -25.00
C LEU C 37 15.62 21.33 -23.54
N ALA C 38 16.43 20.71 -22.69
CA ALA C 38 16.39 21.00 -21.25
C ALA C 38 17.38 22.10 -20.89
N ALA C 39 16.94 23.34 -20.96
CA ALA C 39 17.78 24.48 -20.61
C ALA C 39 17.27 25.16 -19.34
N ASP C 40 16.92 24.34 -18.36
CA ASP C 40 16.33 24.86 -17.12
C ASP C 40 17.27 24.70 -15.93
N GLU C 41 18.55 24.91 -16.16
CA GLU C 41 19.53 24.86 -15.07
C GLU C 41 19.27 26.00 -14.09
N SER C 42 19.34 25.70 -12.81
CA SER C 42 19.15 26.71 -11.78
C SER C 42 20.31 27.70 -11.79
N THR C 43 20.17 28.79 -11.05
CA THR C 43 21.20 29.81 -10.98
C THR C 43 22.50 29.23 -10.40
N GLN C 44 22.35 28.20 -9.57
CA GLN C 44 23.49 27.53 -8.98
C GLN C 44 24.13 26.53 -9.94
N THR C 45 23.29 25.80 -10.65
CA THR C 45 23.76 24.78 -11.59
C THR C 45 24.44 25.42 -12.80
N ILE C 46 23.91 26.56 -13.23
CA ILE C 46 24.42 27.23 -14.42
C ILE C 46 25.80 27.86 -14.16
N LYS C 47 26.11 28.07 -12.88
CA LYS C 47 27.38 28.69 -12.51
C LYS C 47 28.57 27.78 -12.78
N LYS C 48 28.47 26.54 -12.29
CA LYS C 48 29.56 25.57 -12.43
C LYS C 48 29.76 25.17 -13.90
N ARG C 49 28.77 25.46 -14.73
CA ARG C 49 28.88 25.23 -16.17
C ARG C 49 29.57 26.42 -16.82
N PHE C 50 29.44 27.59 -16.21
CA PHE C 50 30.10 28.80 -16.67
C PHE C 50 31.53 28.87 -16.16
N ASP C 51 31.79 28.21 -15.04
CA ASP C 51 33.13 28.18 -14.45
C ASP C 51 34.05 27.31 -15.30
N ASN C 52 33.48 26.31 -15.97
CA ASN C 52 34.25 25.44 -16.84
C ASN C 52 34.76 26.17 -18.07
N ILE C 53 34.00 27.16 -18.53
CA ILE C 53 34.41 27.98 -19.65
C ILE C 53 34.97 29.32 -19.17
N LYS C 54 35.19 29.41 -17.86
CA LYS C 54 35.73 30.61 -17.22
C LYS C 54 34.89 31.85 -17.53
N LEU C 55 33.68 31.87 -17.01
CA LEU C 55 32.76 32.99 -17.24
C LEU C 55 31.96 33.29 -15.98
N GLU C 56 31.81 34.58 -15.67
CA GLU C 56 31.03 35.00 -14.51
C GLU C 56 29.56 34.65 -14.67
N ASN C 57 28.98 34.05 -13.63
CA ASN C 57 27.56 33.73 -13.62
C ASN C 57 26.73 34.97 -13.34
N THR C 58 26.63 35.85 -14.33
CA THR C 58 25.88 37.08 -14.19
C THR C 58 24.52 36.98 -14.87
N ILE C 59 23.65 37.93 -14.57
CA ILE C 59 22.31 37.99 -15.17
C ILE C 59 22.41 38.14 -16.68
N GLU C 60 23.41 38.88 -17.13
CA GLU C 60 23.62 39.11 -18.56
C GLU C 60 24.12 37.85 -19.25
N ASN C 61 25.07 37.17 -18.62
CA ASN C 61 25.65 35.96 -19.19
C ASN C 61 24.64 34.84 -19.33
N ARG C 62 23.77 34.68 -18.34
CA ARG C 62 22.71 33.67 -18.41
C ARG C 62 21.74 34.01 -19.53
N ALA C 63 21.39 35.28 -19.65
CA ALA C 63 20.50 35.74 -20.70
C ALA C 63 21.14 35.57 -22.08
N SER C 64 22.41 35.94 -22.19
CA SER C 64 23.12 35.87 -23.45
C SER C 64 23.26 34.42 -23.93
N TYR C 65 23.48 33.51 -22.99
CA TYR C 65 23.63 32.10 -23.32
C TYR C 65 22.30 31.47 -23.73
N ARG C 66 21.24 31.79 -22.99
CA ARG C 66 19.93 31.25 -23.31
C ARG C 66 19.42 31.83 -24.63
N ASP C 67 19.79 33.08 -24.91
CA ASP C 67 19.45 33.71 -26.18
C ASP C 67 20.13 33.00 -27.35
N LEU C 68 21.35 32.53 -27.11
CA LEU C 68 22.10 31.79 -28.12
C LEU C 68 21.37 30.51 -28.51
N LEU C 69 20.88 29.80 -27.50
CA LEU C 69 20.18 28.54 -27.73
C LEU C 69 18.84 28.75 -28.43
N PHE C 70 18.04 29.68 -27.91
CA PHE C 70 16.67 29.86 -28.37
C PHE C 70 16.59 30.77 -29.59
N GLY C 71 17.70 31.42 -29.93
CA GLY C 71 17.75 32.30 -31.07
C GLY C 71 18.21 31.57 -32.32
N THR C 72 18.55 30.29 -32.15
CA THR C 72 19.02 29.47 -33.27
C THR C 72 17.90 29.19 -34.26
N LYS C 73 18.04 29.74 -35.46
CA LYS C 73 17.04 29.55 -36.50
C LYS C 73 17.14 28.14 -37.09
N GLY C 74 16.00 27.45 -37.15
CA GLY C 74 15.95 26.10 -37.65
C GLY C 74 16.02 25.08 -36.54
N LEU C 75 16.03 25.56 -35.30
CA LEU C 75 16.08 24.68 -34.14
C LEU C 75 14.75 23.94 -33.96
N GLY C 76 13.67 24.56 -34.42
CA GLY C 76 12.35 23.98 -34.32
C GLY C 76 12.17 22.73 -35.16
N LYS C 77 13.13 22.46 -36.04
CA LYS C 77 13.10 21.28 -36.89
C LYS C 77 13.36 20.02 -36.07
N PHE C 78 14.18 20.15 -35.03
CA PHE C 78 14.56 19.01 -34.22
C PHE C 78 14.07 19.14 -32.78
N ILE C 79 13.70 20.36 -32.38
CA ILE C 79 13.25 20.61 -31.01
C ILE C 79 11.77 20.97 -30.96
N SER C 80 11.03 20.25 -30.13
CA SER C 80 9.60 20.48 -29.99
C SER C 80 9.28 21.31 -28.76
N GLY C 81 10.08 21.12 -27.70
CA GLY C 81 9.86 21.82 -26.45
C GLY C 81 11.15 22.28 -25.81
N ALA C 82 11.07 23.34 -25.02
CA ALA C 82 12.23 23.86 -24.32
C ALA C 82 11.89 24.14 -22.86
N ILE C 83 12.53 23.42 -21.95
CA ILE C 83 12.31 23.61 -20.52
C ILE C 83 13.15 24.78 -20.00
N LEU C 84 12.49 25.71 -19.33
CA LEU C 84 13.15 26.91 -18.85
C LEU C 84 13.14 26.99 -17.32
N PHE C 85 14.09 27.72 -16.76
CA PHE C 85 14.08 28.06 -15.35
C PHE C 85 13.13 29.24 -15.16
N GLU C 86 12.74 29.50 -13.91
CA GLU C 86 11.83 30.61 -13.60
C GLU C 86 12.35 31.95 -14.13
N GLU C 87 13.65 32.16 -13.99
CA GLU C 87 14.28 33.40 -14.42
C GLU C 87 14.19 33.63 -15.92
N THR C 88 14.57 32.61 -16.69
CA THR C 88 14.61 32.72 -18.15
C THR C 88 13.22 32.97 -18.74
N LEU C 89 12.19 32.46 -18.05
CA LEU C 89 10.82 32.57 -18.52
C LEU C 89 10.35 34.02 -18.64
N PHE C 90 10.85 34.88 -17.76
CA PHE C 90 10.46 36.29 -17.76
C PHE C 90 11.61 37.18 -18.21
N GLN C 91 12.56 36.61 -18.93
CA GLN C 91 13.74 37.35 -19.35
C GLN C 91 13.63 37.96 -20.74
N LYS C 92 14.46 38.96 -21.00
CA LYS C 92 14.59 39.54 -22.32
C LYS C 92 16.08 39.53 -22.72
N ASN C 93 16.36 39.51 -24.01
CA ASN C 93 17.74 39.49 -24.47
C ASN C 93 18.36 40.89 -24.43
N GLU C 94 19.50 41.04 -25.09
CA GLU C 94 20.20 42.32 -25.14
C GLU C 94 19.40 43.32 -25.98
N ALA C 95 18.61 42.79 -26.92
CA ALA C 95 17.81 43.63 -27.79
C ALA C 95 16.42 43.91 -27.21
N GLY C 96 16.22 43.50 -25.96
CA GLY C 96 14.97 43.75 -25.26
C GLY C 96 13.83 42.86 -25.73
N VAL C 97 14.16 41.80 -26.45
CA VAL C 97 13.17 40.86 -26.95
C VAL C 97 12.99 39.70 -25.96
N PRO C 98 11.74 39.46 -25.53
CA PRO C 98 11.40 38.39 -24.58
C PRO C 98 11.90 37.02 -25.05
N MET C 99 12.42 36.23 -24.11
CA MET C 99 12.97 34.91 -24.44
C MET C 99 11.88 33.95 -24.93
N VAL C 100 10.68 34.09 -24.39
CA VAL C 100 9.58 33.21 -24.75
C VAL C 100 9.12 33.47 -26.19
N ASN C 101 9.38 34.68 -26.67
CA ASN C 101 9.02 35.05 -28.03
C ASN C 101 9.94 34.39 -29.06
N LEU C 102 11.20 34.21 -28.69
CA LEU C 102 12.16 33.54 -29.57
C LEU C 102 11.75 32.09 -29.81
N LEU C 103 11.20 31.46 -28.78
CA LEU C 103 10.72 30.10 -28.90
C LEU C 103 9.45 30.05 -29.74
N HIS C 104 8.62 31.09 -29.63
CA HIS C 104 7.39 31.19 -30.40
C HIS C 104 7.67 31.34 -31.89
N ASN C 105 8.76 32.03 -32.22
CA ASN C 105 9.16 32.23 -33.60
C ASN C 105 9.58 30.91 -34.26
N GLU C 106 10.26 30.07 -33.49
CA GLU C 106 10.62 28.73 -33.96
C GLU C 106 9.51 27.75 -33.64
N ASN C 107 8.44 28.27 -33.05
CA ASN C 107 7.28 27.48 -32.62
C ASN C 107 7.68 26.31 -31.73
N ILE C 108 8.58 26.59 -30.79
CA ILE C 108 8.98 25.60 -29.79
C ILE C 108 8.23 25.86 -28.49
N ILE C 109 7.56 24.84 -27.99
CA ILE C 109 6.74 24.96 -26.78
C ILE C 109 7.59 25.25 -25.54
N PRO C 110 7.31 26.36 -24.85
CA PRO C 110 8.02 26.74 -23.62
C PRO C 110 7.66 25.86 -22.43
N GLY C 111 8.67 25.39 -21.71
CA GLY C 111 8.46 24.58 -20.52
C GLY C 111 9.09 25.21 -19.30
N ILE C 112 8.63 24.80 -18.12
CA ILE C 112 9.09 25.43 -16.88
C ILE C 112 9.36 24.41 -15.76
N LYS C 113 10.49 24.57 -15.09
CA LYS C 113 10.80 23.77 -13.90
C LYS C 113 10.06 24.33 -12.70
N VAL C 114 9.28 23.49 -12.03
CA VAL C 114 8.41 23.97 -10.96
C VAL C 114 8.77 23.43 -9.57
N ASP C 115 9.78 22.56 -9.51
CA ASP C 115 10.21 22.04 -8.21
C ASP C 115 11.26 22.96 -7.59
N LYS C 116 11.53 22.78 -6.31
CA LYS C 116 12.41 23.67 -5.57
C LYS C 116 13.64 22.98 -5.00
N GLY C 117 14.17 22.00 -5.74
CA GLY C 117 15.39 21.33 -5.34
C GLY C 117 15.18 20.13 -4.45
N LEU C 118 16.29 19.61 -3.91
CA LEU C 118 16.25 18.39 -3.11
C LEU C 118 16.61 18.62 -1.65
N VAL C 119 15.89 17.94 -0.76
CA VAL C 119 16.21 17.96 0.67
C VAL C 119 16.36 16.53 1.17
N ASN C 120 17.08 16.36 2.27
CA ASN C 120 17.31 15.03 2.84
C ASN C 120 16.07 14.45 3.50
N ILE C 121 15.79 13.20 3.20
CA ILE C 121 14.74 12.46 3.88
C ILE C 121 15.27 11.95 5.21
N PRO C 122 14.65 12.39 6.33
CA PRO C 122 15.05 11.95 7.66
C PRO C 122 15.01 10.43 7.79
N CYS C 123 15.87 9.87 8.64
CA CYS C 123 15.95 8.44 8.89
C CYS C 123 16.36 7.66 7.63
N THR C 124 17.03 8.34 6.71
CA THR C 124 17.59 7.69 5.53
C THR C 124 19.06 8.11 5.36
N ASP C 125 19.78 7.38 4.52
CA ASP C 125 21.19 7.70 4.28
C ASP C 125 21.33 8.67 3.12
N GLU C 126 21.05 9.95 3.39
CA GLU C 126 21.18 11.01 2.40
C GLU C 126 20.34 10.75 1.15
N GLU C 127 19.19 10.13 1.33
CA GLU C 127 18.26 9.93 0.22
C GLU C 127 17.39 11.17 0.07
N LYS C 128 17.14 11.56 -1.18
CA LYS C 128 16.61 12.89 -1.47
C LYS C 128 15.10 12.95 -1.62
N SER C 129 14.53 14.07 -1.18
CA SER C 129 13.13 14.38 -1.39
C SER C 129 13.02 15.69 -2.16
N THR C 130 12.03 15.78 -3.06
CA THR C 130 11.87 16.98 -3.87
C THR C 130 10.79 17.90 -3.29
N GLN C 131 11.12 19.18 -3.18
CA GLN C 131 10.18 20.17 -2.64
C GLN C 131 9.65 21.08 -3.74
N GLY C 132 8.49 21.68 -3.50
CA GLY C 132 7.91 22.62 -4.44
C GLY C 132 6.40 22.55 -4.57
N LEU C 133 5.77 21.79 -3.67
CA LEU C 133 4.32 21.62 -3.73
C LEU C 133 3.57 22.85 -3.20
N ASP C 134 4.18 23.55 -2.25
CA ASP C 134 3.54 24.73 -1.65
C ASP C 134 3.40 25.86 -2.65
N GLY C 135 2.15 26.24 -2.93
CA GLY C 135 1.86 27.30 -3.87
C GLY C 135 2.12 26.90 -5.31
N LEU C 136 2.16 25.60 -5.57
CA LEU C 136 2.42 25.09 -6.91
C LEU C 136 1.29 25.46 -7.87
N ALA C 137 0.05 25.37 -7.39
CA ALA C 137 -1.11 25.69 -8.20
C ALA C 137 -1.10 27.14 -8.68
N GLU C 138 -0.69 28.04 -7.79
CA GLU C 138 -0.66 29.47 -8.11
C GLU C 138 0.46 29.79 -9.11
N ARG C 139 1.60 29.13 -8.94
CA ARG C 139 2.73 29.35 -9.85
C ARG C 139 2.44 28.77 -11.22
N CYS C 140 1.66 27.70 -11.26
CA CYS C 140 1.28 27.07 -12.53
C CYS C 140 0.39 28.00 -13.35
N LYS C 141 -0.52 28.70 -12.69
CA LYS C 141 -1.35 29.70 -13.35
C LYS C 141 -0.46 30.85 -13.84
N GLU C 142 0.50 31.23 -13.00
CA GLU C 142 1.45 32.29 -13.32
C GLU C 142 2.31 31.92 -14.52
N TYR C 143 2.79 30.68 -14.54
CA TYR C 143 3.64 30.21 -15.62
C TYR C 143 2.86 30.03 -16.92
N TYR C 144 1.61 29.55 -16.80
CA TYR C 144 0.77 29.34 -17.98
C TYR C 144 0.53 30.64 -18.73
N LYS C 145 0.25 31.71 -17.99
CA LYS C 145 -0.01 33.02 -18.60
C LYS C 145 1.25 33.61 -19.20
N ALA C 146 2.41 33.17 -18.71
CA ALA C 146 3.69 33.63 -19.23
C ALA C 146 4.03 32.90 -20.53
N GLY C 147 3.40 31.76 -20.75
CA GLY C 147 3.58 31.02 -21.99
C GLY C 147 3.86 29.53 -21.82
N ALA C 148 3.93 29.06 -20.58
CA ALA C 148 4.21 27.65 -20.32
C ALA C 148 3.04 26.76 -20.72
N ARG C 149 3.35 25.59 -21.27
CA ARG C 149 2.32 24.62 -21.63
C ARG C 149 2.66 23.25 -21.07
N PHE C 150 3.88 23.11 -20.55
CA PHE C 150 4.28 21.88 -19.87
C PHE C 150 5.32 22.19 -18.80
N ALA C 151 5.36 21.36 -17.76
CA ALA C 151 6.27 21.59 -16.64
C ALA C 151 7.12 20.36 -16.32
N LYS C 152 8.07 20.52 -15.41
CA LYS C 152 8.94 19.42 -15.01
C LYS C 152 9.17 19.39 -13.50
N TRP C 153 9.64 18.25 -13.00
CA TRP C 153 9.85 18.03 -11.57
C TRP C 153 10.87 16.93 -11.39
N ARG C 154 12.07 17.28 -10.93
CA ARG C 154 13.17 16.32 -10.84
C ARG C 154 13.25 15.65 -9.47
N THR C 155 13.27 14.32 -9.49
CA THR C 155 13.47 13.53 -8.28
C THR C 155 14.67 12.61 -8.48
N VAL C 156 15.35 12.29 -7.39
CA VAL C 156 16.60 11.53 -7.47
C VAL C 156 16.60 10.27 -6.62
N LEU C 157 16.98 9.15 -7.23
CA LEU C 157 17.17 7.90 -6.51
C LEU C 157 18.61 7.40 -6.66
N VAL C 158 19.08 6.68 -5.64
CA VAL C 158 20.43 6.16 -5.65
C VAL C 158 20.43 4.63 -5.60
N ILE C 159 21.30 4.01 -6.37
CA ILE C 159 21.44 2.56 -6.34
C ILE C 159 22.66 2.15 -5.51
N ASP C 160 22.40 1.57 -4.34
CA ASP C 160 23.45 1.04 -3.49
C ASP C 160 22.99 -0.30 -2.94
N THR C 161 23.39 -1.38 -3.60
CA THR C 161 22.93 -2.73 -3.26
C THR C 161 23.27 -3.13 -1.84
N ALA C 162 24.43 -2.68 -1.35
CA ALA C 162 24.89 -3.03 -0.01
C ALA C 162 24.08 -2.30 1.07
N LYS C 163 23.58 -1.12 0.74
CA LYS C 163 22.85 -0.30 1.69
C LYS C 163 21.33 -0.35 1.46
N GLY C 164 20.91 -1.17 0.52
CA GLY C 164 19.49 -1.32 0.22
C GLY C 164 18.89 -0.10 -0.45
N LYS C 165 19.71 0.66 -1.17
CA LYS C 165 19.24 1.83 -1.90
C LYS C 165 18.82 1.45 -3.32
N PRO C 166 17.67 1.99 -3.77
CA PRO C 166 16.80 2.89 -3.01
C PRO C 166 15.86 2.14 -2.06
N THR C 167 15.78 2.60 -0.82
CA THR C 167 14.91 1.99 0.18
C THR C 167 13.44 2.23 -0.17
N ASP C 168 12.55 1.53 0.53
CA ASP C 168 11.11 1.68 0.30
C ASP C 168 10.65 3.11 0.53
N LEU C 169 11.09 3.70 1.63
CA LEU C 169 10.72 5.07 1.99
C LEU C 169 11.10 6.05 0.87
N SER C 170 12.29 5.87 0.32
CA SER C 170 12.78 6.72 -0.76
C SER C 170 11.91 6.58 -2.01
N ILE C 171 11.41 5.38 -2.25
CA ILE C 171 10.69 5.09 -3.49
C ILE C 171 9.31 5.71 -3.53
N HIS C 172 8.51 5.52 -2.48
CA HIS C 172 7.13 5.99 -2.43
CA HIS C 172 7.15 6.03 -2.55
C HIS C 172 7.03 7.44 -1.98
N GLU C 173 8.15 8.01 -1.55
CA GLU C 173 8.19 9.43 -1.24
C GLU C 173 8.35 10.20 -2.54
N THR C 174 9.24 9.68 -3.39
CA THR C 174 9.44 10.21 -4.73
C THR C 174 8.18 10.01 -5.57
N ALA C 175 7.60 8.81 -5.48
CA ALA C 175 6.42 8.46 -6.26
C ALA C 175 5.23 9.34 -5.92
N TRP C 176 4.99 9.55 -4.62
CA TRP C 176 3.85 10.34 -4.19
C TRP C 176 4.06 11.82 -4.50
N GLY C 177 5.31 12.27 -4.40
CA GLY C 177 5.66 13.64 -4.71
C GLY C 177 5.46 13.93 -6.19
N LEU C 178 5.88 12.98 -7.03
CA LEU C 178 5.71 13.11 -8.48
C LEU C 178 4.22 13.08 -8.85
N ALA C 179 3.47 12.23 -8.15
CA ALA C 179 2.04 12.09 -8.41
C ALA C 179 1.28 13.36 -8.03
N ARG C 180 1.59 13.90 -6.87
CA ARG C 180 0.97 15.13 -6.40
C ARG C 180 1.25 16.30 -7.35
N TYR C 181 2.50 16.43 -7.75
CA TYR C 181 2.92 17.50 -8.66
CA TYR C 181 2.92 17.50 -8.66
C TYR C 181 2.21 17.40 -10.01
N ALA C 182 2.01 16.17 -10.48
CA ALA C 182 1.41 15.93 -11.79
C ALA C 182 -0.05 16.36 -11.84
N SER C 183 -0.83 15.97 -10.84
CA SER C 183 -2.25 16.28 -10.80
C SER C 183 -2.50 17.78 -10.66
N ILE C 184 -1.60 18.46 -9.96
CA ILE C 184 -1.72 19.91 -9.78
C ILE C 184 -1.48 20.65 -11.09
N CYS C 185 -0.43 20.24 -11.81
CA CYS C 185 -0.10 20.87 -13.09
C CYS C 185 -1.18 20.63 -14.13
N GLN C 186 -1.73 19.41 -14.15
CA GLN C 186 -2.80 19.07 -15.09
C GLN C 186 -4.06 19.87 -14.79
N GLN C 187 -4.29 20.16 -13.52
CA GLN C 187 -5.45 20.96 -13.12
C GLN C 187 -5.29 22.39 -13.61
N ASN C 188 -4.05 22.81 -13.83
CA ASN C 188 -3.75 24.16 -14.28
C ASN C 188 -3.27 24.18 -15.73
N ARG C 189 -3.77 23.24 -16.53
CA ARG C 189 -3.52 23.20 -17.97
C ARG C 189 -2.03 23.08 -18.33
N LEU C 190 -1.27 22.39 -17.48
CA LEU C 190 0.15 22.18 -17.74
C LEU C 190 0.50 20.70 -17.80
N VAL C 191 1.11 20.28 -18.91
CA VAL C 191 1.53 18.89 -19.06
C VAL C 191 2.73 18.58 -18.16
N PRO C 192 2.54 17.66 -17.20
CA PRO C 192 3.61 17.35 -16.24
C PRO C 192 4.61 16.33 -16.78
N ILE C 193 5.90 16.66 -16.71
CA ILE C 193 6.95 15.71 -17.04
C ILE C 193 7.43 15.01 -15.78
N VAL C 194 7.11 13.72 -15.66
CA VAL C 194 7.48 12.96 -14.48
C VAL C 194 8.90 12.44 -14.59
N GLU C 195 9.78 12.90 -13.70
CA GLU C 195 11.18 12.51 -13.73
C GLU C 195 11.62 11.80 -12.45
N PRO C 196 11.55 10.46 -12.44
CA PRO C 196 12.11 9.65 -11.36
C PRO C 196 13.55 9.26 -11.68
N GLU C 197 14.45 10.23 -11.68
CA GLU C 197 15.83 9.99 -12.08
C GLU C 197 16.57 9.06 -11.11
N ILE C 198 17.06 7.95 -11.65
CA ILE C 198 17.87 7.01 -10.88
C ILE C 198 19.33 7.18 -11.30
N LEU C 199 20.15 7.64 -10.36
CA LEU C 199 21.56 7.90 -10.63
C LEU C 199 22.30 6.64 -11.09
N ALA C 200 23.28 6.83 -11.96
CA ALA C 200 24.07 5.72 -12.47
C ALA C 200 25.34 5.54 -11.64
N ASP C 201 25.39 6.22 -10.50
CA ASP C 201 26.53 6.12 -9.60
C ASP C 201 26.58 4.75 -8.93
N GLY C 202 27.78 4.19 -8.81
CA GLY C 202 27.96 2.89 -8.20
C GLY C 202 28.53 1.88 -9.18
N PRO C 203 28.85 0.67 -8.68
CA PRO C 203 29.41 -0.41 -9.49
C PRO C 203 28.36 -1.47 -9.86
N HIS C 204 27.09 -1.14 -9.71
CA HIS C 204 26.01 -2.07 -9.99
C HIS C 204 25.94 -2.42 -11.48
N SER C 205 25.51 -3.62 -11.78
CA SER C 205 25.41 -4.08 -13.17
C SER C 205 24.15 -3.54 -13.83
N ILE C 206 24.07 -3.70 -15.15
CA ILE C 206 22.94 -3.20 -15.92
C ILE C 206 21.68 -4.02 -15.59
N GLU C 207 21.87 -5.24 -15.13
CA GLU C 207 20.75 -6.09 -14.72
C GLU C 207 20.11 -5.55 -13.45
N VAL C 208 20.94 -5.13 -12.51
CA VAL C 208 20.47 -4.56 -11.26
C VAL C 208 19.67 -3.28 -11.51
N CYS C 209 20.18 -2.45 -12.42
CA CYS C 209 19.51 -1.21 -12.79
C CYS C 209 18.13 -1.48 -13.39
N ALA C 210 18.04 -2.53 -14.20
CA ALA C 210 16.78 -2.91 -14.81
C ALA C 210 15.76 -3.30 -13.74
N VAL C 211 16.23 -4.04 -12.74
CA VAL C 211 15.37 -4.48 -11.65
C VAL C 211 14.90 -3.28 -10.82
N VAL C 212 15.84 -2.41 -10.47
CA VAL C 212 15.53 -1.23 -9.68
C VAL C 212 14.57 -0.29 -10.42
N THR C 213 14.91 0.04 -11.66
CA THR C 213 14.10 0.92 -12.49
C THR C 213 12.67 0.40 -12.64
N GLN C 214 12.55 -0.92 -12.85
CA GLN C 214 11.25 -1.55 -12.99
C GLN C 214 10.42 -1.39 -11.72
N LYS C 215 11.06 -1.61 -10.58
CA LYS C 215 10.39 -1.47 -9.29
C LYS C 215 9.94 -0.04 -9.04
N VAL C 216 10.78 0.91 -9.41
CA VAL C 216 10.47 2.33 -9.22
C VAL C 216 9.31 2.78 -10.09
N LEU C 217 9.39 2.49 -11.38
CA LEU C 217 8.35 2.87 -12.33
C LEU C 217 6.99 2.25 -11.97
N SER C 218 7.03 1.06 -11.41
CA SER C 218 5.81 0.37 -10.99
CA SER C 218 5.81 0.37 -10.99
C SER C 218 5.10 1.15 -9.89
N CYS C 219 5.89 1.67 -8.95
CA CYS C 219 5.35 2.45 -7.84
C CYS C 219 5.04 3.88 -8.26
N VAL C 220 5.83 4.42 -9.18
CA VAL C 220 5.60 5.76 -9.71
C VAL C 220 4.23 5.83 -10.39
N PHE C 221 3.99 4.93 -11.32
CA PHE C 221 2.74 4.92 -12.07
C PHE C 221 1.57 4.56 -11.18
N LYS C 222 1.82 3.73 -10.16
CA LYS C 222 0.79 3.39 -9.20
C LYS C 222 0.30 4.64 -8.48
N ALA C 223 1.26 5.47 -8.05
CA ALA C 223 0.94 6.72 -7.38
C ALA C 223 0.21 7.68 -8.31
N LEU C 224 0.57 7.64 -9.59
CA LEU C 224 -0.09 8.48 -10.59
C LEU C 224 -1.57 8.11 -10.73
N GLN C 225 -1.87 6.82 -10.73
CA GLN C 225 -3.24 6.34 -10.85
C GLN C 225 -4.07 6.73 -9.63
N GLU C 226 -3.47 6.62 -8.46
CA GLU C 226 -4.17 6.93 -7.21
CA GLU C 226 -4.18 6.94 -7.21
C GLU C 226 -4.49 8.43 -7.10
N ASN C 227 -3.70 9.25 -7.78
CA ASN C 227 -3.90 10.69 -7.76
C ASN C 227 -4.68 11.17 -8.99
N GLY C 228 -5.13 10.23 -9.80
CA GLY C 228 -5.95 10.54 -10.97
C GLY C 228 -5.22 11.28 -12.06
N VAL C 229 -3.91 11.04 -12.17
CA VAL C 229 -3.11 11.68 -13.19
C VAL C 229 -3.43 11.10 -14.57
N LEU C 230 -3.82 11.97 -15.49
CA LEU C 230 -4.15 11.56 -16.85
C LEU C 230 -2.88 11.20 -17.63
N LEU C 231 -2.71 9.91 -17.92
CA LEU C 231 -1.51 9.44 -18.61
C LEU C 231 -1.43 9.98 -20.03
N GLU C 232 -2.58 10.21 -20.65
CA GLU C 232 -2.63 10.74 -22.01
C GLU C 232 -2.05 12.15 -22.08
N GLY C 233 -2.16 12.88 -20.97
CA GLY C 233 -1.63 14.23 -20.90
C GLY C 233 -0.44 14.34 -19.96
N ALA C 234 0.54 13.47 -20.16
CA ALA C 234 1.75 13.48 -19.34
C ALA C 234 2.92 12.84 -20.07
N LEU C 235 4.12 13.01 -19.53
CA LEU C 235 5.33 12.43 -20.11
C LEU C 235 6.25 11.89 -19.02
N LEU C 236 6.94 10.80 -19.34
CA LEU C 236 7.88 10.20 -18.40
C LEU C 236 9.31 10.57 -18.76
N LYS C 237 10.09 10.98 -17.76
CA LYS C 237 11.49 11.31 -17.97
C LYS C 237 12.39 10.44 -17.09
N PRO C 238 12.63 9.19 -17.51
CA PRO C 238 13.44 8.27 -16.73
C PRO C 238 14.87 8.17 -17.26
N ASN C 239 15.68 7.35 -16.59
CA ASN C 239 17.03 7.09 -17.04
CA ASN C 239 17.04 7.08 -17.03
C ASN C 239 17.08 5.91 -17.99
N MET C 240 18.12 5.85 -18.81
CA MET C 240 18.34 4.69 -19.65
C MET C 240 18.86 3.58 -18.74
N VAL C 241 18.36 2.37 -18.93
CA VAL C 241 18.83 1.24 -18.13
C VAL C 241 20.27 0.93 -18.50
N THR C 242 21.20 1.44 -17.71
CA THR C 242 22.63 1.24 -17.94
C THR C 242 23.31 0.73 -16.68
N ALA C 243 24.51 0.19 -16.84
CA ALA C 243 25.31 -0.23 -15.69
C ALA C 243 25.89 0.99 -15.00
N GLY C 244 26.47 0.79 -13.82
CA GLY C 244 27.09 1.87 -13.08
C GLY C 244 28.36 2.34 -13.74
N TYR C 245 28.81 3.55 -13.39
CA TYR C 245 30.03 4.11 -13.95
C TYR C 245 31.25 3.27 -13.56
N GLU C 246 31.20 2.69 -12.37
CA GLU C 246 32.34 1.95 -11.83
C GLU C 246 32.17 0.45 -11.99
N CYS C 247 31.23 0.04 -12.84
CA CYS C 247 30.99 -1.37 -13.07
C CYS C 247 32.07 -1.96 -13.97
N THR C 248 32.52 -3.17 -13.63
CA THR C 248 33.60 -3.82 -14.37
C THR C 248 33.09 -4.45 -15.67
N ALA C 249 32.04 -5.27 -15.57
CA ALA C 249 31.47 -5.92 -16.73
C ALA C 249 30.91 -4.92 -17.72
N LYS C 250 31.69 -4.61 -18.75
CA LYS C 250 31.32 -3.62 -19.75
C LYS C 250 30.07 -4.02 -20.52
N THR C 251 29.21 -3.05 -20.78
CA THR C 251 27.98 -3.30 -21.52
C THR C 251 27.92 -2.43 -22.77
N THR C 252 27.75 -3.08 -23.92
CA THR C 252 27.63 -2.38 -25.18
C THR C 252 26.30 -1.65 -25.26
N THR C 253 26.15 -0.78 -26.26
CA THR C 253 24.95 0.05 -26.38
C THR C 253 23.71 -0.79 -26.70
N GLN C 254 23.91 -1.98 -27.24
CA GLN C 254 22.81 -2.88 -27.54
C GLN C 254 22.19 -3.42 -26.25
N ASP C 255 23.05 -3.63 -25.25
CA ASP C 255 22.58 -4.07 -23.94
C ASP C 255 21.81 -2.96 -23.25
N VAL C 256 22.27 -1.72 -23.46
CA VAL C 256 21.58 -0.55 -22.93
C VAL C 256 20.21 -0.42 -23.57
N GLY C 257 20.17 -0.55 -24.89
CA GLY C 257 18.93 -0.42 -25.64
C GLY C 257 17.87 -1.46 -25.30
N PHE C 258 18.27 -2.70 -25.20
CA PHE C 258 17.33 -3.80 -24.94
C PHE C 258 16.73 -3.72 -23.54
N LEU C 259 17.58 -3.66 -22.53
CA LEU C 259 17.14 -3.67 -21.15
C LEU C 259 16.40 -2.39 -20.77
N THR C 260 16.54 -1.35 -21.57
CA THR C 260 15.78 -0.12 -21.38
C THR C 260 14.36 -0.29 -21.90
N VAL C 261 14.26 -0.83 -23.11
CA VAL C 261 12.96 -1.08 -23.73
C VAL C 261 12.17 -2.12 -22.93
N ARG C 262 12.85 -3.19 -22.51
CA ARG C 262 12.21 -4.26 -21.75
C ARG C 262 11.59 -3.71 -20.46
N THR C 263 12.34 -2.85 -19.78
CA THR C 263 11.87 -2.27 -18.53
C THR C 263 10.62 -1.40 -18.76
N LEU C 264 10.64 -0.60 -19.82
CA LEU C 264 9.53 0.29 -20.13
C LEU C 264 8.28 -0.48 -20.54
N ARG C 265 8.46 -1.55 -21.32
CA ARG C 265 7.33 -2.35 -21.79
C ARG C 265 6.65 -3.09 -20.63
N ARG C 266 7.39 -3.34 -19.57
CA ARG C 266 6.86 -4.06 -18.42
C ARG C 266 6.08 -3.17 -17.46
N THR C 267 6.30 -1.87 -17.52
CA THR C 267 5.76 -0.96 -16.51
C THR C 267 4.92 0.19 -17.06
N VAL C 268 5.27 0.68 -18.25
CA VAL C 268 4.64 1.89 -18.78
C VAL C 268 3.45 1.59 -19.68
N PRO C 269 2.24 2.01 -19.24
CA PRO C 269 1.02 1.85 -20.05
C PRO C 269 1.06 2.68 -21.32
N PRO C 270 0.55 2.13 -22.43
CA PRO C 270 0.54 2.76 -23.75
C PRO C 270 -0.23 4.08 -23.82
N ALA C 271 -1.04 4.37 -22.81
CA ALA C 271 -1.78 5.63 -22.76
C ALA C 271 -0.82 6.81 -22.72
N LEU C 272 0.33 6.60 -22.07
CA LEU C 272 1.39 7.60 -22.05
C LEU C 272 1.94 7.79 -23.45
N PRO C 273 1.81 9.01 -23.99
CA PRO C 273 2.18 9.32 -25.38
C PRO C 273 3.66 9.13 -25.68
N GLY C 274 4.53 9.53 -24.75
CA GLY C 274 5.96 9.47 -25.00
C GLY C 274 6.85 9.38 -23.77
N VAL C 275 8.08 8.93 -24.01
CA VAL C 275 9.10 8.85 -22.96
C VAL C 275 10.32 9.66 -23.37
N VAL C 276 10.64 10.69 -22.59
CA VAL C 276 11.77 11.55 -22.90
C VAL C 276 12.96 11.25 -21.99
N PHE C 277 13.97 10.59 -22.54
CA PHE C 277 15.12 10.17 -21.75
C PHE C 277 16.03 11.34 -21.38
N LEU C 278 16.63 11.25 -20.20
CA LEU C 278 17.58 12.25 -19.74
C LEU C 278 18.99 11.86 -20.14
N SER C 279 19.83 12.85 -20.40
CA SER C 279 21.20 12.60 -20.84
C SER C 279 22.05 12.01 -19.71
N GLY C 280 21.84 12.50 -18.50
CA GLY C 280 22.59 12.02 -17.35
C GLY C 280 24.06 12.38 -17.44
N GLY C 281 24.92 11.46 -17.02
CA GLY C 281 26.35 11.67 -17.06
C GLY C 281 26.96 11.16 -18.36
N GLN C 282 26.12 10.70 -19.26
CA GLN C 282 26.58 10.19 -20.55
CA GLN C 282 26.57 10.20 -20.55
C GLN C 282 27.17 11.32 -21.40
N SER C 283 28.14 10.97 -22.24
CA SER C 283 28.73 11.94 -23.15
C SER C 283 27.73 12.25 -24.25
N GLU C 284 27.97 13.33 -24.99
CA GLU C 284 27.07 13.75 -26.05
C GLU C 284 26.92 12.67 -27.12
N GLU C 285 28.01 11.96 -27.40
CA GLU C 285 27.99 10.92 -28.42
C GLU C 285 27.25 9.68 -27.94
N GLU C 286 27.56 9.24 -26.73
CA GLU C 286 26.95 8.04 -26.18
C GLU C 286 25.45 8.22 -25.97
N ALA C 287 25.04 9.43 -25.62
CA ALA C 287 23.63 9.72 -25.43
C ALA C 287 22.86 9.60 -26.74
N SER C 288 23.52 9.91 -27.84
CA SER C 288 22.92 9.79 -29.16
C SER C 288 22.90 8.33 -29.62
N VAL C 289 24.01 7.64 -29.39
CA VAL C 289 24.14 6.23 -29.78
C VAL C 289 23.15 5.36 -29.01
N ASN C 290 23.10 5.54 -27.70
CA ASN C 290 22.21 4.76 -26.85
C ASN C 290 20.74 5.00 -27.20
N LEU C 291 20.39 6.26 -27.45
CA LEU C 291 19.03 6.60 -27.85
C LEU C 291 18.68 5.94 -29.18
N ASN C 292 19.66 5.86 -30.06
CA ASN C 292 19.47 5.24 -31.36
C ASN C 292 19.24 3.73 -31.22
N SER C 293 20.00 3.10 -30.34
CA SER C 293 19.88 1.67 -30.09
C SER C 293 18.50 1.31 -29.56
N ILE C 294 17.94 2.22 -28.77
CA ILE C 294 16.61 2.02 -28.19
C ILE C 294 15.52 2.05 -29.27
N ASN C 295 15.60 3.03 -30.17
CA ASN C 295 14.63 3.17 -31.23
C ASN C 295 14.85 2.17 -32.37
N ALA C 296 16.04 1.58 -32.41
CA ALA C 296 16.37 0.60 -33.46
C ALA C 296 15.65 -0.72 -33.20
N LEU C 297 15.07 -0.85 -32.02
CA LEU C 297 14.35 -2.07 -31.65
C LEU C 297 12.89 -2.02 -32.08
N GLY C 298 12.66 -1.73 -33.35
CA GLY C 298 11.33 -1.71 -33.92
C GLY C 298 10.44 -0.60 -33.38
N PRO C 299 9.22 -0.48 -33.93
CA PRO C 299 8.24 0.51 -33.49
C PRO C 299 7.75 0.25 -32.06
N HIS C 300 7.60 1.32 -31.29
CA HIS C 300 7.20 1.21 -29.89
C HIS C 300 5.81 1.77 -29.65
N PRO C 301 5.10 1.23 -28.63
CA PRO C 301 3.76 1.71 -28.26
C PRO C 301 3.73 3.20 -27.94
N TRP C 302 4.82 3.70 -27.37
CA TRP C 302 4.95 5.12 -27.10
C TRP C 302 6.15 5.70 -27.85
N ALA C 303 6.24 7.02 -27.88
CA ALA C 303 7.37 7.68 -28.50
C ALA C 303 8.58 7.63 -27.57
N LEU C 304 9.73 7.26 -28.10
CA LEU C 304 10.95 7.19 -27.32
C LEU C 304 11.98 8.20 -27.80
N THR C 305 11.83 9.44 -27.36
CA THR C 305 12.73 10.52 -27.78
C THR C 305 13.59 11.01 -26.62
N PHE C 306 13.99 12.27 -26.65
CA PHE C 306 14.96 12.77 -25.68
C PHE C 306 14.55 14.07 -24.99
N SER C 307 15.04 14.25 -23.79
CA SER C 307 14.94 15.52 -23.06
C SER C 307 16.31 15.88 -22.52
N TYR C 308 17.23 16.23 -23.42
CA TYR C 308 18.64 16.39 -23.07
C TYR C 308 19.01 17.81 -22.69
N GLY C 309 20.09 17.92 -21.92
CA GLY C 309 20.68 19.20 -21.58
C GLY C 309 22.19 19.11 -21.75
N ARG C 310 22.80 18.15 -21.08
CA ARG C 310 24.23 17.91 -21.20
C ARG C 310 24.60 17.47 -22.60
N ALA C 311 23.76 16.61 -23.17
CA ALA C 311 24.02 16.04 -24.49
C ALA C 311 23.63 17.00 -25.62
N LEU C 312 23.38 18.26 -25.26
CA LEU C 312 23.00 19.26 -26.26
C LEU C 312 23.72 20.59 -26.03
N GLN C 313 24.29 20.76 -24.85
CA GLN C 313 24.86 22.06 -24.48
C GLN C 313 26.33 21.99 -24.08
N ALA C 314 26.87 20.78 -23.98
CA ALA C 314 28.26 20.60 -23.56
C ALA C 314 29.24 21.20 -24.56
N SER C 315 29.09 20.83 -25.83
CA SER C 315 29.97 21.33 -26.88
C SER C 315 29.62 22.76 -27.26
N VAL C 316 28.36 23.14 -27.03
CA VAL C 316 27.90 24.49 -27.32
C VAL C 316 28.61 25.52 -26.44
N LEU C 317 28.68 25.21 -25.14
CA LEU C 317 29.38 26.06 -24.19
C LEU C 317 30.86 26.23 -24.53
N ASN C 318 31.51 25.11 -24.84
CA ASN C 318 32.94 25.12 -25.16
C ASN C 318 33.23 25.93 -26.43
N THR C 319 32.30 25.90 -27.37
CA THR C 319 32.44 26.65 -28.61
C THR C 319 32.20 28.14 -28.37
N TRP C 320 31.22 28.44 -27.52
CA TRP C 320 30.83 29.82 -27.24
C TRP C 320 31.85 30.55 -26.37
N GLN C 321 32.15 29.98 -25.21
CA GLN C 321 33.11 30.56 -24.26
C GLN C 321 32.77 31.98 -23.86
N GLY C 322 31.47 32.31 -23.83
CA GLY C 322 31.02 33.62 -23.39
C GLY C 322 31.30 34.75 -24.38
N LYS C 323 31.95 34.42 -25.49
CA LYS C 323 32.30 35.41 -26.49
C LYS C 323 31.16 35.68 -27.45
N LYS C 324 30.96 36.96 -27.77
CA LYS C 324 29.90 37.38 -28.68
C LYS C 324 30.19 36.93 -30.11
N GLU C 325 31.48 36.71 -30.40
CA GLU C 325 31.91 36.31 -31.73
C GLU C 325 31.53 34.88 -32.04
N ASN C 326 31.56 34.02 -31.02
CA ASN C 326 31.35 32.59 -31.21
C ASN C 326 29.89 32.17 -31.13
N VAL C 327 28.98 33.14 -31.17
CA VAL C 327 27.54 32.85 -31.09
C VAL C 327 27.08 32.03 -32.28
N ALA C 328 27.39 32.49 -33.49
CA ALA C 328 26.99 31.80 -34.71
C ALA C 328 27.67 30.44 -34.83
N LYS C 329 28.94 30.37 -34.40
CA LYS C 329 29.70 29.13 -34.47
C LYS C 329 29.13 28.08 -33.51
N ALA C 330 28.63 28.54 -32.37
CA ALA C 330 28.09 27.64 -31.35
C ALA C 330 26.68 27.18 -31.72
N ARG C 331 25.92 28.03 -32.40
CA ARG C 331 24.56 27.69 -32.81
C ARG C 331 24.56 26.59 -33.86
N GLU C 332 25.61 26.54 -34.68
CA GLU C 332 25.74 25.50 -35.68
C GLU C 332 26.11 24.17 -35.02
N VAL C 333 26.73 24.26 -33.85
CA VAL C 333 27.05 23.07 -33.06
C VAL C 333 25.76 22.52 -32.43
N LEU C 334 24.88 23.42 -32.01
CA LEU C 334 23.60 23.04 -31.42
C LEU C 334 22.74 22.27 -32.41
N LEU C 335 22.60 22.80 -33.61
CA LEU C 335 21.80 22.15 -34.66
C LEU C 335 22.37 20.78 -35.03
N GLN C 336 23.70 20.67 -34.97
CA GLN C 336 24.37 19.43 -35.32
C GLN C 336 24.09 18.33 -34.31
N ARG C 337 24.08 18.70 -33.03
CA ARG C 337 23.82 17.74 -31.97
CA ARG C 337 23.82 17.75 -31.97
C ARG C 337 22.33 17.49 -31.80
N ALA C 338 21.52 18.44 -32.27
CA ALA C 338 20.07 18.30 -32.22
C ALA C 338 19.60 17.34 -33.31
N GLU C 339 20.21 17.45 -34.49
CA GLU C 339 19.90 16.57 -35.60
C GLU C 339 20.36 15.15 -35.31
N ALA C 340 21.52 15.04 -34.66
CA ALA C 340 22.08 13.74 -34.30
C ALA C 340 21.13 12.95 -33.41
N ASN C 341 20.53 13.63 -32.45
CA ASN C 341 19.58 13.01 -31.54
C ASN C 341 18.20 12.85 -32.18
N SER C 342 17.90 13.72 -33.14
CA SER C 342 16.65 13.64 -33.88
C SER C 342 16.64 12.41 -34.78
N LEU C 343 17.79 12.12 -35.40
CA LEU C 343 17.94 10.95 -36.24
C LEU C 343 17.91 9.68 -35.41
N ALA C 344 18.32 9.80 -34.14
CA ALA C 344 18.34 8.67 -33.23
C ALA C 344 16.92 8.19 -32.91
N THR C 345 15.96 9.10 -32.96
CA THR C 345 14.56 8.75 -32.69
C THR C 345 14.01 7.84 -33.78
N TYR C 346 14.49 8.05 -35.01
CA TYR C 346 14.10 7.19 -36.13
C TYR C 346 14.92 5.90 -36.12
N GLY C 347 16.01 5.91 -35.37
CA GLY C 347 16.94 4.79 -35.38
C GLY C 347 17.80 4.82 -36.62
N LYS C 348 18.05 6.03 -37.13
CA LYS C 348 18.82 6.21 -38.35
C LYS C 348 20.07 7.05 -38.12
N TYR C 349 20.59 7.03 -36.90
CA TYR C 349 21.81 7.74 -36.58
C TYR C 349 22.99 6.77 -36.48
N LYS C 350 23.99 6.98 -37.32
CA LYS C 350 25.19 6.15 -37.30
C LYS C 350 26.43 7.02 -37.19
N GLY C 351 27.06 7.02 -36.02
CA GLY C 351 28.24 7.82 -35.76
C GLY C 351 29.42 7.44 -36.63
N GLY C 352 29.67 6.14 -36.76
CA GLY C 352 30.77 5.65 -37.57
C GLY C 352 31.85 4.98 -36.74
N GLU D 6 23.03 -4.97 9.42
CA GLU D 6 21.91 -4.05 9.48
C GLU D 6 20.89 -4.35 8.38
N TYR D 7 19.60 -4.18 8.71
CA TYR D 7 18.53 -4.55 7.80
C TYR D 7 18.42 -3.62 6.59
N MET D 8 19.07 -2.47 6.68
CA MET D 8 19.15 -1.50 5.58
C MET D 8 17.77 -1.00 5.14
N ASN D 9 16.95 -1.88 4.58
CA ASN D 9 15.63 -1.49 4.09
C ASN D 9 14.67 -1.16 5.23
N ALA D 10 14.99 -0.11 5.98
CA ALA D 10 14.19 0.33 7.10
C ALA D 10 14.63 1.73 7.52
N PRO D 11 13.67 2.57 7.93
CA PRO D 11 13.97 3.93 8.37
C PRO D 11 14.96 3.94 9.53
N LYS D 12 16.06 4.68 9.38
CA LYS D 12 17.11 4.72 10.39
C LYS D 12 16.64 5.28 11.73
N LYS D 13 17.43 5.07 12.76
CA LYS D 13 17.11 5.57 14.09
C LYS D 13 17.57 7.01 14.26
N LEU D 14 16.91 7.72 15.17
CA LEU D 14 17.31 9.08 15.52
C LEU D 14 18.54 9.03 16.43
N PRO D 15 19.37 10.10 16.40
CA PRO D 15 20.48 10.19 17.34
C PRO D 15 19.99 10.13 18.79
N ALA D 16 20.76 9.46 19.64
CA ALA D 16 20.34 9.18 21.02
C ALA D 16 19.96 10.44 21.80
N ASP D 17 20.74 11.51 21.61
CA ASP D 17 20.52 12.75 22.34
C ASP D 17 19.24 13.43 21.89
N VAL D 18 19.01 13.47 20.58
CA VAL D 18 17.84 14.12 20.02
C VAL D 18 16.55 13.37 20.37
N ALA D 19 16.57 12.06 20.20
CA ALA D 19 15.41 11.22 20.48
C ALA D 19 15.05 11.27 21.96
N GLU D 20 16.06 11.50 22.81
CA GLU D 20 15.85 11.55 24.24
C GLU D 20 15.14 12.84 24.65
N GLU D 21 15.55 13.96 24.04
CA GLU D 21 14.94 15.25 24.32
C GLU D 21 13.49 15.29 23.84
N LEU D 22 13.24 14.66 22.71
CA LEU D 22 11.89 14.60 22.15
C LEU D 22 10.96 13.78 23.04
N ALA D 23 11.53 12.76 23.68
CA ALA D 23 10.76 11.89 24.55
C ALA D 23 10.34 12.57 25.83
N THR D 24 11.27 13.25 26.49
CA THR D 24 10.98 13.92 27.74
C THR D 24 10.09 15.13 27.54
N THR D 25 10.24 15.81 26.39
CA THR D 25 9.39 16.94 26.06
C THR D 25 7.97 16.43 25.83
N ALA D 26 7.86 15.31 25.14
CA ALA D 26 6.58 14.67 24.88
C ALA D 26 5.88 14.28 26.19
N GLN D 27 6.69 13.88 27.18
CA GLN D 27 6.16 13.50 28.48
C GLN D 27 5.64 14.71 29.24
N LYS D 28 6.38 15.81 29.19
CA LYS D 28 6.01 17.03 29.91
C LYS D 28 4.74 17.66 29.37
N LEU D 29 4.52 17.55 28.06
CA LEU D 29 3.35 18.16 27.44
C LEU D 29 2.05 17.51 27.90
N VAL D 30 2.13 16.23 28.26
CA VAL D 30 0.95 15.51 28.73
C VAL D 30 1.08 15.09 30.19
N GLN D 31 1.60 15.99 31.02
CA GLN D 31 1.70 15.74 32.46
C GLN D 31 0.33 15.46 33.06
N ALA D 32 0.31 14.68 34.13
CA ALA D 32 -0.94 14.34 34.81
C ALA D 32 -1.65 15.58 35.33
N GLY D 33 -2.86 15.81 34.84
CA GLY D 33 -3.65 16.96 35.26
C GLY D 33 -3.38 18.20 34.43
N LYS D 34 -2.63 18.03 33.35
CA LYS D 34 -2.30 19.15 32.47
C LYS D 34 -2.68 18.87 31.02
N GLY D 35 -2.69 19.92 30.22
CA GLY D 35 -3.00 19.80 28.80
C GLY D 35 -2.31 20.90 28.01
N ILE D 36 -2.91 21.29 26.88
CA ILE D 36 -2.31 22.28 26.00
C ILE D 36 -3.28 23.40 25.64
N LEU D 37 -2.83 24.64 25.78
CA LEU D 37 -3.62 25.80 25.35
C LEU D 37 -3.33 26.13 23.90
N ALA D 38 -4.35 25.98 23.05
CA ALA D 38 -4.20 26.25 21.62
C ALA D 38 -4.51 27.71 21.30
N ALA D 39 -3.47 28.53 21.25
CA ALA D 39 -3.63 29.95 20.94
C ALA D 39 -2.91 30.29 19.63
N ASP D 40 -3.05 29.42 18.64
CA ASP D 40 -2.35 29.57 17.37
C ASP D 40 -3.30 30.00 16.25
N GLU D 41 -4.27 30.84 16.58
CA GLU D 41 -5.19 31.35 15.58
C GLU D 41 -4.48 32.28 14.61
N SER D 42 -4.76 32.11 13.32
CA SER D 42 -4.24 33.00 12.30
C SER D 42 -4.85 34.39 12.46
N THR D 43 -4.27 35.38 11.82
CA THR D 43 -4.74 36.76 11.98
C THR D 43 -6.11 36.98 11.34
N GLN D 44 -6.61 35.97 10.64
CA GLN D 44 -7.97 36.01 10.10
C GLN D 44 -8.93 35.25 10.99
N THR D 45 -8.47 34.16 11.57
CA THR D 45 -9.28 33.36 12.49
C THR D 45 -9.50 34.15 13.79
N ILE D 46 -8.48 34.90 14.19
CA ILE D 46 -8.56 35.71 15.40
C ILE D 46 -9.38 36.97 15.14
N LYS D 47 -9.60 37.27 13.87
CA LYS D 47 -10.39 38.44 13.48
C LYS D 47 -11.87 38.20 13.79
N LYS D 48 -12.36 37.02 13.44
CA LYS D 48 -13.76 36.67 13.65
C LYS D 48 -14.10 36.55 15.13
N ARG D 49 -13.07 36.44 15.97
CA ARG D 49 -13.27 36.39 17.41
C ARG D 49 -13.36 37.79 17.99
N PHE D 50 -12.71 38.75 17.31
CA PHE D 50 -12.76 40.15 17.71
C PHE D 50 -14.00 40.82 17.13
N ASP D 51 -14.65 40.13 16.20
CA ASP D 51 -15.89 40.62 15.59
C ASP D 51 -17.07 40.35 16.52
N ASN D 52 -16.89 39.43 17.46
CA ASN D 52 -17.92 39.11 18.44
C ASN D 52 -17.82 39.99 19.67
N ILE D 53 -16.71 40.72 19.78
CA ILE D 53 -16.52 41.66 20.87
C ILE D 53 -16.18 43.05 20.33
N LYS D 54 -16.60 43.29 19.09
CA LYS D 54 -16.35 44.55 18.35
C LYS D 54 -15.00 45.20 18.66
N LEU D 55 -13.93 44.48 18.42
CA LEU D 55 -12.58 45.01 18.66
C LEU D 55 -11.78 45.04 17.36
N GLU D 56 -10.97 46.09 17.20
CA GLU D 56 -10.14 46.26 16.01
C GLU D 56 -9.11 45.14 15.89
N ASN D 57 -9.12 44.45 14.75
CA ASN D 57 -8.16 43.39 14.50
C ASN D 57 -6.78 43.95 14.17
N THR D 58 -6.10 44.47 15.19
CA THR D 58 -4.78 45.05 15.01
C THR D 58 -3.72 44.28 15.78
N ILE D 59 -2.45 44.57 15.50
CA ILE D 59 -1.35 43.89 16.16
C ILE D 59 -1.30 44.27 17.64
N GLU D 60 -1.80 45.45 17.97
CA GLU D 60 -1.84 45.90 19.36
C GLU D 60 -2.84 45.09 20.18
N ASN D 61 -4.03 44.90 19.62
CA ASN D 61 -5.08 44.13 20.29
C ASN D 61 -4.72 42.65 20.39
N ARG D 62 -4.03 42.14 19.37
CA ARG D 62 -3.58 40.75 19.38
C ARG D 62 -2.50 40.56 20.44
N ALA D 63 -1.65 41.56 20.61
CA ALA D 63 -0.60 41.52 21.62
C ALA D 63 -1.19 41.51 23.02
N SER D 64 -2.13 42.41 23.26
CA SER D 64 -2.76 42.53 24.57
C SER D 64 -3.55 41.28 24.95
N TYR D 65 -4.11 40.61 23.94
CA TYR D 65 -4.92 39.42 24.19
C TYR D 65 -4.08 38.21 24.57
N ARG D 66 -2.99 37.99 23.85
CA ARG D 66 -2.10 36.87 24.14
C ARG D 66 -1.39 37.12 25.48
N ASP D 67 -1.14 38.38 25.78
CA ASP D 67 -0.57 38.76 27.05
C ASP D 67 -1.50 38.42 28.20
N LEU D 68 -2.80 38.61 27.97
CA LEU D 68 -3.82 38.28 28.97
C LEU D 68 -3.79 36.79 29.27
N LEU D 69 -3.64 35.98 28.23
CA LEU D 69 -3.62 34.53 28.38
C LEU D 69 -2.34 34.04 29.04
N PHE D 70 -1.20 34.48 28.51
CA PHE D 70 0.10 33.95 28.93
C PHE D 70 0.62 34.61 30.20
N GLY D 71 0.12 35.81 30.49
CA GLY D 71 0.53 36.54 31.68
C GLY D 71 -0.18 36.05 32.93
N THR D 72 -1.11 35.13 32.75
CA THR D 72 -1.87 34.56 33.86
C THR D 72 -0.99 33.74 34.79
N LYS D 73 -0.92 34.15 36.05
CA LYS D 73 -0.14 33.42 37.05
C LYS D 73 -0.95 32.25 37.60
N GLY D 74 -0.28 31.13 37.79
CA GLY D 74 -0.94 29.92 38.28
C GLY D 74 -1.49 29.08 37.14
N LEU D 75 -1.34 29.60 35.92
CA LEU D 75 -1.83 28.90 34.73
C LEU D 75 -0.98 27.65 34.46
N GLY D 76 0.25 27.65 34.94
CA GLY D 76 1.17 26.55 34.73
C GLY D 76 0.76 25.27 35.42
N LYS D 77 -0.09 25.38 36.43
CA LYS D 77 -0.56 24.22 37.17
C LYS D 77 -1.51 23.37 36.32
N PHE D 78 -2.12 23.99 35.32
CA PHE D 78 -3.08 23.30 34.48
C PHE D 78 -2.60 23.21 33.03
N ILE D 79 -1.79 24.18 32.61
CA ILE D 79 -1.29 24.23 31.24
C ILE D 79 0.18 23.79 31.17
N SER D 80 0.46 22.78 30.36
CA SER D 80 1.81 22.26 30.20
C SER D 80 2.49 22.85 28.97
N GLY D 81 1.68 23.29 28.01
CA GLY D 81 2.21 23.84 26.77
C GLY D 81 1.24 24.77 26.09
N ALA D 82 1.78 25.72 25.32
CA ALA D 82 0.95 26.68 24.60
C ALA D 82 1.36 26.75 23.13
N ILE D 83 0.42 26.45 22.24
CA ILE D 83 0.66 26.52 20.81
C ILE D 83 0.51 27.96 20.31
N LEU D 84 1.51 28.44 19.59
CA LEU D 84 1.52 29.83 19.15
C LEU D 84 1.53 29.96 17.62
N PHE D 85 1.04 31.09 17.13
CA PHE D 85 1.21 31.47 15.74
C PHE D 85 2.58 32.12 15.62
N GLU D 86 3.14 32.13 14.41
CA GLU D 86 4.50 32.64 14.20
C GLU D 86 4.64 34.10 14.64
N GLU D 87 3.56 34.87 14.51
CA GLU D 87 3.55 36.27 14.91
C GLU D 87 3.81 36.43 16.41
N THR D 88 3.11 35.63 17.21
CA THR D 88 3.17 35.75 18.67
C THR D 88 4.50 35.25 19.23
N LEU D 89 5.16 34.36 18.49
CA LEU D 89 6.41 33.77 18.94
C LEU D 89 7.54 34.80 19.04
N PHE D 90 7.47 35.83 18.21
CA PHE D 90 8.47 36.88 18.21
C PHE D 90 7.91 38.22 18.68
N GLN D 91 6.67 38.18 19.16
CA GLN D 91 5.97 39.40 19.54
C GLN D 91 6.24 39.80 20.99
N LYS D 92 6.11 41.09 21.28
CA LYS D 92 6.30 41.60 22.63
C LYS D 92 5.03 42.28 23.13
N ASN D 93 4.84 42.31 24.45
CA ASN D 93 3.68 42.97 25.02
CA ASN D 93 3.71 42.96 25.07
C ASN D 93 3.87 44.49 25.05
N GLU D 94 2.84 45.19 25.47
CA GLU D 94 2.87 46.65 25.55
C GLU D 94 3.96 47.12 26.52
N ALA D 95 4.33 46.24 27.45
CA ALA D 95 5.40 46.54 28.40
C ALA D 95 6.78 46.26 27.82
N GLY D 96 6.81 45.49 26.73
CA GLY D 96 8.06 45.20 26.05
C GLY D 96 8.63 43.83 26.37
N VAL D 97 7.87 43.02 27.09
CA VAL D 97 8.31 41.68 27.45
C VAL D 97 7.86 40.66 26.41
N PRO D 98 8.81 39.88 25.87
CA PRO D 98 8.53 38.84 24.88
C PRO D 98 7.48 37.84 25.37
N MET D 99 6.58 37.44 24.47
CA MET D 99 5.50 36.52 24.81
C MET D 99 6.03 35.17 25.24
N VAL D 100 7.18 34.77 24.69
CA VAL D 100 7.77 33.47 24.98
C VAL D 100 8.32 33.45 26.42
N ASN D 101 8.59 34.64 26.96
CA ASN D 101 9.12 34.75 28.32
C ASN D 101 8.03 34.64 29.38
N LEU D 102 6.82 35.08 29.04
CA LEU D 102 5.67 34.95 29.93
C LEU D 102 5.33 33.48 30.14
N LEU D 103 5.62 32.67 29.12
CA LEU D 103 5.39 31.23 29.20
C LEU D 103 6.48 30.55 30.01
N HIS D 104 7.71 31.03 29.86
CA HIS D 104 8.85 30.47 30.59
C HIS D 104 8.72 30.69 32.09
N ASN D 105 8.24 31.88 32.47
CA ASN D 105 8.05 32.21 33.87
C ASN D 105 6.96 31.35 34.52
N GLU D 106 6.01 30.91 33.70
CA GLU D 106 4.90 30.10 34.18
C GLU D 106 5.18 28.62 33.88
N ASN D 107 6.41 28.34 33.45
CA ASN D 107 6.85 26.99 33.13
C ASN D 107 5.99 26.33 32.05
N ILE D 108 5.47 27.14 31.13
CA ILE D 108 4.66 26.64 30.03
C ILE D 108 5.49 26.52 28.76
N ILE D 109 5.48 25.33 28.16
CA ILE D 109 6.30 25.06 26.98
C ILE D 109 5.73 25.69 25.72
N PRO D 110 6.53 26.52 25.05
CA PRO D 110 6.14 27.21 23.80
C PRO D 110 5.97 26.24 22.63
N GLY D 111 4.92 26.44 21.85
CA GLY D 111 4.66 25.61 20.68
C GLY D 111 4.36 26.47 19.47
N ILE D 112 4.55 25.91 18.28
CA ILE D 112 4.41 26.68 17.05
C ILE D 112 3.61 25.93 15.97
N LYS D 113 2.64 26.64 15.38
CA LYS D 113 1.90 26.13 14.23
C LYS D 113 2.74 26.32 12.98
N VAL D 114 3.04 25.23 12.28
CA VAL D 114 4.04 25.26 11.20
C VAL D 114 3.51 24.93 9.81
N ASP D 115 2.20 24.70 9.68
CA ASP D 115 1.62 24.41 8.38
C ASP D 115 1.25 25.69 7.64
N LYS D 116 1.12 25.61 6.33
CA LYS D 116 0.85 26.79 5.50
C LYS D 116 -0.60 26.83 5.00
N GLY D 117 -1.49 26.10 5.67
CA GLY D 117 -2.90 26.14 5.33
C GLY D 117 -3.36 24.94 4.51
N LEU D 118 -4.57 25.05 3.97
CA LEU D 118 -5.18 23.97 3.21
C LEU D 118 -5.34 24.32 1.73
N VAL D 119 -5.17 23.32 0.88
CA VAL D 119 -5.44 23.46 -0.55
C VAL D 119 -6.26 22.28 -1.05
N ASN D 120 -6.99 22.50 -2.15
CA ASN D 120 -7.82 21.44 -2.73
C ASN D 120 -6.98 20.34 -3.39
N ILE D 121 -7.41 19.10 -3.19
CA ILE D 121 -6.81 17.97 -3.90
C ILE D 121 -7.50 17.81 -5.25
N PRO D 122 -6.71 17.84 -6.34
CA PRO D 122 -7.26 17.64 -7.68
C PRO D 122 -8.01 16.33 -7.81
N CYS D 123 -9.05 16.31 -8.63
CA CYS D 123 -9.89 15.13 -8.86
C CYS D 123 -10.62 14.68 -7.59
N THR D 124 -10.78 15.59 -6.64
CA THR D 124 -11.60 15.31 -5.45
C THR D 124 -12.67 16.39 -5.31
N ASP D 125 -13.75 16.06 -4.60
CA ASP D 125 -14.82 17.03 -4.38
C ASP D 125 -14.45 17.98 -3.24
N GLU D 126 -13.49 18.85 -3.51
CA GLU D 126 -13.01 19.84 -2.55
C GLU D 126 -12.54 19.18 -1.25
N GLU D 127 -11.66 18.19 -1.37
CA GLU D 127 -11.01 17.61 -0.20
C GLU D 127 -9.67 18.30 0.00
N LYS D 128 -9.31 18.54 1.26
CA LYS D 128 -8.20 19.43 1.58
C LYS D 128 -6.85 18.73 1.72
N SER D 129 -5.80 19.40 1.25
CA SER D 129 -4.43 18.96 1.46
C SER D 129 -3.66 20.06 2.17
N THR D 130 -2.86 19.68 3.17
CA THR D 130 -2.12 20.65 3.96
C THR D 130 -0.74 20.91 3.38
N GLN D 131 -0.37 22.19 3.28
CA GLN D 131 0.95 22.56 2.75
C GLN D 131 1.85 23.07 3.87
N GLY D 132 3.16 23.00 3.66
CA GLY D 132 4.11 23.51 4.62
C GLY D 132 5.42 22.73 4.69
N LEU D 133 5.64 21.85 3.72
CA LEU D 133 6.84 21.02 3.72
C LEU D 133 8.05 21.75 3.14
N ASP D 134 7.79 22.69 2.22
CA ASP D 134 8.87 23.45 1.60
C ASP D 134 9.54 24.38 2.60
N GLY D 135 10.81 24.09 2.90
CA GLY D 135 11.57 24.90 3.83
C GLY D 135 11.16 24.69 5.27
N LEU D 136 10.51 23.56 5.53
CA LEU D 136 10.04 23.23 6.87
C LEU D 136 11.19 22.98 7.83
N ALA D 137 12.25 22.35 7.33
CA ALA D 137 13.42 22.04 8.14
C ALA D 137 14.13 23.31 8.60
N GLU D 138 14.14 24.32 7.72
CA GLU D 138 14.79 25.59 8.03
C GLU D 138 14.02 26.37 9.08
N ARG D 139 12.69 26.32 9.01
CA ARG D 139 11.85 27.06 9.94
C ARG D 139 11.87 26.44 11.33
N CYS D 140 11.94 25.11 11.38
CA CYS D 140 11.98 24.40 12.65
C CYS D 140 13.23 24.74 13.45
N LYS D 141 14.34 24.94 12.74
CA LYS D 141 15.59 25.31 13.37
C LYS D 141 15.50 26.70 13.99
N GLU D 142 14.79 27.59 13.32
CA GLU D 142 14.63 28.96 13.79
C GLU D 142 13.63 29.04 14.94
N TYR D 143 12.56 28.24 14.86
CA TYR D 143 11.56 28.19 15.91
C TYR D 143 12.14 27.63 17.20
N TYR D 144 13.03 26.65 17.06
CA TYR D 144 13.68 26.03 18.21
C TYR D 144 14.57 27.03 18.94
N LYS D 145 15.21 27.91 18.18
CA LYS D 145 16.05 28.95 18.75
C LYS D 145 15.21 30.10 19.31
N ALA D 146 13.91 30.05 19.06
CA ALA D 146 12.99 31.07 19.54
C ALA D 146 12.26 30.63 20.80
N GLY D 147 12.47 29.37 21.19
CA GLY D 147 11.88 28.85 22.41
C GLY D 147 10.90 27.72 22.19
N ALA D 148 10.44 27.54 20.96
CA ALA D 148 9.49 26.49 20.64
C ALA D 148 10.13 25.11 20.80
N ARG D 149 9.40 24.20 21.43
CA ARG D 149 9.90 22.84 21.65
CA ARG D 149 9.90 22.85 21.68
C ARG D 149 9.03 21.81 20.97
N PHE D 150 7.82 22.20 20.57
CA PHE D 150 6.92 21.31 19.86
CA PHE D 150 6.92 21.31 19.86
C PHE D 150 6.15 22.05 18.77
N ALA D 151 5.78 21.34 17.71
CA ALA D 151 5.09 21.95 16.57
C ALA D 151 3.69 21.39 16.36
N LYS D 152 2.98 21.97 15.40
CA LYS D 152 1.61 21.56 15.10
C LYS D 152 1.30 21.63 13.61
N TRP D 153 0.63 20.60 13.11
CA TRP D 153 0.28 20.49 11.69
C TRP D 153 -1.16 20.02 11.55
N ARG D 154 -2.03 20.91 11.08
CA ARG D 154 -3.46 20.62 11.00
C ARG D 154 -3.89 20.10 9.62
N THR D 155 -4.50 18.92 9.63
CA THR D 155 -5.10 18.36 8.42
C THR D 155 -6.59 18.19 8.61
N VAL D 156 -7.35 18.19 7.52
CA VAL D 156 -8.80 18.17 7.59
C VAL D 156 -9.41 17.09 6.69
N LEU D 157 -10.28 16.26 7.27
CA LEU D 157 -11.02 15.26 6.52
C LEU D 157 -12.52 15.45 6.73
N VAL D 158 -13.31 15.15 5.69
CA VAL D 158 -14.74 15.34 5.74
C VAL D 158 -15.48 14.01 5.65
N ILE D 159 -16.49 13.83 6.49
CA ILE D 159 -17.31 12.63 6.44
C ILE D 159 -18.59 12.86 5.63
N ASP D 160 -18.69 12.19 4.50
CA ASP D 160 -19.89 12.20 3.69
C ASP D 160 -20.08 10.85 3.04
N THR D 161 -20.91 10.02 3.67
CA THR D 161 -21.10 8.63 3.26
C THR D 161 -21.61 8.50 1.83
N ALA D 162 -22.46 9.41 1.41
CA ALA D 162 -23.04 9.37 0.07
C ALA D 162 -21.99 9.60 -1.01
N LYS D 163 -21.00 10.43 -0.70
CA LYS D 163 -19.93 10.72 -1.66
C LYS D 163 -18.67 9.92 -1.38
N GLY D 164 -18.76 9.02 -0.40
CA GLY D 164 -17.63 8.17 -0.05
C GLY D 164 -16.51 8.91 0.62
N LYS D 165 -16.83 10.08 1.19
CA LYS D 165 -15.84 10.89 1.90
C LYS D 165 -15.66 10.38 3.33
N PRO D 166 -14.40 10.31 3.80
CA PRO D 166 -13.20 10.68 3.05
C PRO D 166 -12.70 9.58 2.11
N THR D 167 -12.31 9.96 0.90
CA THR D 167 -11.81 9.00 -0.08
C THR D 167 -10.39 8.57 0.28
N ASP D 168 -9.93 7.49 -0.36
CA ASP D 168 -8.60 6.95 -0.09
C ASP D 168 -7.49 7.95 -0.39
N LEU D 169 -7.67 8.73 -1.46
CA LEU D 169 -6.68 9.75 -1.82
C LEU D 169 -6.61 10.82 -0.74
N SER D 170 -7.77 11.20 -0.21
CA SER D 170 -7.84 12.17 0.87
C SER D 170 -7.16 11.65 2.13
N ILE D 171 -7.39 10.38 2.42
CA ILE D 171 -6.87 9.76 3.62
C ILE D 171 -5.35 9.55 3.56
N HIS D 172 -4.87 9.09 2.41
CA HIS D 172 -3.45 8.77 2.27
CA HIS D 172 -3.45 8.77 2.24
C HIS D 172 -2.59 10.03 2.15
N GLU D 173 -3.10 11.04 1.44
CA GLU D 173 -2.36 12.29 1.29
C GLU D 173 -2.25 12.99 2.64
N THR D 174 -3.32 12.89 3.43
CA THR D 174 -3.33 13.42 4.79
C THR D 174 -2.32 12.70 5.66
N ALA D 175 -2.33 11.36 5.59
CA ALA D 175 -1.44 10.53 6.39
C ALA D 175 0.02 10.73 6.01
N TRP D 176 0.29 10.76 4.71
CA TRP D 176 1.66 10.90 4.23
C TRP D 176 2.20 12.30 4.49
N GLY D 177 1.32 13.28 4.43
CA GLY D 177 1.70 14.66 4.72
C GLY D 177 2.05 14.83 6.18
N LEU D 178 1.24 14.25 7.05
CA LEU D 178 1.48 14.28 8.50
C LEU D 178 2.79 13.59 8.86
N ALA D 179 3.04 12.44 8.21
CA ALA D 179 4.24 11.66 8.47
C ALA D 179 5.49 12.39 8.00
N ARG D 180 5.36 13.12 6.89
CA ARG D 180 6.47 13.88 6.33
C ARG D 180 6.85 15.03 7.26
N TYR D 181 5.84 15.74 7.74
CA TYR D 181 6.04 16.88 8.63
C TYR D 181 6.67 16.49 9.96
N ALA D 182 6.26 15.34 10.48
CA ALA D 182 6.67 14.92 11.81
C ALA D 182 8.11 14.43 11.84
N SER D 183 8.52 13.73 10.78
CA SER D 183 9.89 13.25 10.67
C SER D 183 10.88 14.40 10.58
N ILE D 184 10.45 15.50 9.97
CA ILE D 184 11.27 16.68 9.84
C ILE D 184 11.38 17.41 11.18
N CYS D 185 10.27 17.46 11.91
CA CYS D 185 10.25 18.10 13.23
C CYS D 185 11.14 17.37 14.23
N GLN D 186 11.05 16.04 14.24
CA GLN D 186 11.87 15.24 15.13
C GLN D 186 13.35 15.35 14.78
N GLN D 187 13.62 15.53 13.49
CA GLN D 187 14.99 15.71 13.03
C GLN D 187 15.52 17.05 13.53
N ASN D 188 14.63 18.02 13.68
CA ASN D 188 15.02 19.36 14.13
C ASN D 188 14.62 19.62 15.58
N ARG D 189 14.59 18.56 16.38
CA ARG D 189 14.36 18.64 17.82
C ARG D 189 13.03 19.31 18.19
N LEU D 190 11.99 19.03 17.40
CA LEU D 190 10.65 19.53 17.72
C LEU D 190 9.66 18.37 17.80
N VAL D 191 8.95 18.28 18.93
CA VAL D 191 7.93 17.26 19.10
C VAL D 191 6.73 17.55 18.21
N PRO D 192 6.44 16.64 17.27
CA PRO D 192 5.33 16.88 16.34
C PRO D 192 3.97 16.53 16.92
N ILE D 193 3.01 17.43 16.76
CA ILE D 193 1.63 17.12 17.11
C ILE D 193 0.85 16.76 15.84
N VAL D 194 0.61 15.47 15.67
CA VAL D 194 -0.12 14.98 14.50
C VAL D 194 -1.61 15.22 14.66
N GLU D 195 -2.18 16.05 13.79
CA GLU D 195 -3.59 16.41 13.87
C GLU D 195 -4.38 16.00 12.63
N PRO D 196 -4.89 14.77 12.62
CA PRO D 196 -5.80 14.33 11.55
C PRO D 196 -7.26 14.62 11.91
N GLU D 197 -7.62 15.91 11.96
CA GLU D 197 -8.96 16.30 12.37
C GLU D 197 -10.02 15.90 11.36
N ILE D 198 -10.97 15.10 11.81
CA ILE D 198 -12.12 14.74 10.98
C ILE D 198 -13.31 15.59 11.40
N LEU D 199 -13.79 16.42 10.47
CA LEU D 199 -14.88 17.35 10.77
C LEU D 199 -16.15 16.64 11.21
N ALA D 200 -16.88 17.26 12.13
CA ALA D 200 -18.11 16.69 12.64
C ALA D 200 -19.31 17.16 11.83
N ASP D 201 -19.04 17.74 10.66
CA ASP D 201 -20.10 18.21 9.77
C ASP D 201 -20.80 17.04 9.08
N GLY D 202 -22.12 17.12 9.00
CA GLY D 202 -22.91 16.07 8.37
C GLY D 202 -23.96 15.49 9.30
N PRO D 203 -24.84 14.64 8.78
CA PRO D 203 -25.89 13.98 9.55
C PRO D 203 -25.54 12.55 9.93
N HIS D 204 -24.26 12.20 9.81
CA HIS D 204 -23.81 10.83 10.10
C HIS D 204 -23.92 10.50 11.58
N SER D 205 -24.13 9.22 11.88
CA SER D 205 -24.21 8.75 13.26
C SER D 205 -22.82 8.62 13.86
N ILE D 206 -22.78 8.39 15.17
CA ILE D 206 -21.51 8.30 15.89
C ILE D 206 -20.78 7.00 15.54
N GLU D 207 -21.53 5.98 15.11
CA GLU D 207 -20.94 4.73 14.67
C GLU D 207 -20.12 4.92 13.40
N VAL D 208 -20.66 5.75 12.50
CA VAL D 208 -19.97 6.06 11.25
C VAL D 208 -18.65 6.79 11.52
N CYS D 209 -18.70 7.74 12.44
CA CYS D 209 -17.50 8.49 12.82
C CYS D 209 -16.43 7.56 13.41
N ALA D 210 -16.87 6.58 14.18
CA ALA D 210 -15.95 5.62 14.79
C ALA D 210 -15.26 4.78 13.71
N VAL D 211 -16.03 4.37 12.70
CA VAL D 211 -15.50 3.59 11.59
C VAL D 211 -14.47 4.39 10.80
N VAL D 212 -14.83 5.61 10.43
CA VAL D 212 -13.95 6.47 9.66
C VAL D 212 -12.66 6.80 10.42
N THR D 213 -12.81 7.18 11.68
CA THR D 213 -11.67 7.55 12.51
C THR D 213 -10.68 6.39 12.64
N GLN D 214 -11.21 5.18 12.83
CA GLN D 214 -10.37 3.99 12.92
CA GLN D 214 -10.37 3.98 12.90
C GLN D 214 -9.57 3.80 11.63
N LYS D 215 -10.25 3.93 10.49
CA LYS D 215 -9.63 3.79 9.19
C LYS D 215 -8.55 4.85 8.97
N VAL D 216 -8.85 6.08 9.38
CA VAL D 216 -7.90 7.18 9.22
C VAL D 216 -6.67 6.99 10.11
N LEU D 217 -6.91 6.74 11.40
CA LEU D 217 -5.82 6.57 12.35
C LEU D 217 -4.94 5.38 11.98
N SER D 218 -5.53 4.33 11.46
CA SER D 218 -4.78 3.16 11.01
CA SER D 218 -4.78 3.16 11.02
C SER D 218 -3.87 3.52 9.85
N CYS D 219 -4.35 4.41 9.00
CA CYS D 219 -3.57 4.86 7.85
C CYS D 219 -2.53 5.90 8.27
N VAL D 220 -2.89 6.73 9.23
CA VAL D 220 -1.97 7.74 9.76
C VAL D 220 -0.76 7.08 10.39
N PHE D 221 -1.00 6.22 11.38
CA PHE D 221 0.09 5.59 12.12
C PHE D 221 0.94 4.67 11.24
N LYS D 222 0.34 4.14 10.18
CA LYS D 222 1.09 3.34 9.21
C LYS D 222 2.11 4.21 8.50
N ALA D 223 1.71 5.44 8.18
CA ALA D 223 2.59 6.38 7.51
C ALA D 223 3.75 6.82 8.41
N LEU D 224 3.48 6.92 9.71
CA LEU D 224 4.50 7.36 10.67
C LEU D 224 5.60 6.31 10.78
N GLN D 225 5.21 5.04 10.75
CA GLN D 225 6.18 3.94 10.83
CA GLN D 225 6.18 3.94 10.83
C GLN D 225 7.07 3.91 9.59
N GLU D 226 6.45 4.08 8.43
CA GLU D 226 7.17 4.05 7.15
C GLU D 226 8.16 5.20 7.04
N ASN D 227 7.89 6.29 7.76
CA ASN D 227 8.78 7.43 7.78
C ASN D 227 9.73 7.40 8.97
N GLY D 228 9.60 6.36 9.79
CA GLY D 228 10.45 6.17 10.94
C GLY D 228 10.35 7.25 11.99
N VAL D 229 9.11 7.64 12.29
CA VAL D 229 8.87 8.69 13.27
C VAL D 229 8.75 8.12 14.69
N LEU D 230 9.54 8.67 15.60
CA LEU D 230 9.55 8.22 16.99
C LEU D 230 8.22 8.53 17.67
N LEU D 231 7.44 7.49 17.94
CA LEU D 231 6.14 7.66 18.58
C LEU D 231 6.29 8.10 20.03
N GLU D 232 7.42 7.76 20.63
CA GLU D 232 7.70 8.14 22.02
C GLU D 232 7.83 9.66 22.15
N GLY D 233 8.25 10.31 21.07
CA GLY D 233 8.39 11.76 21.07
C GLY D 233 7.42 12.42 20.10
N ALA D 234 6.17 11.97 20.13
CA ALA D 234 5.15 12.51 19.24
C ALA D 234 3.80 12.61 19.94
N LEU D 235 2.93 13.46 19.41
CA LEU D 235 1.59 13.64 19.97
C LEU D 235 0.52 13.42 18.90
N LEU D 236 -0.63 12.92 19.32
CA LEU D 236 -1.78 12.79 18.44
C LEU D 236 -2.85 13.80 18.86
N LYS D 237 -3.33 14.57 17.90
CA LYS D 237 -4.41 15.52 18.15
C LYS D 237 -5.61 15.20 17.28
N PRO D 238 -6.41 14.19 17.70
CA PRO D 238 -7.56 13.77 16.92
C PRO D 238 -8.86 14.38 17.42
N ASN D 239 -9.92 14.17 16.66
CA ASN D 239 -11.26 14.60 17.07
CA ASN D 239 -11.25 14.61 17.07
C ASN D 239 -11.90 13.58 17.98
N MET D 240 -12.84 14.01 18.80
CA MET D 240 -13.59 13.09 19.64
C MET D 240 -14.62 12.38 18.77
N VAL D 241 -14.77 11.08 18.96
CA VAL D 241 -15.74 10.31 18.19
C VAL D 241 -17.15 10.71 18.60
N THR D 242 -17.76 11.57 17.79
CA THR D 242 -19.12 12.04 18.03
C THR D 242 -19.94 11.91 16.77
N ALA D 243 -21.26 12.01 16.91
CA ALA D 243 -22.13 12.05 15.74
C ALA D 243 -22.09 13.44 15.11
N GLY D 244 -22.58 13.55 13.89
CA GLY D 244 -22.58 14.83 13.18
C GLY D 244 -23.46 15.86 13.84
N TYR D 245 -23.26 17.13 13.49
CA TYR D 245 -24.07 18.22 14.05
C TYR D 245 -25.52 18.08 13.61
N GLU D 246 -25.74 17.87 12.32
CA GLU D 246 -27.08 17.77 11.77
C GLU D 246 -27.65 16.36 11.89
N CYS D 247 -26.99 15.51 12.67
CA CYS D 247 -27.51 14.16 12.91
C CYS D 247 -28.75 14.22 13.79
N THR D 248 -29.55 13.17 13.74
CA THR D 248 -30.81 13.15 14.49
C THR D 248 -30.83 12.04 15.54
N ALA D 249 -29.80 11.20 15.53
CA ALA D 249 -29.67 10.14 16.53
C ALA D 249 -29.05 10.69 17.82
N LYS D 250 -29.88 10.86 18.84
CA LYS D 250 -29.44 11.44 20.10
C LYS D 250 -28.46 10.51 20.83
N THR D 251 -27.32 11.05 21.22
CA THR D 251 -26.32 10.30 21.98
C THR D 251 -25.86 11.11 23.19
N THR D 252 -25.55 10.40 24.27
CA THR D 252 -25.09 11.04 25.50
C THR D 252 -23.57 11.18 25.50
N THR D 253 -23.04 11.79 26.55
CA THR D 253 -21.59 11.99 26.67
C THR D 253 -20.86 10.66 26.91
N GLN D 254 -21.60 9.66 27.41
CA GLN D 254 -21.04 8.35 27.63
C GLN D 254 -20.80 7.63 26.31
N ASP D 255 -21.71 7.85 25.36
CA ASP D 255 -21.57 7.28 24.02
C ASP D 255 -20.34 7.85 23.34
N VAL D 256 -20.13 9.15 23.50
CA VAL D 256 -18.95 9.83 22.97
C VAL D 256 -17.69 9.28 23.65
N GLY D 257 -17.78 9.09 24.96
CA GLY D 257 -16.66 8.58 25.73
C GLY D 257 -16.23 7.18 25.35
N PHE D 258 -17.21 6.29 25.18
CA PHE D 258 -16.93 4.89 24.87
C PHE D 258 -16.35 4.70 23.47
N LEU D 259 -17.02 5.26 22.47
CA LEU D 259 -16.63 5.06 21.08
C LEU D 259 -15.35 5.83 20.72
N THR D 260 -14.94 6.75 21.58
CA THR D 260 -13.67 7.44 21.41
C THR D 260 -12.53 6.59 21.96
N VAL D 261 -12.73 6.07 23.16
CA VAL D 261 -11.74 5.20 23.79
C VAL D 261 -11.51 3.94 22.96
N ARG D 262 -12.60 3.30 22.55
CA ARG D 262 -12.53 2.07 21.76
C ARG D 262 -11.75 2.28 20.46
N THR D 263 -12.01 3.41 19.80
CA THR D 263 -11.33 3.73 18.55
C THR D 263 -9.83 3.87 18.76
N LEU D 264 -9.45 4.59 19.80
CA LEU D 264 -8.03 4.83 20.10
C LEU D 264 -7.30 3.56 20.52
N ARG D 265 -8.00 2.71 21.26
CA ARG D 265 -7.40 1.46 21.73
C ARG D 265 -7.13 0.49 20.57
N ARG D 266 -7.89 0.62 19.50
CA ARG D 266 -7.75 -0.24 18.33
C ARG D 266 -6.65 0.23 17.40
N THR D 267 -6.27 1.50 17.50
CA THR D 267 -5.40 2.11 16.50
C THR D 267 -4.10 2.70 17.05
N VAL D 268 -4.17 3.26 18.25
CA VAL D 268 -3.03 4.00 18.81
C VAL D 268 -2.15 3.14 19.73
N PRO D 269 -0.90 2.89 19.30
CA PRO D 269 0.08 2.12 20.08
C PRO D 269 0.43 2.80 21.41
N PRO D 270 0.75 2.01 22.44
CA PRO D 270 1.12 2.49 23.78
C PRO D 270 2.39 3.34 23.79
N ALA D 271 3.21 3.22 22.75
CA ALA D 271 4.46 3.99 22.67
C ALA D 271 4.17 5.48 22.65
N LEU D 272 3.07 5.85 22.00
CA LEU D 272 2.61 7.23 21.99
C LEU D 272 2.21 7.63 23.41
N PRO D 273 2.95 8.59 24.01
CA PRO D 273 2.77 8.93 25.41
C PRO D 273 1.46 9.66 25.71
N GLY D 274 0.91 10.38 24.73
CA GLY D 274 -0.29 11.15 24.96
C GLY D 274 -1.17 11.39 23.75
N VAL D 275 -2.44 11.71 24.03
CA VAL D 275 -3.40 12.06 22.99
C VAL D 275 -4.15 13.32 23.40
N VAL D 276 -3.95 14.41 22.67
CA VAL D 276 -4.57 15.68 22.99
C VAL D 276 -5.77 15.98 22.11
N PHE D 277 -6.97 15.82 22.67
CA PHE D 277 -8.20 16.03 21.92
C PHE D 277 -8.42 17.49 21.57
N LEU D 278 -9.05 17.74 20.43
CA LEU D 278 -9.40 19.09 20.02
C LEU D 278 -10.85 19.39 20.38
N SER D 279 -11.10 20.62 20.83
CA SER D 279 -12.44 21.02 21.24
C SER D 279 -13.41 21.03 20.07
N GLY D 280 -12.94 21.50 18.92
CA GLY D 280 -13.77 21.57 17.73
C GLY D 280 -14.92 22.55 17.89
N GLY D 281 -16.10 22.16 17.42
CA GLY D 281 -17.27 23.00 17.50
C GLY D 281 -18.02 22.84 18.80
N GLN D 282 -17.50 22.00 19.69
CA GLN D 282 -18.12 21.78 20.99
C GLN D 282 -18.04 23.03 21.85
N SER D 283 -19.00 23.21 22.75
CA SER D 283 -19.00 24.34 23.66
C SER D 283 -18.00 24.10 24.79
N GLU D 284 -17.81 25.12 25.63
CA GLU D 284 -16.87 25.02 26.74
C GLU D 284 -17.25 23.93 27.73
N GLU D 285 -18.55 23.78 27.97
CA GLU D 285 -19.03 22.78 28.93
C GLU D 285 -19.03 21.39 28.31
N GLU D 286 -19.33 21.31 27.02
CA GLU D 286 -19.37 20.03 26.32
C GLU D 286 -17.98 19.40 26.24
N ALA D 287 -16.98 20.22 25.95
CA ALA D 287 -15.61 19.74 25.80
C ALA D 287 -15.06 19.18 27.11
N SER D 288 -15.48 19.77 28.22
CA SER D 288 -15.03 19.33 29.54
C SER D 288 -15.72 18.04 29.97
N VAL D 289 -17.04 17.99 29.81
CA VAL D 289 -17.82 16.82 30.19
C VAL D 289 -17.43 15.62 29.34
N ASN D 290 -17.26 15.83 28.04
CA ASN D 290 -16.86 14.76 27.13
C ASN D 290 -15.48 14.21 27.46
N LEU D 291 -14.55 15.12 27.77
CA LEU D 291 -13.20 14.71 28.16
C LEU D 291 -13.25 13.95 29.47
N ASN D 292 -14.16 14.33 30.35
CA ASN D 292 -14.35 13.64 31.61
C ASN D 292 -14.87 12.22 31.39
N SER D 293 -15.82 12.09 30.46
CA SER D 293 -16.39 10.80 30.12
C SER D 293 -15.36 9.88 29.51
N ILE D 294 -14.43 10.47 28.74
CA ILE D 294 -13.35 9.70 28.12
C ILE D 294 -12.41 9.11 29.18
N ASN D 295 -12.06 9.92 30.17
CA ASN D 295 -11.15 9.49 31.22
C ASN D 295 -11.85 8.72 32.34
N ALA D 296 -13.17 8.79 32.37
CA ALA D 296 -13.94 8.06 33.39
C ALA D 296 -13.93 6.56 33.12
N LEU D 297 -13.51 6.18 31.92
CA LEU D 297 -13.47 4.77 31.54
C LEU D 297 -12.14 4.12 31.91
N GLY D 298 -11.79 4.21 33.19
CA GLY D 298 -10.59 3.56 33.70
C GLY D 298 -9.29 4.16 33.21
N PRO D 299 -8.17 3.65 33.73
CA PRO D 299 -6.82 4.10 33.32
C PRO D 299 -6.49 3.70 31.88
N HIS D 300 -5.74 4.55 31.20
CA HIS D 300 -5.43 4.33 29.78
C HIS D 300 -3.94 4.15 29.56
N PRO D 301 -3.57 3.41 28.49
CA PRO D 301 -2.16 3.22 28.11
C PRO D 301 -1.44 4.53 27.82
N TRP D 302 -2.18 5.50 27.28
CA TRP D 302 -1.62 6.82 27.00
C TRP D 302 -2.38 7.89 27.79
N ALA D 303 -1.86 9.11 27.76
CA ALA D 303 -2.50 10.24 28.43
C ALA D 303 -3.58 10.84 27.53
N LEU D 304 -4.83 10.78 27.99
CA LEU D 304 -5.95 11.32 27.23
C LEU D 304 -6.33 12.69 27.78
N THR D 305 -5.57 13.71 27.39
CA THR D 305 -5.82 15.08 27.83
C THR D 305 -6.35 15.94 26.70
N PHE D 306 -6.13 17.24 26.78
CA PHE D 306 -6.76 18.19 25.85
C PHE D 306 -5.79 19.18 25.22
N SER D 307 -6.14 19.63 24.02
CA SER D 307 -5.46 20.74 23.36
C SER D 307 -6.50 21.74 22.88
N TYR D 308 -7.11 22.44 23.82
CA TYR D 308 -8.27 23.28 23.55
C TYR D 308 -7.91 24.71 23.18
N GLY D 309 -8.75 25.31 22.35
CA GLY D 309 -8.62 26.72 22.00
C GLY D 309 -9.95 27.42 22.20
N ARG D 310 -10.99 26.89 21.56
CA ARG D 310 -12.35 27.42 21.70
C ARG D 310 -12.87 27.19 23.12
N ALA D 311 -12.60 26.00 23.64
CA ALA D 311 -13.14 25.60 24.94
C ALA D 311 -12.45 26.29 26.10
N LEU D 312 -11.41 27.08 25.80
CA LEU D 312 -10.65 27.76 26.85
C LEU D 312 -10.69 29.28 26.71
N GLN D 313 -10.96 29.77 25.50
CA GLN D 313 -10.84 31.19 25.22
C GLN D 313 -12.18 31.88 24.96
N ALA D 314 -13.24 31.09 24.84
CA ALA D 314 -14.56 31.63 24.50
C ALA D 314 -15.07 32.61 25.56
N SER D 315 -15.17 32.14 26.80
CA SER D 315 -15.67 32.98 27.89
C SER D 315 -14.67 34.06 28.26
N VAL D 316 -13.40 33.83 27.96
CA VAL D 316 -12.34 34.79 28.24
C VAL D 316 -12.50 36.03 27.35
N LEU D 317 -12.85 35.82 26.10
CA LEU D 317 -13.04 36.90 25.14
C LEU D 317 -14.15 37.85 25.56
N ASN D 318 -15.31 37.28 25.91
CA ASN D 318 -16.46 38.08 26.32
C ASN D 318 -16.21 38.83 27.63
N THR D 319 -15.47 38.19 28.52
CA THR D 319 -15.14 38.79 29.81
C THR D 319 -14.16 39.95 29.64
N TRP D 320 -13.19 39.76 28.75
CA TRP D 320 -12.19 40.78 28.47
C TRP D 320 -12.83 42.03 27.85
N GLN D 321 -13.58 41.82 26.76
CA GLN D 321 -14.27 42.89 26.06
C GLN D 321 -13.30 43.98 25.58
N GLY D 322 -12.04 43.61 25.42
CA GLY D 322 -11.01 44.52 24.96
C GLY D 322 -10.76 45.68 25.90
N LYS D 323 -10.70 45.38 27.20
CA LYS D 323 -10.49 46.42 28.21
C LYS D 323 -9.48 45.97 29.27
N LYS D 324 -8.63 46.90 29.70
CA LYS D 324 -7.58 46.61 30.67
C LYS D 324 -8.16 46.29 32.05
N GLU D 325 -9.25 46.95 32.41
CA GLU D 325 -9.87 46.74 33.72
C GLU D 325 -10.48 45.34 33.82
N ASN D 326 -10.68 44.70 32.69
CA ASN D 326 -11.26 43.36 32.65
C ASN D 326 -10.20 42.27 32.51
N VAL D 327 -8.93 42.67 32.43
CA VAL D 327 -7.83 41.73 32.30
C VAL D 327 -7.76 40.80 33.50
N ALA D 328 -7.80 41.38 34.70
CA ALA D 328 -7.76 40.61 35.94
C ALA D 328 -8.95 39.67 36.05
N LYS D 329 -10.10 40.14 35.57
CA LYS D 329 -11.33 39.37 35.64
C LYS D 329 -11.34 38.24 34.60
N ALA D 330 -10.72 38.50 33.44
CA ALA D 330 -10.70 37.53 32.36
C ALA D 330 -9.73 36.39 32.63
N ARG D 331 -8.62 36.70 33.29
CA ARG D 331 -7.60 35.70 33.59
C ARG D 331 -8.10 34.64 34.57
N GLU D 332 -9.00 35.05 35.46
CA GLU D 332 -9.58 34.12 36.43
C GLU D 332 -10.56 33.17 35.73
N VAL D 333 -11.26 33.70 34.73
CA VAL D 333 -12.16 32.88 33.93
C VAL D 333 -11.37 31.81 33.17
N LEU D 334 -10.17 32.19 32.74
CA LEU D 334 -9.27 31.25 32.08
C LEU D 334 -8.85 30.14 33.02
N LEU D 335 -8.50 30.51 34.26
CA LEU D 335 -8.11 29.53 35.27
C LEU D 335 -9.25 28.59 35.63
N GLN D 336 -10.45 29.15 35.74
CA GLN D 336 -11.65 28.37 36.07
CA GLN D 336 -11.64 28.37 36.07
C GLN D 336 -11.89 27.28 35.04
N ARG D 337 -11.70 27.63 33.77
CA ARG D 337 -11.93 26.68 32.69
C ARG D 337 -10.73 25.75 32.49
N ALA D 338 -9.53 26.27 32.76
CA ALA D 338 -8.32 25.46 32.67
C ALA D 338 -8.34 24.35 33.72
N GLU D 339 -8.78 24.69 34.92
CA GLU D 339 -8.91 23.72 35.99
C GLU D 339 -10.04 22.74 35.71
N ALA D 340 -11.10 23.24 35.07
CA ALA D 340 -12.26 22.43 34.73
C ALA D 340 -11.88 21.27 33.82
N ASN D 341 -11.00 21.53 32.87
CA ASN D 341 -10.54 20.51 31.96
C ASN D 341 -9.42 19.68 32.58
N SER D 342 -8.72 20.25 33.54
CA SER D 342 -7.68 19.53 34.27
C SER D 342 -8.30 18.43 35.11
N LEU D 343 -9.44 18.73 35.73
CA LEU D 343 -10.17 17.74 36.52
C LEU D 343 -10.78 16.68 35.61
N ALA D 344 -11.08 17.08 34.37
CA ALA D 344 -11.66 16.17 33.40
C ALA D 344 -10.67 15.08 33.00
N THR D 345 -9.39 15.43 32.98
CA THR D 345 -8.32 14.47 32.68
C THR D 345 -8.24 13.42 33.77
N TYR D 346 -8.59 13.81 34.99
CA TYR D 346 -8.65 12.88 36.11
C TYR D 346 -9.93 12.04 36.05
N GLY D 347 -10.91 12.55 35.32
CA GLY D 347 -12.21 11.90 35.24
C GLY D 347 -13.04 12.19 36.48
N LYS D 348 -12.72 13.30 37.14
CA LYS D 348 -13.41 13.68 38.37
C LYS D 348 -14.15 15.01 38.24
N TYR D 349 -14.15 15.58 37.04
CA TYR D 349 -14.85 16.82 36.80
C TYR D 349 -16.36 16.60 36.70
N LYS D 350 -17.09 17.23 37.60
CA LYS D 350 -18.55 17.12 37.63
C LYS D 350 -19.17 18.49 37.88
N GLY D 351 -19.44 19.22 36.80
CA GLY D 351 -19.99 20.56 36.89
C GLY D 351 -21.36 20.61 37.53
N GLY D 352 -21.44 21.26 38.69
CA GLY D 352 -22.70 21.37 39.41
C GLY D 352 -22.56 20.98 40.87
N ALA E 1 1.71 3.55 39.19
CA ALA E 1 0.65 3.76 38.21
C ALA E 1 0.98 3.07 36.89
N ALA E 2 1.97 3.61 36.17
CA ALA E 2 2.38 3.06 34.88
C ALA E 2 3.30 1.86 35.07
N SER E 3 3.75 1.28 33.96
CA SER E 3 4.66 0.15 34.01
C SER E 3 6.07 0.59 34.36
N LEU E 4 6.90 -0.37 34.75
CA LEU E 4 8.29 -0.09 35.11
C LEU E 4 9.07 0.38 33.89
N TYR E 5 8.67 -0.10 32.71
CA TYR E 5 9.31 0.31 31.47
C TYR E 5 9.16 1.82 31.24
N GLU E 6 7.95 2.32 31.42
CA GLU E 6 7.67 3.74 31.23
C GLU E 6 8.44 4.60 32.22
N LYS E 7 8.60 4.09 33.44
CA LYS E 7 9.33 4.80 34.47
C LYS E 7 10.81 4.91 34.13
N LYS E 8 11.37 3.83 33.60
CA LYS E 8 12.79 3.80 33.26
C LYS E 8 13.06 4.41 31.89
N ALA E 9 12.00 4.64 31.12
CA ALA E 9 12.13 5.18 29.77
C ALA E 9 12.58 6.64 29.80
N ALA E 10 11.80 7.48 30.46
CA ALA E 10 12.12 8.90 30.58
C ALA E 10 11.54 9.50 31.86
N ALA F 1 3.40 0.73 -33.04
CA ALA F 1 2.04 0.69 -32.53
C ALA F 1 1.67 2.01 -31.85
N ALA F 2 1.94 3.12 -32.53
CA ALA F 2 1.64 4.44 -32.00
C ALA F 2 0.77 5.23 -32.96
N ALA F 3 0.07 4.52 -33.84
CA ALA F 3 -0.80 5.15 -34.82
C ALA F 3 -2.04 4.32 -35.10
N SER F 4 -2.81 4.03 -34.06
CA SER F 4 -4.05 3.28 -34.20
C SER F 4 -5.23 4.20 -34.48
N LEU F 5 -6.36 3.64 -34.89
CA LEU F 5 -7.55 4.43 -35.18
C LEU F 5 -8.08 5.10 -33.92
N TYR F 6 -7.84 4.47 -32.77
CA TYR F 6 -8.21 5.05 -31.49
C TYR F 6 -7.44 6.34 -31.24
N GLU F 7 -6.16 6.35 -31.59
CA GLU F 7 -5.30 7.50 -31.38
C GLU F 7 -5.56 8.60 -32.40
N LYS F 8 -6.02 8.20 -33.59
CA LYS F 8 -6.32 9.14 -34.65
C LYS F 8 -7.61 9.90 -34.37
N LYS F 9 -8.39 9.41 -33.41
CA LYS F 9 -9.60 10.08 -32.97
C LYS F 9 -9.50 10.45 -31.49
N ALA F 10 -8.34 10.96 -31.10
CA ALA F 10 -8.09 11.35 -29.72
C ALA F 10 -7.15 12.55 -29.63
N ALA F 11 -6.01 12.45 -30.30
CA ALA F 11 -5.02 13.51 -30.31
C ALA F 11 -4.17 13.48 -31.56
N ASP G 1 13.14 -25.96 15.46
CA ASP G 1 12.50 -24.88 16.20
C ASP G 1 11.54 -25.44 17.26
N TRP G 2 10.47 -26.09 16.80
CA TRP G 2 9.48 -26.74 17.67
C TRP G 2 8.79 -25.77 18.63
N ASN G 3 7.62 -25.29 18.22
CA ASN G 3 6.79 -24.39 19.03
C ASN G 3 7.53 -23.12 19.48
N ASP H 1 -24.33 -15.95 -16.39
CA ASP H 1 -23.10 -15.41 -16.95
C ASP H 1 -22.50 -16.36 -17.96
N TRP H 2 -21.94 -17.48 -17.48
CA TRP H 2 -21.40 -18.54 -18.31
C TRP H 2 -20.23 -18.07 -19.19
N ASN H 3 -19.02 -18.14 -18.63
CA ASN H 3 -17.79 -17.78 -19.34
C ASN H 3 -17.80 -16.38 -19.94
N ASP I 1 26.23 15.20 -12.95
CA ASP I 1 25.18 14.63 -13.79
C ASP I 1 24.73 15.65 -14.84
N TRP I 2 23.99 16.65 -14.40
CA TRP I 2 23.52 17.75 -15.26
C TRP I 2 22.61 17.27 -16.39
N ASN I 3 21.30 17.33 -16.14
CA ASN I 3 20.28 17.03 -17.16
C ASN I 3 20.41 15.64 -17.78
N ASP J 1 -15.45 26.31 13.76
CA ASP J 1 -14.64 25.28 14.40
C ASP J 1 -13.76 25.88 15.49
N TRP J 2 -12.70 26.57 15.07
CA TRP J 2 -11.79 27.27 15.98
C TRP J 2 -11.13 26.33 16.99
N ASN J 3 -10.03 25.70 16.58
CA ASN J 3 -9.21 24.88 17.45
C ASN J 3 -9.97 23.75 18.15
#